data_5M22
#
_entry.id   5M22
#
_cell.length_a   89.329
_cell.length_b   126.090
_cell.length_c   92.967
_cell.angle_alpha   90.000
_cell.angle_beta   105.020
_cell.angle_gamma   90.000
#
_symmetry.space_group_name_H-M   'P 1 21 1'
#
loop_
_entity.id
_entity.type
_entity.pdbx_description
1 polymer 'Hydroquinone dioxygenase small subunit'
2 polymer 'Hydroquinone dioxygenase large subunit'
3 non-polymer 'FE (III) ION'
4 water water
#
loop_
_entity_poly.entity_id
_entity_poly.type
_entity_poly.pdbx_seq_one_letter_code
_entity_poly.pdbx_strand_id
1 'polypeptide(L)'
;MADVVTEFGALTDYRKGGVEIIDDDPRNYVFSNVFEVAANAAPYERVAVGKNFEYVIESARAEGTSGWFSCAHDEFVLAM
DGQIEVHLLKLDNSDAYVDPDSEGAVAIGEALPEGRKMGRIVLRRGHMALLPVGAAYRFYAEQPAAMLFQSIEGAVTVQK
WGEICQTEAA
;
A,C,E,G
2 'polypeptide(L)'
;MAMSEALEIIDFGDSKARTDTEHLAINNETGYRSFRAGGFTFTRDEYFARLTWPGGSHIIPIDAFLRAMMRDVAWGFFYG
VVNFDHVFGTINHYGEVTMFAGRFNDAYRNAGRDHEERFKSSALMAVFKDILSDWTVEGYDPFAAPMETGLPWGIKNGNN
DEAISRQRVTARRMVGLPGDTPVRTDANGFPVNRQFADVPQEQPVVEAEPGFEAEVSAYNLFGYLSRSDVTWNPSVCSVV
GDSLFCPTSEEFILPVEHGNDRCEWFLQLSDEIVWDVKDKESGKPRARVTARAGDICCMPADIRHQGYSTKRSMLLVWEN
GSPKIPQMIADGTAPVVPVTF
;
B,D,F,H
#
# COMPACT_ATOMS: atom_id res chain seq x y z
N ASP A 3 8.72 37.01 -8.84
CA ASP A 3 9.02 37.03 -7.39
C ASP A 3 7.73 37.07 -6.55
N VAL A 4 7.14 35.90 -6.35
CA VAL A 4 5.86 35.77 -5.66
C VAL A 4 5.91 36.15 -4.16
N VAL A 5 5.05 37.07 -3.73
CA VAL A 5 4.89 37.35 -2.29
C VAL A 5 3.51 36.97 -1.80
N THR A 6 3.45 35.97 -0.93
CA THR A 6 2.21 35.64 -0.28
C THR A 6 2.04 36.40 1.05
N GLU A 7 1.15 37.38 1.03
CA GLU A 7 0.89 38.25 2.16
C GLU A 7 0.25 37.49 3.33
N PHE A 8 0.88 37.49 4.50
CA PHE A 8 0.23 37.00 5.72
C PHE A 8 0.16 38.09 6.80
N GLY A 9 -0.87 38.04 7.64
CA GLY A 9 -0.96 39.00 8.73
C GLY A 9 -0.13 38.63 9.96
N ALA A 10 -0.02 39.58 10.90
CA ALA A 10 0.70 39.42 12.18
C ALA A 10 0.09 40.38 13.22
N LEU A 11 0.29 40.11 14.52
CA LEU A 11 -0.28 40.97 15.58
C LEU A 11 0.12 42.43 15.36
N THR A 12 1.38 42.58 14.96
CA THR A 12 2.09 43.83 14.70
C THR A 12 1.82 44.48 13.33
N ASP A 13 1.51 43.66 12.33
CA ASP A 13 1.43 44.14 10.98
C ASP A 13 0.30 43.45 10.22
N TYR A 14 -0.84 44.13 10.17
CA TYR A 14 -2.02 43.71 9.43
C TYR A 14 -2.73 44.93 8.88
N ARG A 15 -3.67 44.72 7.99
CA ARG A 15 -4.26 45.84 7.29
C ARG A 15 -5.73 45.55 7.02
N LYS A 16 -6.57 45.96 7.96
CA LYS A 16 -7.99 45.72 7.88
C LYS A 16 -8.63 46.26 6.61
N GLY A 17 -9.51 45.45 6.03
CA GLY A 17 -10.35 45.84 4.92
C GLY A 17 -11.69 46.30 5.48
N GLY A 18 -12.79 45.99 4.76
CA GLY A 18 -14.13 46.32 5.21
C GLY A 18 -15.26 46.24 4.19
N VAL A 19 -16.43 46.71 4.59
CA VAL A 19 -17.63 46.63 3.79
C VAL A 19 -17.90 47.96 3.12
N GLU A 20 -18.11 47.94 1.79
CA GLU A 20 -18.54 49.13 1.06
C GLU A 20 -20.03 48.97 0.83
N ILE A 21 -20.79 50.01 1.08
CA ILE A 21 -22.23 49.88 1.06
C ILE A 21 -22.86 50.43 -0.21
N ILE A 22 -23.86 49.71 -0.71
CA ILE A 22 -24.69 50.13 -1.81
C ILE A 22 -26.11 50.29 -1.28
N ASP A 23 -26.66 49.21 -0.76
CA ASP A 23 -27.90 49.25 -0.03
C ASP A 23 -27.87 48.09 0.96
N ASP A 24 -27.34 48.37 2.14
CA ASP A 24 -27.21 47.37 3.21
C ASP A 24 -26.75 48.06 4.47
N ASP A 25 -26.75 47.30 5.57
CA ASP A 25 -26.28 47.74 6.88
C ASP A 25 -24.92 47.06 7.10
N PRO A 26 -23.83 47.83 7.24
CA PRO A 26 -22.55 47.13 7.46
C PRO A 26 -22.51 46.19 8.68
N ARG A 27 -23.41 46.36 9.65
CA ARG A 27 -23.41 45.49 10.82
C ARG A 27 -23.73 44.06 10.48
N ASN A 28 -24.44 43.83 9.37
CA ASN A 28 -24.77 42.49 8.89
C ASN A 28 -23.59 41.57 8.55
N TYR A 29 -22.40 42.13 8.36
CA TYR A 29 -21.29 41.31 7.88
C TYR A 29 -20.37 41.00 9.03
N VAL A 30 -20.68 41.61 10.18
CA VAL A 30 -20.00 41.30 11.44
C VAL A 30 -18.49 41.20 11.22
N PHE A 31 -17.94 42.25 10.59
CA PHE A 31 -16.58 42.28 10.05
C PHE A 31 -15.54 42.69 11.12
N SER A 32 -14.54 41.87 11.36
CA SER A 32 -13.44 42.26 12.24
C SER A 32 -12.10 41.71 11.74
N ASN A 33 -11.00 41.98 12.43
CA ASN A 33 -9.71 41.37 12.08
C ASN A 33 -9.10 40.68 13.27
N VAL A 34 -8.80 39.40 13.11
CA VAL A 34 -8.44 38.58 14.26
C VAL A 34 -7.19 39.07 15.01
N PHE A 35 -6.24 39.64 14.28
CA PHE A 35 -5.00 40.19 14.86
C PHE A 35 -5.29 41.40 15.77
N GLU A 36 -6.14 42.29 15.28
CA GLU A 36 -6.60 43.42 16.03
C GLU A 36 -7.26 43.05 17.37
N VAL A 37 -8.19 42.11 17.27
CA VAL A 37 -8.89 41.63 18.40
C VAL A 37 -7.91 40.98 19.38
N ALA A 38 -6.96 40.19 18.86
CA ALA A 38 -5.98 39.51 19.72
C ALA A 38 -5.04 40.52 20.36
N ALA A 39 -4.71 41.58 19.64
CA ALA A 39 -3.80 42.62 20.13
C ALA A 39 -4.30 43.37 21.37
N ASN A 40 -5.63 43.58 21.44
CA ASN A 40 -6.29 44.36 22.50
C ASN A 40 -6.72 43.54 23.73
N ALA A 41 -6.77 42.23 23.57
CA ALA A 41 -7.26 41.40 24.67
C ALA A 41 -6.17 41.10 25.73
N ALA A 42 -6.62 40.49 26.82
CA ALA A 42 -5.74 40.03 27.86
C ALA A 42 -5.16 38.68 27.41
N PRO A 43 -3.94 38.32 27.86
CA PRO A 43 -3.35 37.07 27.36
C PRO A 43 -4.28 35.83 27.54
N TYR A 44 -4.41 35.01 26.50
CA TYR A 44 -5.26 33.84 26.48
C TYR A 44 -6.76 34.05 26.65
N GLU A 45 -7.20 35.29 26.81
CA GLU A 45 -8.63 35.67 26.71
C GLU A 45 -9.18 35.26 25.34
N ARG A 46 -10.20 34.40 25.34
CA ARG A 46 -10.76 33.84 24.10
C ARG A 46 -11.96 34.65 23.58
N VAL A 47 -11.68 35.56 22.66
CA VAL A 47 -12.70 36.46 22.16
C VAL A 47 -13.29 35.85 20.91
N ALA A 48 -14.61 35.76 20.89
CA ALA A 48 -15.29 35.19 19.75
C ALA A 48 -15.33 36.24 18.63
N VAL A 49 -15.01 35.74 17.43
CA VAL A 49 -14.91 36.54 16.24
C VAL A 49 -15.86 35.94 15.18
N GLY A 50 -16.33 34.72 15.45
CA GLY A 50 -17.38 34.10 14.63
C GLY A 50 -18.30 33.22 15.46
N LYS A 51 -19.58 33.20 15.10
CA LYS A 51 -20.58 32.44 15.83
C LYS A 51 -21.59 31.95 14.84
N ASN A 52 -22.07 30.72 15.04
CA ASN A 52 -23.11 30.16 14.21
C ASN A 52 -23.82 29.11 15.03
N PHE A 53 -25.03 29.45 15.45
CA PHE A 53 -25.70 28.79 16.58
C PHE A 53 -24.73 28.72 17.75
N GLU A 54 -24.48 27.53 18.26
CA GLU A 54 -23.60 27.34 19.40
C GLU A 54 -22.12 27.29 19.03
N TYR A 55 -21.80 27.11 17.75
CA TYR A 55 -20.40 26.96 17.36
C TYR A 55 -19.69 28.31 17.30
N VAL A 56 -18.41 28.34 17.61
CA VAL A 56 -17.68 29.59 17.57
C VAL A 56 -16.26 29.41 17.07
N ILE A 57 -15.73 30.52 16.54
CA ILE A 57 -14.32 30.72 16.32
C ILE A 57 -13.91 31.80 17.29
N GLU A 58 -12.76 31.59 17.93
CA GLU A 58 -12.22 32.47 18.95
C GLU A 58 -10.84 32.96 18.57
N SER A 59 -10.56 34.23 18.82
CA SER A 59 -9.23 34.77 18.60
C SER A 59 -8.63 35.05 19.95
N ALA A 60 -7.32 34.86 20.07
CA ALA A 60 -6.60 35.12 21.33
C ALA A 60 -5.12 35.35 21.11
N ARG A 61 -4.49 36.12 22.00
CA ARG A 61 -3.05 36.35 22.01
C ARG A 61 -2.42 35.43 23.03
N ALA A 62 -1.39 34.72 22.61
CA ALA A 62 -0.64 33.88 23.52
C ALA A 62 0.61 34.62 23.93
N GLU A 63 0.84 34.64 25.25
CA GLU A 63 1.92 35.41 25.85
C GLU A 63 2.10 34.89 27.24
N GLY A 64 3.29 34.40 27.56
CA GLY A 64 3.55 33.70 28.82
C GLY A 64 2.94 32.30 28.80
N THR A 65 2.52 31.85 29.97
CA THR A 65 2.06 30.51 30.12
C THR A 65 0.61 30.59 30.54
N SER A 66 -0.27 29.86 29.84
CA SER A 66 -1.70 29.83 30.19
C SER A 66 -1.94 28.97 31.43
N GLY A 67 -3.13 29.10 32.02
CA GLY A 67 -3.61 28.08 32.95
C GLY A 67 -4.02 26.85 32.15
N TRP A 68 -4.50 25.83 32.84
CA TRP A 68 -4.99 24.61 32.16
C TRP A 68 -6.44 24.71 31.65
N PHE A 69 -6.71 24.01 30.56
CA PHE A 69 -8.05 23.90 29.94
C PHE A 69 -8.35 22.43 29.59
N SER A 70 -9.64 22.10 29.58
CA SER A 70 -10.16 20.82 29.05
C SER A 70 -11.61 21.00 28.54
N CYS A 71 -12.13 20.02 27.81
CA CYS A 71 -13.39 20.24 27.14
C CYS A 71 -14.11 18.93 26.94
N ALA A 72 -15.44 18.98 27.01
CA ALA A 72 -16.28 17.80 26.86
C ALA A 72 -16.42 17.29 25.38
N HIS A 73 -15.89 18.05 24.43
CA HIS A 73 -15.81 17.67 23.01
C HIS A 73 -14.43 18.08 22.46
N ASP A 74 -14.09 17.62 21.26
CA ASP A 74 -12.86 18.02 20.55
C ASP A 74 -12.78 19.54 20.29
N GLU A 75 -11.58 20.10 20.33
CA GLU A 75 -11.36 21.46 19.85
C GLU A 75 -10.18 21.47 18.88
N PHE A 76 -10.01 22.58 18.17
CA PHE A 76 -8.87 22.79 17.28
C PHE A 76 -8.31 24.18 17.44
N VAL A 77 -6.99 24.27 17.32
CA VAL A 77 -6.27 25.51 17.48
C VAL A 77 -5.38 25.72 16.24
N LEU A 78 -5.43 26.93 15.70
CA LEU A 78 -4.67 27.30 14.52
C LEU A 78 -3.79 28.45 14.90
N ALA A 79 -2.47 28.22 14.91
CA ALA A 79 -1.49 29.29 15.12
C ALA A 79 -1.50 30.22 13.90
N MET A 80 -1.43 31.53 14.11
CA MET A 80 -1.60 32.48 13.03
C MET A 80 -0.40 33.41 12.93
N ASP A 81 0.51 33.35 13.90
CA ASP A 81 1.61 34.32 13.97
C ASP A 81 2.50 34.00 15.15
N GLY A 82 3.74 33.62 14.87
CA GLY A 82 4.68 33.37 15.94
C GLY A 82 4.47 32.03 16.63
N GLN A 83 5.43 31.70 17.48
CA GLN A 83 5.65 30.34 17.93
C GLN A 83 4.87 30.02 19.20
N ILE A 84 4.10 28.92 19.18
CA ILE A 84 3.26 28.53 20.32
C ILE A 84 3.49 27.07 20.72
N GLU A 85 3.81 26.87 21.99
CA GLU A 85 4.05 25.55 22.51
C GLU A 85 2.81 24.97 23.23
N VAL A 86 2.43 23.75 22.88
CA VAL A 86 1.24 23.11 23.47
C VAL A 86 1.59 21.86 24.27
N HIS A 87 1.17 21.81 25.52
CA HIS A 87 1.34 20.66 26.36
C HIS A 87 0.04 19.90 26.57
N LEU A 88 0.14 18.57 26.49
CA LEU A 88 -1.01 17.73 26.65
C LEU A 88 -0.82 16.74 27.77
N LEU A 89 -1.89 16.65 28.56
CA LEU A 89 -2.01 15.77 29.72
C LEU A 89 -3.28 14.91 29.61
N LYS A 90 -3.13 13.59 29.67
CA LYS A 90 -4.29 12.69 29.76
C LYS A 90 -4.84 12.64 31.21
N LEU A 91 -6.06 13.16 31.40
CA LEU A 91 -6.68 13.28 32.75
C LEU A 91 -7.12 11.93 33.32
N ASP A 92 -6.83 11.71 34.60
CA ASP A 92 -7.20 10.44 35.20
C ASP A 92 -8.70 10.41 35.38
N ASN A 93 -9.30 11.55 35.74
CA ASN A 93 -10.74 11.65 35.89
C ASN A 93 -11.11 13.00 35.33
N SER A 94 -11.53 12.99 34.07
CA SER A 94 -11.76 14.22 33.37
C SER A 94 -13.09 14.77 33.82
N ASP A 95 -13.95 13.87 34.27
CA ASP A 95 -15.22 14.25 34.86
C ASP A 95 -15.10 15.17 36.10
N ALA A 96 -13.92 15.17 36.72
CA ALA A 96 -13.74 15.98 37.92
C ALA A 96 -13.43 17.44 37.59
N TYR A 97 -12.94 17.70 36.37
CA TYR A 97 -12.63 19.07 35.93
C TYR A 97 -13.67 19.60 34.94
N VAL A 98 -14.29 18.70 34.18
CA VAL A 98 -15.19 19.13 33.14
C VAL A 98 -16.52 18.48 33.38
N ASP A 99 -17.57 19.30 33.52
CA ASP A 99 -18.93 18.76 33.52
C ASP A 99 -19.15 18.11 32.18
N PRO A 100 -19.65 16.86 32.19
CA PRO A 100 -19.79 16.10 30.95
C PRO A 100 -20.84 16.66 30.00
N ASP A 101 -21.93 17.20 30.55
CA ASP A 101 -23.02 17.69 29.71
C ASP A 101 -22.71 19.11 29.15
N SER A 102 -21.57 19.68 29.57
CA SER A 102 -21.17 21.03 29.13
C SER A 102 -20.51 21.08 27.75
N GLU A 103 -20.44 22.28 27.18
CA GLU A 103 -19.75 22.60 25.91
C GLU A 103 -18.87 23.80 26.11
N GLY A 104 -18.06 24.10 25.09
CA GLY A 104 -17.06 25.17 25.16
C GLY A 104 -15.93 24.75 26.06
N ALA A 105 -14.73 25.30 25.88
CA ALA A 105 -13.60 24.97 26.78
C ALA A 105 -13.90 25.40 28.24
N VAL A 106 -13.23 24.76 29.21
CA VAL A 106 -13.34 25.15 30.63
C VAL A 106 -11.95 25.56 31.14
N ALA A 107 -11.90 26.67 31.88
CA ALA A 107 -10.67 27.10 32.57
C ALA A 107 -10.57 26.24 33.80
N ILE A 108 -9.63 25.32 33.84
CA ILE A 108 -9.64 24.36 34.93
C ILE A 108 -8.56 24.60 35.97
N GLY A 109 -7.88 25.74 35.86
CA GLY A 109 -7.02 26.24 36.91
C GLY A 109 -5.56 26.24 36.56
N GLU A 110 -4.78 27.12 37.18
CA GLU A 110 -3.29 27.15 37.00
C GLU A 110 -2.54 25.94 37.60
N ALA A 111 -3.12 25.30 38.62
CA ALA A 111 -2.51 24.12 39.25
C ALA A 111 -2.46 22.89 38.33
N LEU A 112 -1.33 22.16 38.37
CA LEU A 112 -1.14 20.91 37.60
C LEU A 112 -2.22 19.87 37.91
N PRO A 113 -3.08 19.55 36.91
CA PRO A 113 -4.18 18.61 37.17
C PRO A 113 -3.60 17.21 37.17
N GLU A 114 -4.31 16.26 37.76
CA GLU A 114 -3.86 14.86 37.84
C GLU A 114 -4.07 14.12 36.53
N GLY A 115 -3.04 13.41 36.08
CA GLY A 115 -3.10 12.62 34.87
C GLY A 115 -1.68 12.40 34.42
N ARG A 116 -1.49 11.79 33.24
CA ARG A 116 -0.15 11.55 32.70
C ARG A 116 0.14 12.26 31.37
N LYS A 117 1.42 12.34 31.07
CA LYS A 117 1.92 13.17 30.03
C LYS A 117 1.55 12.57 28.67
N MET A 118 0.74 13.28 27.87
CA MET A 118 0.40 12.86 26.49
C MET A 118 1.50 13.23 25.46
N GLY A 119 1.95 14.49 25.50
CA GLY A 119 3.07 14.91 24.68
C GLY A 119 3.14 16.41 24.52
N ARG A 120 3.88 16.85 23.50
CA ARG A 120 4.15 18.28 23.31
C ARG A 120 4.12 18.71 21.83
N ILE A 121 3.57 19.88 21.56
CA ILE A 121 3.50 20.38 20.18
C ILE A 121 4.12 21.79 20.08
N VAL A 122 4.76 22.09 18.94
CA VAL A 122 5.33 23.40 18.70
C VAL A 122 4.77 23.92 17.38
N LEU A 123 3.93 24.94 17.50
CA LEU A 123 3.24 25.47 16.35
C LEU A 123 3.90 26.78 15.90
N ARG A 124 4.08 26.93 14.59
CA ARG A 124 4.42 28.24 14.00
C ARG A 124 3.20 28.74 13.17
N ARG A 125 3.30 29.91 12.55
CA ARG A 125 2.21 30.41 11.68
C ARG A 125 1.72 29.34 10.67
N GLY A 126 0.40 29.16 10.60
CA GLY A 126 -0.24 28.20 9.70
C GLY A 126 -0.36 26.76 10.17
N HIS A 127 0.01 26.47 11.42
CA HIS A 127 -0.03 25.10 11.89
C HIS A 127 -1.28 24.84 12.73
N MET A 128 -2.01 23.75 12.45
CA MET A 128 -3.23 23.41 13.22
C MET A 128 -2.95 22.21 14.14
N ALA A 129 -3.46 22.27 15.38
CA ALA A 129 -3.39 21.13 16.30
C ALA A 129 -4.75 20.62 16.78
N LEU A 130 -4.82 19.31 16.99
CA LEU A 130 -5.96 18.69 17.63
C LEU A 130 -5.91 19.01 19.10
N LEU A 131 -7.02 19.43 19.68
CA LEU A 131 -7.15 19.37 21.12
C LEU A 131 -8.23 18.32 21.49
N PRO A 132 -7.76 17.11 21.80
CA PRO A 132 -8.75 16.02 21.88
C PRO A 132 -9.50 16.08 23.18
N VAL A 133 -10.83 15.86 23.11
CA VAL A 133 -11.65 15.65 24.31
C VAL A 133 -10.91 14.73 25.29
N GLY A 134 -10.96 15.08 26.58
CA GLY A 134 -10.39 14.22 27.64
C GLY A 134 -8.93 14.53 27.99
N ALA A 135 -8.30 15.38 27.19
CA ALA A 135 -6.99 15.89 27.48
C ALA A 135 -7.19 17.21 28.20
N ALA A 136 -6.25 17.57 29.05
CA ALA A 136 -6.13 18.96 29.45
C ALA A 136 -5.00 19.55 28.60
N TYR A 137 -5.11 20.84 28.27
CA TYR A 137 -4.05 21.47 27.47
C TYR A 137 -3.60 22.80 28.05
N ARG A 138 -2.39 23.18 27.68
CA ARG A 138 -1.76 24.39 28.20
C ARG A 138 -0.78 25.00 27.18
N PHE A 139 -0.72 26.33 27.09
CA PHE A 139 0.16 26.97 26.09
C PHE A 139 1.28 27.75 26.73
N TYR A 140 2.39 27.84 26.00
CA TYR A 140 3.49 28.71 26.36
C TYR A 140 3.99 29.42 25.13
N ALA A 141 4.02 30.74 25.19
CA ALA A 141 4.59 31.56 24.12
C ALA A 141 5.61 32.50 24.74
N GLU A 142 6.84 32.47 24.21
CA GLU A 142 7.90 33.34 24.71
C GLU A 142 7.64 34.77 24.25
N GLN A 143 7.02 34.89 23.08
CA GLN A 143 6.74 36.17 22.46
C GLN A 143 5.25 36.25 22.21
N PRO A 144 4.70 37.48 22.18
CA PRO A 144 3.29 37.60 21.78
C PRO A 144 3.08 36.93 20.40
N ALA A 145 2.12 35.99 20.35
CA ALA A 145 1.70 35.24 19.16
C ALA A 145 0.17 35.27 19.09
N ALA A 146 -0.41 35.02 17.92
CA ALA A 146 -1.89 34.98 17.81
C ALA A 146 -2.42 33.58 17.49
N MET A 147 -3.67 33.32 17.87
CA MET A 147 -4.25 32.01 17.58
C MET A 147 -5.78 32.01 17.47
N LEU A 148 -6.31 30.96 16.86
CA LEU A 148 -7.75 30.81 16.76
C LEU A 148 -8.20 29.44 17.24
N PHE A 149 -9.39 29.41 17.82
CA PHE A 149 -9.95 28.18 18.34
C PHE A 149 -11.20 27.87 17.53
N GLN A 150 -11.30 26.64 17.05
CA GLN A 150 -12.55 26.11 16.54
C GLN A 150 -13.19 25.41 17.72
N SER A 151 -14.33 25.93 18.18
CA SER A 151 -14.97 25.36 19.36
C SER A 151 -16.46 25.68 19.43
N ILE A 152 -16.98 25.70 20.66
CA ILE A 152 -18.36 25.96 21.01
C ILE A 152 -18.32 27.01 22.14
N GLU A 153 -19.31 27.91 22.13
CA GLU A 153 -19.42 28.90 23.21
C GLU A 153 -19.59 28.20 24.56
N GLY A 154 -18.79 28.64 25.53
CA GLY A 154 -18.88 28.16 26.91
C GLY A 154 -18.41 29.19 27.94
N ALA A 155 -17.91 28.71 29.07
CA ALA A 155 -17.54 29.57 30.19
C ALA A 155 -16.30 30.46 29.93
N VAL A 156 -15.61 30.24 28.82
CA VAL A 156 -14.34 30.91 28.65
C VAL A 156 -14.42 31.99 27.57
N THR A 157 -15.50 31.92 26.78
CA THR A 157 -15.62 32.69 25.56
C THR A 157 -16.19 34.08 25.75
N VAL A 158 -15.49 35.07 25.20
CA VAL A 158 -15.82 36.47 25.42
C VAL A 158 -16.41 37.14 24.16
N GLN A 159 -17.62 37.64 24.33
CA GLN A 159 -18.41 38.26 23.28
C GLN A 159 -18.46 39.74 23.45
N LYS A 160 -18.02 40.49 22.45
CA LYS A 160 -18.02 41.95 22.50
C LYS A 160 -18.14 42.55 21.10
N TRP A 161 -19.18 42.12 20.40
CA TRP A 161 -19.36 42.39 18.98
C TRP A 161 -19.27 43.87 18.61
N GLY A 162 -19.99 44.72 19.34
CA GLY A 162 -19.99 46.17 19.14
C GLY A 162 -18.65 46.86 19.31
N GLU A 163 -17.75 46.27 20.11
CA GLU A 163 -16.38 46.74 20.31
C GLU A 163 -15.45 46.47 19.16
N ILE A 164 -15.71 45.38 18.43
CA ILE A 164 -14.72 44.81 17.50
C ILE A 164 -15.12 44.89 16.01
N CYS A 165 -16.42 44.92 15.74
CA CYS A 165 -16.93 44.89 14.36
C CYS A 165 -17.16 46.29 13.77
N GLN A 166 -17.01 46.41 12.46
CA GLN A 166 -17.40 47.62 11.71
C GLN A 166 -18.90 47.94 11.92
N THR A 167 -19.24 49.22 12.07
CA THR A 167 -20.61 49.61 12.31
C THR A 167 -20.95 50.78 11.42
N GLU A 168 -19.96 51.24 10.69
CA GLU A 168 -20.17 52.27 9.69
C GLU A 168 -19.25 51.97 8.48
N ALA B 17 -40.72 14.05 -7.47
CA ALA B 17 -39.29 14.42 -7.80
C ALA B 17 -38.72 13.60 -8.96
N ARG B 18 -38.56 14.28 -10.09
CA ARG B 18 -38.27 13.71 -11.41
C ARG B 18 -36.93 12.99 -11.54
N THR B 19 -36.92 12.10 -12.51
CA THR B 19 -35.86 11.12 -12.61
C THR B 19 -35.44 11.03 -14.09
N ASP B 20 -36.24 11.60 -14.97
CA ASP B 20 -36.11 11.36 -16.43
C ASP B 20 -35.01 12.21 -17.06
N THR B 21 -33.93 11.56 -17.48
CA THR B 21 -32.90 12.25 -18.24
C THR B 21 -32.50 11.42 -19.45
N GLU B 22 -31.69 11.98 -20.33
CA GLU B 22 -31.51 11.38 -21.66
C GLU B 22 -30.34 11.97 -22.42
N HIS B 23 -29.60 11.09 -23.08
CA HIS B 23 -28.58 11.43 -24.07
C HIS B 23 -29.26 11.58 -25.41
N LEU B 24 -28.99 12.70 -26.08
CA LEU B 24 -29.47 12.93 -27.45
C LEU B 24 -28.31 12.75 -28.42
N ALA B 25 -28.42 13.30 -29.63
CA ALA B 25 -27.43 13.05 -30.71
C ALA B 25 -26.08 13.73 -30.50
N ILE B 26 -25.02 13.13 -31.04
CA ILE B 26 -23.78 13.86 -31.25
C ILE B 26 -24.04 14.70 -32.47
N ASN B 27 -23.85 16.01 -32.40
CA ASN B 27 -23.97 16.85 -33.59
C ASN B 27 -22.80 16.61 -34.55
N ASN B 28 -23.08 16.46 -35.83
CA ASN B 28 -22.03 16.08 -36.80
C ASN B 28 -21.03 17.19 -37.05
N GLU B 29 -21.44 18.43 -36.91
CA GLU B 29 -20.54 19.55 -37.21
C GLU B 29 -19.65 19.84 -36.00
N THR B 30 -20.23 19.86 -34.80
CA THR B 30 -19.52 20.31 -33.63
C THR B 30 -18.88 19.17 -32.86
N GLY B 31 -19.42 17.97 -33.08
CA GLY B 31 -18.92 16.77 -32.45
C GLY B 31 -19.42 16.57 -31.03
N TYR B 32 -20.23 17.48 -30.46
CA TYR B 32 -20.72 17.38 -29.06
C TYR B 32 -22.10 16.76 -28.96
N ARG B 33 -22.39 16.19 -27.80
CA ARG B 33 -23.69 15.62 -27.52
C ARG B 33 -24.61 16.65 -26.82
N SER B 34 -25.89 16.65 -27.19
CA SER B 34 -26.85 17.39 -26.37
C SER B 34 -27.53 16.46 -25.35
N PHE B 35 -27.96 17.00 -24.21
CA PHE B 35 -28.55 16.18 -23.16
C PHE B 35 -29.88 16.78 -22.74
N ARG B 36 -30.74 15.96 -22.16
CA ARG B 36 -32.04 16.38 -21.61
C ARG B 36 -32.15 15.99 -20.11
N ALA B 37 -32.80 16.83 -19.31
CA ALA B 37 -33.10 16.53 -17.92
C ALA B 37 -34.46 17.16 -17.67
N GLY B 38 -35.51 16.37 -17.61
CA GLY B 38 -36.86 16.90 -17.50
C GLY B 38 -37.23 17.73 -18.72
N GLY B 39 -37.72 18.95 -18.51
CA GLY B 39 -38.04 19.85 -19.61
C GLY B 39 -36.85 20.67 -20.09
N PHE B 40 -35.72 20.47 -19.41
CA PHE B 40 -34.52 21.24 -19.72
C PHE B 40 -33.68 20.59 -20.79
N THR B 41 -33.02 21.40 -21.57
CA THR B 41 -32.24 20.93 -22.69
C THR B 41 -30.90 21.63 -22.71
N PHE B 42 -29.83 20.88 -22.96
CA PHE B 42 -28.45 21.38 -22.90
C PHE B 42 -27.69 21.13 -24.21
N THR B 43 -27.26 22.18 -24.90
CA THR B 43 -26.51 22.06 -26.17
C THR B 43 -25.29 22.99 -26.10
N ARG B 44 -24.09 22.49 -26.45
CA ARG B 44 -22.94 23.40 -26.63
C ARG B 44 -22.47 23.48 -28.10
N ASP B 45 -21.90 24.61 -28.48
CA ASP B 45 -21.33 24.79 -29.78
C ASP B 45 -19.94 25.39 -29.52
N GLU B 46 -19.35 26.12 -30.48
CA GLU B 46 -17.95 26.54 -30.38
C GLU B 46 -17.66 27.50 -29.23
N TYR B 47 -18.70 28.22 -28.80
CA TYR B 47 -18.56 29.37 -27.90
C TYR B 47 -19.51 29.34 -26.72
N PHE B 48 -20.58 28.53 -26.82
CA PHE B 48 -21.79 28.73 -25.99
C PHE B 48 -22.41 27.47 -25.43
N ALA B 49 -22.88 27.59 -24.20
CA ALA B 49 -23.80 26.61 -23.68
C ALA B 49 -25.17 27.17 -23.94
N ARG B 50 -26.03 26.36 -24.53
CA ARG B 50 -27.37 26.80 -24.95
C ARG B 50 -28.44 26.05 -24.18
N LEU B 51 -29.26 26.77 -23.45
CA LEU B 51 -30.19 26.14 -22.55
C LEU B 51 -31.63 26.41 -22.98
N THR B 52 -32.48 25.38 -23.00
CA THR B 52 -33.89 25.64 -23.22
C THR B 52 -34.73 24.93 -22.18
N TRP B 53 -35.99 25.33 -22.08
CA TRP B 53 -36.95 24.75 -21.13
C TRP B 53 -38.35 25.14 -21.65
N PRO B 54 -39.44 24.61 -21.05
CA PRO B 54 -40.76 25.03 -21.61
C PRO B 54 -41.02 26.52 -21.46
N GLY B 55 -41.15 27.22 -22.58
CA GLY B 55 -41.35 28.68 -22.58
C GLY B 55 -40.08 29.55 -22.59
N GLY B 56 -38.87 28.96 -22.65
CA GLY B 56 -37.66 29.80 -22.66
C GLY B 56 -36.31 29.23 -23.07
N SER B 57 -35.37 30.14 -23.31
CA SER B 57 -33.99 29.86 -23.73
C SER B 57 -33.04 30.81 -23.06
N HIS B 58 -31.75 30.44 -23.03
CA HIS B 58 -30.74 31.33 -22.45
C HIS B 58 -29.38 30.86 -22.95
N ILE B 59 -28.38 31.72 -22.88
CA ILE B 59 -27.06 31.34 -23.35
C ILE B 59 -26.04 31.76 -22.31
N ILE B 60 -24.97 30.99 -22.18
CA ILE B 60 -23.88 31.29 -21.25
C ILE B 60 -22.61 30.91 -21.97
N PRO B 61 -21.59 31.76 -21.91
CA PRO B 61 -20.29 31.46 -22.47
C PRO B 61 -19.84 30.09 -22.00
N ILE B 62 -19.35 29.29 -22.93
CA ILE B 62 -19.02 27.92 -22.58
C ILE B 62 -17.97 27.82 -21.44
N ASP B 63 -17.07 28.80 -21.33
CA ASP B 63 -16.05 28.71 -20.30
C ASP B 63 -16.63 29.00 -18.94
N ALA B 64 -17.40 30.08 -18.83
CA ALA B 64 -18.10 30.38 -17.60
C ALA B 64 -19.00 29.21 -17.22
N PHE B 65 -19.73 28.60 -18.16
CA PHE B 65 -20.60 27.45 -17.85
C PHE B 65 -19.86 26.24 -17.28
N LEU B 66 -18.80 25.79 -17.95
CA LEU B 66 -18.10 24.61 -17.49
C LEU B 66 -17.50 24.80 -16.11
N ARG B 67 -17.00 26.01 -15.80
CA ARG B 67 -16.45 26.32 -14.48
C ARG B 67 -17.50 26.19 -13.39
N ALA B 68 -18.70 26.69 -13.66
CA ALA B 68 -19.83 26.61 -12.73
C ALA B 68 -20.27 25.16 -12.62
N MET B 69 -20.47 24.50 -13.76
CA MET B 69 -20.83 23.08 -13.74
C MET B 69 -19.77 22.26 -12.93
N MET B 70 -18.50 22.62 -13.09
CA MET B 70 -17.47 21.88 -12.44
C MET B 70 -17.67 21.95 -10.92
N ARG B 71 -17.90 23.15 -10.39
CA ARG B 71 -18.21 23.32 -8.97
C ARG B 71 -19.49 22.58 -8.56
N ASP B 72 -20.58 22.77 -9.28
CA ASP B 72 -21.83 22.17 -8.83
C ASP B 72 -21.61 20.66 -8.80
N VAL B 73 -20.91 20.12 -9.79
CA VAL B 73 -20.62 18.67 -9.74
C VAL B 73 -19.77 18.27 -8.51
N ALA B 74 -18.57 18.85 -8.40
CA ALA B 74 -17.68 18.53 -7.32
C ALA B 74 -18.32 18.76 -5.95
N TRP B 75 -19.18 19.78 -5.81
CA TRP B 75 -19.72 20.11 -4.48
C TRP B 75 -20.98 19.31 -4.12
N GLY B 76 -21.40 18.44 -5.01
CA GLY B 76 -22.64 17.68 -4.80
C GLY B 76 -23.84 18.57 -4.58
N PHE B 77 -23.89 19.66 -5.35
CA PHE B 77 -24.96 20.67 -5.29
C PHE B 77 -24.86 21.62 -4.08
N PHE B 78 -23.82 21.44 -3.26
CA PHE B 78 -23.39 22.42 -2.24
C PHE B 78 -24.43 22.69 -1.14
N TYR B 79 -24.45 23.88 -0.57
CA TYR B 79 -25.53 24.24 0.36
C TYR B 79 -26.39 25.27 -0.35
N GLY B 80 -27.69 25.17 -0.21
CA GLY B 80 -28.55 26.22 -0.76
C GLY B 80 -28.49 26.35 -2.27
N VAL B 81 -28.51 27.61 -2.71
CA VAL B 81 -28.63 27.99 -4.14
C VAL B 81 -27.29 28.16 -4.78
N VAL B 82 -27.02 27.40 -5.83
CA VAL B 82 -25.85 27.65 -6.70
C VAL B 82 -26.29 28.37 -8.00
N ASN B 83 -26.17 29.70 -8.04
CA ASN B 83 -26.52 30.45 -9.26
C ASN B 83 -25.34 30.42 -10.22
N PHE B 84 -25.54 29.81 -11.41
CA PHE B 84 -24.54 29.87 -12.52
C PHE B 84 -24.41 31.30 -12.94
N ASP B 85 -25.51 32.02 -12.84
CA ASP B 85 -25.61 33.46 -13.16
C ASP B 85 -26.97 33.95 -12.74
N HIS B 86 -27.37 35.10 -13.29
CA HIS B 86 -28.59 35.79 -12.88
C HIS B 86 -29.89 35.07 -13.34
N VAL B 87 -29.76 33.97 -14.09
CA VAL B 87 -30.93 33.22 -14.61
C VAL B 87 -30.98 31.73 -14.18
N PHE B 88 -29.86 31.04 -14.38
CA PHE B 88 -29.83 29.58 -14.26
C PHE B 88 -29.08 29.08 -13.02
N GLY B 89 -29.59 28.02 -12.40
CA GLY B 89 -28.88 27.44 -11.27
C GLY B 89 -29.63 26.30 -10.61
N THR B 90 -29.07 25.85 -9.47
CA THR B 90 -29.69 24.80 -8.67
C THR B 90 -29.93 25.21 -7.23
N ILE B 91 -30.99 24.64 -6.66
CA ILE B 91 -31.21 24.65 -5.21
C ILE B 91 -31.03 23.22 -4.65
N ASN B 92 -30.22 23.07 -3.60
CA ASN B 92 -30.00 21.75 -2.98
C ASN B 92 -30.97 21.40 -1.84
N HIS B 93 -31.69 20.30 -2.01
CA HIS B 93 -32.57 19.85 -0.95
C HIS B 93 -32.09 18.60 -0.30
N TYR B 94 -30.81 18.26 -0.54
CA TYR B 94 -30.13 17.14 0.15
C TYR B 94 -30.85 15.79 -0.07
N GLY B 95 -30.67 15.25 -1.28
CA GLY B 95 -31.29 14.02 -1.68
C GLY B 95 -32.23 14.26 -2.81
N GLU B 96 -32.65 15.52 -2.95
CA GLU B 96 -33.41 16.03 -4.10
C GLU B 96 -32.87 17.42 -4.49
N VAL B 97 -33.09 17.87 -5.72
CA VAL B 97 -32.44 19.08 -6.20
C VAL B 97 -33.32 19.82 -7.20
N THR B 98 -33.50 21.12 -6.98
CA THR B 98 -34.28 21.94 -7.91
C THR B 98 -33.37 22.55 -8.98
N MET B 99 -33.73 22.35 -10.24
CA MET B 99 -33.13 23.10 -11.32
C MET B 99 -34.09 24.21 -11.77
N PHE B 100 -33.57 25.42 -11.92
CA PHE B 100 -34.41 26.54 -12.25
C PHE B 100 -33.89 27.44 -13.38
N ALA B 101 -34.81 28.16 -14.05
CA ALA B 101 -34.44 29.37 -14.81
C ALA B 101 -35.20 30.58 -14.29
N GLY B 102 -34.48 31.59 -13.83
CA GLY B 102 -35.08 32.87 -13.40
C GLY B 102 -35.86 32.87 -12.10
N ARG B 103 -35.63 31.86 -11.26
CA ARG B 103 -36.28 31.73 -9.95
C ARG B 103 -35.88 32.88 -9.01
N PHE B 104 -34.68 33.40 -9.17
CA PHE B 104 -34.18 34.48 -8.32
C PHE B 104 -33.85 35.71 -9.15
N ASN B 105 -34.79 36.05 -10.02
CA ASN B 105 -34.68 37.18 -10.93
C ASN B 105 -36.01 37.90 -10.92
N ASP B 106 -36.01 39.07 -10.30
CA ASP B 106 -37.20 39.95 -10.21
C ASP B 106 -37.99 40.03 -11.52
N ALA B 107 -37.31 40.19 -12.64
CA ALA B 107 -37.97 40.30 -13.93
C ALA B 107 -38.80 39.09 -14.34
N TYR B 108 -38.25 37.87 -14.14
CA TYR B 108 -38.93 36.63 -14.56
C TYR B 108 -40.10 36.37 -13.67
N ARG B 109 -39.83 36.48 -12.38
CA ARG B 109 -40.78 36.19 -11.33
C ARG B 109 -42.02 37.13 -11.37
N ASN B 110 -41.78 38.44 -11.43
CA ASN B 110 -42.88 39.40 -11.51
C ASN B 110 -43.73 39.06 -12.74
N ALA B 111 -43.10 38.51 -13.77
CA ALA B 111 -43.83 38.20 -14.98
C ALA B 111 -44.38 36.75 -15.00
N GLY B 112 -44.08 35.97 -13.97
CA GLY B 112 -44.49 34.57 -13.95
C GLY B 112 -43.82 33.78 -15.06
N ARG B 113 -42.56 34.09 -15.35
CA ARG B 113 -41.81 33.44 -16.44
C ARG B 113 -40.69 32.54 -15.95
N ASP B 114 -40.45 32.52 -14.66
CA ASP B 114 -39.49 31.57 -14.14
C ASP B 114 -40.01 30.14 -14.35
N HIS B 115 -39.10 29.18 -14.42
CA HIS B 115 -39.43 27.77 -14.54
C HIS B 115 -38.55 26.92 -13.61
N GLU B 116 -39.16 26.01 -12.87
CA GLU B 116 -38.47 25.16 -11.88
C GLU B 116 -38.93 23.71 -12.02
N GLU B 117 -37.97 22.78 -11.92
CA GLU B 117 -38.25 21.34 -11.87
C GLU B 117 -37.43 20.71 -10.78
N ARG B 118 -37.97 19.70 -10.12
CA ARG B 118 -37.30 19.11 -8.98
C ARG B 118 -36.91 17.68 -9.32
N PHE B 119 -35.71 17.23 -8.91
CA PHE B 119 -35.18 15.89 -9.29
C PHE B 119 -34.67 15.07 -8.11
N LYS B 120 -34.59 13.75 -8.25
CA LYS B 120 -33.73 12.99 -7.37
C LYS B 120 -32.29 13.38 -7.73
N SER B 121 -31.45 13.55 -6.70
CA SER B 121 -30.14 14.18 -6.88
C SER B 121 -29.22 13.32 -7.69
N SER B 122 -29.22 12.02 -7.44
CA SER B 122 -28.22 11.21 -8.15
C SER B 122 -28.57 11.14 -9.64
N ALA B 123 -29.81 11.47 -9.97
CA ALA B 123 -30.29 11.39 -11.36
C ALA B 123 -29.87 12.67 -12.15
N LEU B 124 -29.98 13.85 -11.53
CA LEU B 124 -29.47 15.07 -12.11
C LEU B 124 -27.95 15.06 -12.12
N MET B 125 -27.36 14.57 -11.03
CA MET B 125 -25.90 14.52 -10.86
C MET B 125 -25.29 13.75 -12.04
N ALA B 126 -25.92 12.61 -12.35
CA ALA B 126 -25.50 11.76 -13.47
C ALA B 126 -25.51 12.50 -14.83
N VAL B 127 -26.58 13.22 -15.18
CA VAL B 127 -26.54 13.91 -16.46
C VAL B 127 -25.55 15.09 -16.42
N PHE B 128 -25.41 15.72 -15.24
CA PHE B 128 -24.46 16.81 -15.06
C PHE B 128 -23.04 16.27 -15.35
N LYS B 129 -22.67 15.17 -14.70
CA LYS B 129 -21.40 14.51 -14.99
C LYS B 129 -21.18 14.18 -16.49
N ASP B 130 -22.26 13.75 -17.16
CA ASP B 130 -22.18 13.47 -18.59
C ASP B 130 -21.98 14.72 -19.43
N ILE B 131 -22.66 15.81 -19.06
CA ILE B 131 -22.45 17.10 -19.72
C ILE B 131 -21.00 17.58 -19.56
N LEU B 132 -20.53 17.57 -18.32
CA LEU B 132 -19.17 17.97 -18.01
C LEU B 132 -18.08 17.12 -18.76
N SER B 133 -18.30 15.82 -18.86
CA SER B 133 -17.35 14.97 -19.55
C SER B 133 -17.35 15.21 -21.08
N ASP B 134 -18.53 15.24 -21.69
CA ASP B 134 -18.65 15.49 -23.14
C ASP B 134 -18.16 16.89 -23.53
N TRP B 135 -18.55 17.90 -22.75
CA TRP B 135 -18.27 19.28 -23.15
C TRP B 135 -16.80 19.78 -22.93
N THR B 136 -16.03 19.03 -22.14
CA THR B 136 -14.66 19.40 -21.79
C THR B 136 -13.66 18.76 -22.78
N VAL B 137 -12.73 19.57 -23.27
CA VAL B 137 -11.85 19.18 -24.35
C VAL B 137 -10.42 18.97 -23.84
N GLU B 138 -9.56 18.38 -24.66
CA GLU B 138 -8.14 18.16 -24.31
C GLU B 138 -7.49 19.48 -23.86
N GLY B 139 -6.78 19.46 -22.72
CA GLY B 139 -6.03 20.62 -22.26
C GLY B 139 -6.81 21.71 -21.52
N TYR B 140 -8.13 21.58 -21.45
CA TYR B 140 -8.98 22.53 -20.71
C TYR B 140 -9.34 21.99 -19.33
N ASP B 141 -8.89 22.65 -18.27
CA ASP B 141 -9.25 22.23 -16.89
C ASP B 141 -10.19 23.26 -16.26
N PRO B 142 -11.48 22.93 -16.11
CA PRO B 142 -12.46 23.91 -15.60
C PRO B 142 -12.43 24.08 -14.07
N PHE B 143 -11.51 23.41 -13.40
CA PHE B 143 -11.27 23.59 -11.96
C PHE B 143 -10.11 24.58 -11.69
N ALA B 144 -9.39 24.96 -12.75
CA ALA B 144 -8.20 25.82 -12.57
C ALA B 144 -8.49 27.29 -12.90
N ALA B 145 -7.61 28.21 -12.49
CA ALA B 145 -7.64 29.63 -12.95
C ALA B 145 -7.32 29.77 -14.44
N PRO B 146 -7.77 30.86 -15.12
CA PRO B 146 -7.47 30.91 -16.58
C PRO B 146 -5.97 30.93 -16.94
N MET B 147 -5.13 31.49 -16.07
CA MET B 147 -3.71 31.48 -16.33
C MET B 147 -3.05 30.09 -16.27
N GLU B 148 -3.74 29.13 -15.69
CA GLU B 148 -3.16 27.82 -15.42
C GLU B 148 -3.50 26.73 -16.44
N THR B 149 -4.43 27.00 -17.36
CA THR B 149 -4.96 25.93 -18.21
C THR B 149 -5.26 26.46 -19.62
N GLY B 150 -5.69 25.59 -20.54
CA GLY B 150 -6.01 26.02 -21.93
C GLY B 150 -7.43 26.55 -22.13
N LEU B 151 -7.99 26.35 -23.33
CA LEU B 151 -9.25 27.01 -23.70
C LEU B 151 -10.37 26.04 -24.05
N PRO B 152 -11.65 26.46 -23.91
CA PRO B 152 -12.74 25.52 -24.20
C PRO B 152 -13.34 25.67 -25.61
N TRP B 153 -12.84 26.65 -26.35
CA TRP B 153 -13.42 27.03 -27.65
C TRP B 153 -13.31 25.95 -28.73
N GLY B 154 -14.15 26.03 -29.74
CA GLY B 154 -14.06 25.18 -30.93
C GLY B 154 -14.90 23.91 -30.80
N ILE B 155 -14.77 23.06 -31.82
CA ILE B 155 -15.43 21.75 -31.93
C ILE B 155 -14.82 20.78 -30.92
N LYS B 156 -15.51 19.66 -30.69
CA LYS B 156 -15.08 18.61 -29.77
C LYS B 156 -13.67 18.13 -30.12
N ASN B 157 -12.76 18.19 -29.14
CA ASN B 157 -11.40 17.71 -29.35
C ASN B 157 -10.88 16.90 -28.15
N GLY B 158 -11.05 15.59 -28.16
CA GLY B 158 -10.60 14.78 -27.05
C GLY B 158 -11.35 15.10 -25.78
N ASN B 159 -10.66 14.98 -24.66
CA ASN B 159 -11.36 15.15 -23.40
C ASN B 159 -10.42 15.50 -22.29
N ASN B 160 -10.97 15.85 -21.14
CA ASN B 160 -10.16 16.01 -19.93
C ASN B 160 -10.74 15.31 -18.72
N ASP B 161 -11.11 14.04 -18.88
CA ASP B 161 -11.74 13.31 -17.79
C ASP B 161 -10.96 13.24 -16.47
N GLU B 162 -9.62 13.21 -16.52
CA GLU B 162 -8.82 13.23 -15.28
C GLU B 162 -9.13 14.48 -14.44
N ALA B 163 -9.17 15.65 -15.09
CA ALA B 163 -9.36 16.92 -14.39
C ALA B 163 -10.76 17.05 -13.80
N ILE B 164 -11.79 16.66 -14.55
CA ILE B 164 -13.17 16.77 -14.07
C ILE B 164 -13.57 15.65 -13.07
N SER B 165 -12.65 14.74 -12.75
CA SER B 165 -12.95 13.54 -11.90
C SER B 165 -12.17 13.38 -10.60
N ARG B 166 -11.46 14.42 -10.16
CA ARG B 166 -10.61 14.28 -8.97
C ARG B 166 -11.52 13.85 -7.80
N GLN B 167 -11.01 13.00 -6.92
CA GLN B 167 -11.77 12.61 -5.75
C GLN B 167 -11.93 13.77 -4.72
N ARG B 168 -13.18 14.03 -4.31
CA ARG B 168 -13.46 14.99 -3.23
C ARG B 168 -12.58 14.59 -2.01
N VAL B 169 -12.07 15.59 -1.30
CA VAL B 169 -11.26 15.27 -0.14
C VAL B 169 -11.93 15.83 1.13
N THR B 170 -12.14 14.94 2.12
CA THR B 170 -12.91 15.29 3.33
C THR B 170 -12.31 14.69 4.60
N ALA B 171 -12.12 15.52 5.62
CA ALA B 171 -11.65 15.01 6.90
C ALA B 171 -12.83 14.58 7.73
N ARG B 172 -12.69 13.42 8.34
CA ARG B 172 -13.57 12.91 9.37
C ARG B 172 -13.33 13.71 10.67
N ARG B 173 -12.06 13.86 11.06
CA ARG B 173 -11.70 14.54 12.30
C ARG B 173 -10.70 15.71 12.04
N MET B 174 -9.49 15.37 11.63
CA MET B 174 -8.51 16.37 11.23
C MET B 174 -7.55 15.78 10.23
N VAL B 175 -7.11 16.59 9.29
CA VAL B 175 -6.07 16.16 8.38
C VAL B 175 -4.92 15.55 9.18
N GLY B 176 -4.39 14.43 8.67
CA GLY B 176 -3.18 13.83 9.22
C GLY B 176 -3.33 12.77 10.30
N LEU B 177 -4.54 12.58 10.83
CA LEU B 177 -4.75 11.63 11.92
C LEU B 177 -4.65 10.23 11.36
N PRO B 178 -4.32 9.24 12.22
CA PRO B 178 -4.24 7.88 11.69
C PRO B 178 -5.55 7.53 11.00
N GLY B 179 -5.50 7.18 9.71
CA GLY B 179 -6.70 6.76 8.97
C GLY B 179 -7.60 7.84 8.40
N ASP B 180 -7.33 9.10 8.75
CA ASP B 180 -8.06 10.25 8.25
C ASP B 180 -7.41 10.70 6.92
N THR B 181 -8.00 11.69 6.25
CA THR B 181 -7.42 12.20 5.00
C THR B 181 -5.96 12.71 5.17
N PRO B 182 -5.07 12.46 4.19
CA PRO B 182 -3.67 12.73 4.53
C PRO B 182 -3.08 14.10 4.10
N VAL B 183 -1.85 14.32 4.54
CA VAL B 183 -1.10 15.52 4.22
C VAL B 183 -0.66 15.45 2.74
N ARG B 184 -0.54 16.61 2.09
CA ARG B 184 -0.19 16.71 0.67
C ARG B 184 1.31 16.85 0.54
N THR B 185 1.93 16.04 -0.32
CA THR B 185 3.40 16.08 -0.54
C THR B 185 3.67 16.08 -2.04
N ASP B 186 4.91 16.35 -2.46
CA ASP B 186 5.28 16.18 -3.88
C ASP B 186 5.08 14.73 -4.21
N ALA B 187 5.62 13.86 -3.35
CA ALA B 187 5.51 12.41 -3.50
C ALA B 187 4.10 11.95 -3.89
N ASN B 188 3.07 12.38 -3.15
CA ASN B 188 1.75 11.82 -3.30
C ASN B 188 0.87 12.58 -4.27
N GLY B 189 1.49 13.54 -4.95
CA GLY B 189 0.89 14.16 -6.12
C GLY B 189 0.44 15.61 -6.00
N PHE B 190 0.97 16.33 -5.00
CA PHE B 190 0.55 17.73 -4.73
C PHE B 190 1.71 18.69 -4.47
N PRO B 191 2.37 19.14 -5.55
CA PRO B 191 3.42 20.09 -5.29
C PRO B 191 2.82 21.50 -5.06
N VAL B 192 3.63 22.41 -4.56
CA VAL B 192 3.23 23.79 -4.26
C VAL B 192 2.87 24.54 -5.55
N ASN B 193 1.77 25.27 -5.53
CA ASN B 193 1.35 26.06 -6.67
C ASN B 193 2.34 27.23 -6.94
N ARG B 194 2.56 27.62 -8.20
CA ARG B 194 3.54 28.68 -8.50
C ARG B 194 3.27 29.97 -7.72
N GLN B 195 2.01 30.25 -7.43
CA GLN B 195 1.61 31.49 -6.78
C GLN B 195 1.55 31.43 -5.23
N PHE B 196 2.14 30.37 -4.69
CA PHE B 196 2.37 30.19 -3.27
C PHE B 196 3.82 29.67 -3.06
N ALA B 197 4.74 29.98 -3.99
CA ALA B 197 6.09 29.38 -3.92
C ALA B 197 6.90 29.80 -2.67
N ASP B 198 6.60 30.97 -2.13
CA ASP B 198 7.27 31.45 -0.93
C ASP B 198 6.72 30.87 0.39
N VAL B 199 5.62 30.12 0.35
CA VAL B 199 5.01 29.62 1.57
C VAL B 199 5.86 28.54 2.29
N PRO B 200 6.28 28.83 3.53
CA PRO B 200 7.05 27.85 4.34
C PRO B 200 6.31 26.50 4.47
N GLN B 201 7.06 25.40 4.46
CA GLN B 201 6.48 24.05 4.34
C GLN B 201 6.74 23.11 5.52
N GLU B 202 7.61 23.55 6.43
CA GLU B 202 8.00 22.75 7.61
C GLU B 202 6.77 22.32 8.36
N GLN B 203 6.79 21.07 8.84
CA GLN B 203 5.73 20.59 9.71
C GLN B 203 5.97 20.99 11.16
N PRO B 204 4.88 21.20 11.93
CA PRO B 204 5.04 21.53 13.34
C PRO B 204 5.72 20.41 14.09
N VAL B 205 6.50 20.78 15.10
CA VAL B 205 7.17 19.77 15.93
C VAL B 205 6.10 19.02 16.70
N VAL B 206 6.03 17.71 16.49
CA VAL B 206 5.05 16.88 17.23
C VAL B 206 5.82 15.82 18.00
N GLU B 207 5.59 15.76 19.32
CA GLU B 207 6.28 14.75 20.12
C GLU B 207 5.40 14.13 21.19
N ALA B 208 4.90 12.95 20.82
CA ALA B 208 3.99 12.14 21.59
C ALA B 208 4.73 11.27 22.61
N GLU B 209 4.11 11.08 23.78
CA GLU B 209 4.63 10.13 24.75
C GLU B 209 4.20 8.73 24.35
N PRO B 210 5.01 7.71 24.66
CA PRO B 210 4.58 6.36 24.32
C PRO B 210 3.11 6.10 24.68
N GLY B 211 2.36 5.61 23.69
CA GLY B 211 0.98 5.21 23.90
C GLY B 211 0.01 6.26 23.41
N PHE B 212 0.51 7.45 23.15
CA PHE B 212 -0.35 8.53 22.78
C PHE B 212 -0.16 9.02 21.34
N GLU B 213 0.73 8.38 20.57
CA GLU B 213 1.08 8.93 19.26
C GLU B 213 -0.13 9.14 18.33
N ALA B 214 -1.26 8.51 18.68
CA ALA B 214 -2.52 8.68 17.95
C ALA B 214 -3.30 9.96 18.29
N GLU B 215 -3.06 10.54 19.47
CA GLU B 215 -3.92 11.63 19.91
C GLU B 215 -3.18 12.96 19.88
N VAL B 216 -1.87 12.89 19.66
CA VAL B 216 -1.02 14.07 19.65
C VAL B 216 -0.73 14.38 18.19
N SER B 217 -1.47 15.34 17.64
CA SER B 217 -1.44 15.59 16.19
C SER B 217 -1.42 17.07 15.79
N ALA B 218 -0.43 17.45 14.99
CA ALA B 218 -0.48 18.72 14.28
C ALA B 218 0.02 18.60 12.84
N TYR B 219 -0.40 19.55 12.01
CA TYR B 219 0.02 19.64 10.60
C TYR B 219 0.14 21.11 10.16
N ASN B 220 0.92 21.34 9.11
CA ASN B 220 1.04 22.66 8.49
C ASN B 220 -0.12 22.92 7.50
N LEU B 221 -1.17 23.57 7.98
CA LEU B 221 -2.35 23.84 7.15
C LEU B 221 -2.10 24.86 6.03
N PHE B 222 -1.35 25.94 6.26
CA PHE B 222 -1.11 26.85 5.13
C PHE B 222 -0.32 26.17 4.04
N GLY B 223 0.59 25.26 4.41
CA GLY B 223 1.37 24.45 3.45
C GLY B 223 0.46 23.51 2.68
N TYR B 224 -0.52 22.92 3.38
CA TYR B 224 -1.58 22.08 2.77
C TYR B 224 -2.36 22.84 1.64
N LEU B 225 -2.83 24.03 1.98
CA LEU B 225 -3.59 24.88 1.06
C LEU B 225 -2.76 25.30 -0.14
N SER B 226 -1.46 25.52 0.05
CA SER B 226 -0.56 25.96 -1.02
C SER B 226 -0.37 24.87 -2.03
N ARG B 227 -0.74 23.66 -1.62
CA ARG B 227 -0.62 22.48 -2.45
C ARG B 227 -1.97 22.05 -3.08
N SER B 228 -3.01 22.86 -2.90
CA SER B 228 -4.28 22.61 -3.54
C SER B 228 -4.13 22.76 -5.04
N ASP B 229 -4.58 21.75 -5.80
CA ASP B 229 -4.52 21.74 -7.27
C ASP B 229 -5.77 22.25 -8.02
N VAL B 230 -6.74 22.76 -7.27
CA VAL B 230 -7.93 23.31 -7.87
C VAL B 230 -8.20 24.64 -7.18
N THR B 231 -9.11 25.44 -7.74
CA THR B 231 -9.42 26.75 -7.15
C THR B 231 -10.87 26.77 -6.78
N TRP B 232 -11.22 27.54 -5.74
CA TRP B 232 -12.59 27.64 -5.23
C TRP B 232 -13.26 26.31 -4.93
N ASN B 233 -12.68 25.56 -4.01
CA ASN B 233 -13.22 24.28 -3.66
C ASN B 233 -13.12 24.04 -2.12
N PRO B 234 -14.04 24.63 -1.35
CA PRO B 234 -14.05 24.44 0.09
C PRO B 234 -13.98 22.94 0.43
N SER B 235 -13.07 22.58 1.30
CA SER B 235 -12.73 21.20 1.50
C SER B 235 -12.46 20.99 3.00
N VAL B 236 -13.15 20.05 3.64
CA VAL B 236 -13.09 19.88 5.11
C VAL B 236 -11.70 19.48 5.64
N CYS B 237 -11.14 20.29 6.54
CA CYS B 237 -9.86 19.98 7.20
C CYS B 237 -9.96 19.67 8.70
N SER B 238 -11.02 20.13 9.39
CA SER B 238 -11.26 19.80 10.82
C SER B 238 -12.74 19.89 11.18
N VAL B 239 -13.18 19.09 12.16
CA VAL B 239 -14.61 18.87 12.42
C VAL B 239 -14.84 18.93 13.93
N VAL B 240 -15.81 19.73 14.37
CA VAL B 240 -16.35 19.68 15.74
C VAL B 240 -17.89 19.66 15.64
N GLY B 241 -18.51 18.49 15.77
CA GLY B 241 -19.96 18.40 15.51
C GLY B 241 -20.28 18.80 14.10
N ASP B 242 -21.25 19.70 13.93
CA ASP B 242 -21.61 20.20 12.58
C ASP B 242 -20.72 21.36 12.13
N SER B 243 -19.77 21.76 12.97
CA SER B 243 -18.87 22.86 12.66
C SER B 243 -17.76 22.39 11.79
N LEU B 244 -17.69 22.92 10.56
CA LEU B 244 -16.70 22.41 9.59
C LEU B 244 -15.76 23.50 9.08
N PHE B 245 -14.45 23.36 9.29
CA PHE B 245 -13.46 24.24 8.63
C PHE B 245 -13.20 23.82 7.19
N CYS B 246 -13.68 24.61 6.23
CA CYS B 246 -13.50 24.27 4.80
C CYS B 246 -12.61 25.27 4.01
N PRO B 247 -11.28 25.28 4.28
CA PRO B 247 -10.41 26.19 3.55
C PRO B 247 -10.10 25.71 2.12
N THR B 248 -9.67 26.64 1.26
CA THR B 248 -9.43 26.39 -0.14
C THR B 248 -8.51 27.51 -0.63
N SER B 249 -7.92 27.30 -1.82
CA SER B 249 -7.10 28.30 -2.53
C SER B 249 -7.90 28.93 -3.67
N GLU B 250 -7.91 30.26 -3.74
CA GLU B 250 -8.84 31.02 -4.61
C GLU B 250 -8.09 31.83 -5.59
N GLU B 251 -8.55 31.82 -6.84
CA GLU B 251 -7.89 32.57 -7.92
C GLU B 251 -8.91 32.95 -8.98
N PHE B 252 -8.78 34.15 -9.51
CA PHE B 252 -9.72 34.68 -10.46
C PHE B 252 -11.12 34.98 -9.86
N ILE B 253 -12.19 34.31 -10.31
CA ILE B 253 -13.56 34.60 -9.84
C ILE B 253 -14.29 33.33 -9.44
N LEU B 254 -15.01 33.40 -8.32
CA LEU B 254 -15.85 32.29 -7.93
C LEU B 254 -16.83 32.05 -9.09
N PRO B 255 -16.86 30.81 -9.62
CA PRO B 255 -17.60 30.68 -10.88
C PRO B 255 -19.12 30.61 -10.70
N VAL B 256 -19.60 30.86 -9.49
CA VAL B 256 -21.04 30.86 -9.19
C VAL B 256 -21.34 32.00 -8.21
N GLU B 257 -22.60 32.44 -8.17
CA GLU B 257 -23.13 33.31 -7.10
C GLU B 257 -23.83 32.41 -6.07
N HIS B 258 -23.24 32.27 -4.88
CA HIS B 258 -23.75 31.34 -3.86
C HIS B 258 -24.75 31.99 -2.92
N GLY B 259 -26.00 31.56 -3.00
CA GLY B 259 -27.04 31.99 -2.05
C GLY B 259 -27.28 30.87 -1.04
N ASN B 260 -26.58 30.96 0.08
CA ASN B 260 -26.67 29.91 1.08
C ASN B 260 -28.02 29.90 1.76
N ASP B 261 -28.47 28.71 2.19
CA ASP B 261 -29.65 28.55 3.04
C ASP B 261 -29.30 28.54 4.57
N ARG B 262 -28.27 29.28 4.94
CA ARG B 262 -27.70 29.31 6.28
C ARG B 262 -26.61 30.42 6.28
N CYS B 263 -26.19 30.87 7.45
CA CYS B 263 -25.13 31.87 7.55
C CYS B 263 -23.86 31.14 7.34
N GLU B 264 -22.88 31.79 6.71
CA GLU B 264 -21.53 31.21 6.53
C GLU B 264 -20.51 32.31 6.81
N TRP B 265 -19.35 31.91 7.30
CA TRP B 265 -18.28 32.84 7.69
C TRP B 265 -17.04 32.62 6.82
N PHE B 266 -16.36 33.71 6.48
CA PHE B 266 -15.15 33.69 5.66
C PHE B 266 -14.04 34.26 6.52
N LEU B 267 -12.90 33.58 6.57
CA LEU B 267 -11.68 34.13 7.19
C LEU B 267 -10.58 34.12 6.16
N GLN B 268 -10.18 35.32 5.71
CA GLN B 268 -9.09 35.47 4.77
C GLN B 268 -7.76 35.10 5.41
N LEU B 269 -7.12 34.04 4.92
CA LEU B 269 -5.84 33.62 5.52
C LEU B 269 -4.63 34.34 4.92
N SER B 270 -4.67 34.58 3.61
CA SER B 270 -3.61 35.32 2.91
C SER B 270 -4.16 36.30 1.88
N ASP B 271 -3.34 37.29 1.48
CA ASP B 271 -3.64 38.18 0.33
C ASP B 271 -5.02 38.83 0.41
N GLU B 272 -5.78 38.92 -0.69
CA GLU B 272 -7.12 39.51 -0.57
C GLU B 272 -8.16 39.12 -1.57
N ILE B 273 -9.41 39.32 -1.15
CA ILE B 273 -10.59 38.98 -1.94
C ILE B 273 -11.61 40.16 -1.83
N VAL B 274 -12.38 40.34 -2.90
CA VAL B 274 -13.52 41.22 -2.82
C VAL B 274 -14.68 40.35 -3.11
N TRP B 275 -15.64 40.45 -2.20
CA TRP B 275 -16.89 39.74 -2.30
C TRP B 275 -17.92 40.67 -2.88
N ASP B 276 -18.39 40.35 -4.08
CA ASP B 276 -19.54 41.04 -4.64
C ASP B 276 -20.83 40.48 -3.95
N VAL B 277 -21.54 41.34 -3.23
CA VAL B 277 -22.71 40.89 -2.47
C VAL B 277 -24.02 41.42 -3.00
N LYS B 278 -24.90 40.50 -3.40
CA LYS B 278 -26.20 40.84 -3.97
C LYS B 278 -27.33 40.22 -3.19
N ASP B 279 -28.55 40.68 -3.46
CA ASP B 279 -29.71 40.13 -2.79
C ASP B 279 -30.01 38.73 -3.29
N LYS B 280 -30.20 37.80 -2.37
CA LYS B 280 -30.44 36.40 -2.72
C LYS B 280 -31.71 36.22 -3.54
N GLU B 281 -32.77 36.92 -3.18
CA GLU B 281 -34.06 36.71 -3.83
C GLU B 281 -34.18 37.48 -5.15
N SER B 282 -33.70 38.73 -5.19
CA SER B 282 -33.87 39.58 -6.37
C SER B 282 -32.64 39.66 -7.26
N GLY B 283 -31.46 39.50 -6.67
CA GLY B 283 -30.20 39.67 -7.38
C GLY B 283 -29.76 41.13 -7.50
N LYS B 284 -30.33 42.04 -6.68
CA LYS B 284 -29.97 43.48 -6.73
C LYS B 284 -28.71 43.60 -5.89
N PRO B 285 -27.69 44.34 -6.37
CA PRO B 285 -26.45 44.51 -5.59
C PRO B 285 -26.71 45.20 -4.27
N ARG B 286 -25.93 44.83 -3.24
CA ARG B 286 -26.15 45.29 -1.86
C ARG B 286 -24.89 45.88 -1.20
N ALA B 287 -23.72 45.34 -1.53
CA ALA B 287 -22.49 45.73 -0.84
C ALA B 287 -21.30 45.04 -1.51
N ARG B 288 -20.10 45.54 -1.26
CA ARG B 288 -18.86 44.95 -1.76
C ARG B 288 -17.93 44.81 -0.58
N VAL B 289 -17.47 43.59 -0.30
CA VAL B 289 -16.67 43.35 0.88
C VAL B 289 -15.20 42.97 0.60
N THR B 290 -14.30 43.87 0.99
CA THR B 290 -12.86 43.69 0.82
C THR B 290 -12.25 43.12 2.08
N ALA B 291 -11.59 41.98 1.92
CA ALA B 291 -11.05 41.24 3.02
C ALA B 291 -9.57 40.97 2.79
N ARG B 292 -8.75 41.37 3.77
CA ARG B 292 -7.32 41.06 3.76
C ARG B 292 -6.97 40.08 4.85
N ALA B 293 -5.68 39.80 4.99
CA ALA B 293 -5.22 38.72 5.84
C ALA B 293 -5.68 38.84 7.29
N GLY B 294 -6.50 37.91 7.76
CA GLY B 294 -7.03 37.98 9.14
C GLY B 294 -8.41 38.59 9.30
N ASP B 295 -8.96 39.14 8.22
CA ASP B 295 -10.34 39.64 8.22
C ASP B 295 -11.32 38.49 8.25
N ILE B 296 -12.32 38.61 9.13
CA ILE B 296 -13.36 37.59 9.23
C ILE B 296 -14.70 38.26 9.16
N CYS B 297 -15.56 37.79 8.28
CA CYS B 297 -16.87 38.38 8.13
C CYS B 297 -17.91 37.34 7.86
N CYS B 298 -19.16 37.75 7.98
CA CYS B 298 -20.29 36.86 7.92
C CYS B 298 -21.06 37.09 6.66
N MET B 299 -21.52 36.02 6.02
CA MET B 299 -22.43 36.17 4.92
C MET B 299 -23.82 35.80 5.40
N PRO B 300 -24.72 36.80 5.51
CA PRO B 300 -26.11 36.54 5.91
C PRO B 300 -26.83 35.62 4.97
N ALA B 301 -27.78 34.85 5.54
CA ALA B 301 -28.56 33.85 4.77
C ALA B 301 -29.53 34.47 3.75
N ASP B 302 -29.61 35.79 3.65
CA ASP B 302 -30.51 36.41 2.70
C ASP B 302 -29.76 37.07 1.54
N ILE B 303 -28.46 36.77 1.43
CA ILE B 303 -27.64 37.28 0.34
C ILE B 303 -27.03 36.17 -0.54
N ARG B 304 -26.65 36.53 -1.76
CA ARG B 304 -25.79 35.67 -2.58
C ARG B 304 -24.45 36.39 -2.68
N HIS B 305 -23.37 35.65 -2.90
CA HIS B 305 -22.05 36.26 -2.94
C HIS B 305 -21.16 35.63 -4.02
N GLN B 306 -20.22 36.43 -4.51
CA GLN B 306 -19.23 36.00 -5.51
C GLN B 306 -17.88 36.76 -5.35
N GLY B 307 -16.79 36.03 -5.18
CA GLY B 307 -15.49 36.61 -4.87
C GLY B 307 -14.54 36.79 -6.05
N TYR B 308 -13.67 37.79 -5.94
CA TYR B 308 -12.70 38.13 -6.97
C TYR B 308 -11.36 38.19 -6.31
N SER B 309 -10.40 37.45 -6.87
CA SER B 309 -9.08 37.32 -6.25
C SER B 309 -7.99 37.29 -7.27
N THR B 310 -7.18 38.37 -7.30
CA THR B 310 -6.10 38.59 -8.30
C THR B 310 -4.93 37.59 -8.17
N LYS B 311 -4.33 37.51 -7.00
CA LYS B 311 -3.32 36.52 -6.72
C LYS B 311 -4.04 35.34 -6.09
N ARG B 312 -3.45 34.16 -6.25
CA ARG B 312 -4.03 32.98 -5.69
C ARG B 312 -3.94 33.21 -4.20
N SER B 313 -5.06 33.07 -3.51
CA SER B 313 -5.12 33.45 -2.11
C SER B 313 -5.76 32.34 -1.27
N MET B 314 -5.42 32.31 0.04
CA MET B 314 -5.93 31.25 0.98
C MET B 314 -7.14 31.74 1.80
N LEU B 315 -8.29 31.11 1.62
CA LEU B 315 -9.51 31.51 2.33
C LEU B 315 -9.99 30.35 3.19
N LEU B 316 -10.48 30.68 4.38
CA LEU B 316 -11.16 29.72 5.25
C LEU B 316 -12.68 29.97 5.19
N VAL B 317 -13.43 28.99 4.64
CA VAL B 317 -14.88 28.99 4.61
C VAL B 317 -15.29 28.16 5.81
N TRP B 318 -16.12 28.72 6.68
CA TRP B 318 -16.51 28.02 7.90
C TRP B 318 -18.02 27.80 7.86
N GLU B 319 -18.43 26.52 7.95
CA GLU B 319 -19.84 26.13 7.83
C GLU B 319 -20.42 25.45 9.09
N ASN B 320 -21.72 25.70 9.34
CA ASN B 320 -22.48 24.84 10.22
C ASN B 320 -23.35 23.89 9.38
N GLY B 321 -23.06 22.60 9.48
CA GLY B 321 -23.58 21.63 8.51
C GLY B 321 -24.88 20.98 8.93
N SER B 322 -25.43 21.46 10.05
CA SER B 322 -26.67 20.94 10.59
C SER B 322 -27.78 21.06 9.53
N PRO B 323 -28.55 19.97 9.33
CA PRO B 323 -29.77 19.91 8.50
C PRO B 323 -30.93 20.77 8.96
N LYS B 324 -30.93 21.12 10.25
CA LYS B 324 -32.03 21.89 10.86
C LYS B 324 -32.16 23.34 10.38
N ILE B 325 -31.06 23.94 9.92
CA ILE B 325 -31.03 25.37 9.73
C ILE B 325 -32.02 25.94 8.70
N PRO B 326 -32.05 25.38 7.46
CA PRO B 326 -32.94 26.04 6.47
C PRO B 326 -34.41 26.25 6.93
N GLN B 327 -35.06 25.22 7.50
CA GLN B 327 -36.48 25.33 7.89
C GLN B 327 -36.65 26.35 9.02
N MET B 328 -35.62 26.48 9.84
CA MET B 328 -35.60 27.48 10.88
C MET B 328 -35.43 28.89 10.32
N ILE B 329 -34.65 29.04 9.28
CA ILE B 329 -34.52 30.37 8.67
C ILE B 329 -35.84 30.77 8.02
N ALA B 330 -36.45 29.84 7.30
CA ALA B 330 -37.78 30.05 6.73
C ALA B 330 -38.79 30.38 7.81
N ASP B 331 -38.78 29.67 8.93
CA ASP B 331 -39.76 29.90 10.00
C ASP B 331 -39.46 31.18 10.78
N GLY B 332 -38.24 31.68 10.68
CA GLY B 332 -37.81 32.77 11.55
C GLY B 332 -37.42 32.34 12.95
N THR B 333 -37.17 31.03 13.15
CA THR B 333 -36.74 30.54 14.49
C THR B 333 -35.21 30.51 14.64
N ALA B 334 -34.50 30.90 13.58
CA ALA B 334 -33.08 31.23 13.64
C ALA B 334 -32.92 32.53 12.85
N PRO B 335 -31.87 33.32 13.17
CA PRO B 335 -31.80 34.61 12.50
C PRO B 335 -31.11 34.59 11.13
N VAL B 336 -31.35 35.63 10.36
CA VAL B 336 -30.61 35.88 9.10
C VAL B 336 -29.13 36.29 9.32
N VAL B 337 -28.83 36.80 10.53
CA VAL B 337 -27.48 37.19 10.91
C VAL B 337 -27.20 36.62 12.29
N PRO B 338 -26.02 36.00 12.48
CA PRO B 338 -25.82 35.24 13.72
C PRO B 338 -25.76 36.09 15.02
N VAL B 339 -25.37 37.36 14.90
CA VAL B 339 -25.32 38.25 16.07
C VAL B 339 -25.81 39.63 15.69
N THR B 340 -26.28 40.39 16.67
CA THR B 340 -26.53 41.83 16.45
C THR B 340 -26.00 42.65 17.62
N PHE B 341 -25.65 43.91 17.35
CA PHE B 341 -24.89 44.74 18.34
C PHE B 341 -25.14 46.22 18.14
N ASP C 3 -7.71 -33.08 27.61
CA ASP C 3 -7.61 -32.23 26.37
C ASP C 3 -8.69 -31.11 26.33
N VAL C 4 -8.22 -29.86 26.27
CA VAL C 4 -9.05 -28.66 26.50
C VAL C 4 -10.22 -28.39 25.51
N VAL C 5 -11.41 -28.16 26.06
CA VAL C 5 -12.59 -27.91 25.24
C VAL C 5 -13.26 -26.66 25.80
N THR C 6 -13.30 -25.61 24.99
CA THR C 6 -13.92 -24.35 25.36
C THR C 6 -15.35 -24.33 24.83
N GLU C 7 -16.33 -24.20 25.72
CA GLU C 7 -17.75 -24.36 25.36
C GLU C 7 -18.37 -23.05 24.95
N PHE C 8 -18.79 -23.02 23.69
CA PHE C 8 -19.51 -21.90 23.14
C PHE C 8 -20.95 -22.37 22.89
N GLY C 9 -21.91 -21.45 23.02
CA GLY C 9 -23.30 -21.74 22.72
C GLY C 9 -23.59 -21.54 21.24
N ALA C 10 -24.77 -22.01 20.86
CA ALA C 10 -25.29 -21.88 19.50
C ALA C 10 -26.82 -21.93 19.56
N LEU C 11 -27.49 -21.41 18.53
CA LEU C 11 -28.97 -21.43 18.40
C LEU C 11 -29.59 -22.81 18.62
N THR C 12 -28.87 -23.83 18.14
CA THR C 12 -29.30 -25.19 18.27
C THR C 12 -28.86 -25.90 19.59
N ASP C 13 -27.80 -25.41 20.24
CA ASP C 13 -27.20 -26.11 21.38
C ASP C 13 -26.77 -25.05 22.44
N TYR C 14 -27.62 -24.80 23.45
CA TYR C 14 -27.28 -23.85 24.52
C TYR C 14 -27.86 -24.35 25.84
N ARG C 15 -27.19 -24.05 26.95
CA ARG C 15 -27.65 -24.50 28.25
C ARG C 15 -27.86 -23.36 29.22
N LYS C 16 -29.03 -22.75 29.13
CA LYS C 16 -29.42 -21.67 30.03
C LYS C 16 -29.12 -22.05 31.51
N GLY C 17 -28.49 -21.14 32.26
CA GLY C 17 -28.32 -21.31 33.71
C GLY C 17 -29.46 -20.60 34.42
N GLY C 18 -29.14 -19.79 35.43
CA GLY C 18 -30.17 -19.04 36.20
C GLY C 18 -29.84 -18.51 37.59
N VAL C 19 -30.90 -18.00 38.24
CA VAL C 19 -30.84 -17.40 39.55
C VAL C 19 -31.34 -18.35 40.66
N GLU C 20 -30.48 -18.73 41.61
CA GLU C 20 -30.95 -19.36 42.84
C GLU C 20 -31.09 -18.33 43.96
N ILE C 21 -32.23 -18.35 44.63
CA ILE C 21 -32.60 -17.31 45.57
C ILE C 21 -32.29 -17.70 47.00
N ILE C 22 -31.72 -16.76 47.74
CA ILE C 22 -31.60 -16.96 49.16
C ILE C 22 -32.66 -16.05 49.80
N ASP C 23 -32.53 -14.76 49.53
CA ASP C 23 -33.50 -13.79 49.92
C ASP C 23 -33.42 -12.60 48.95
N ASP C 24 -34.30 -12.64 47.95
CA ASP C 24 -34.26 -11.70 46.85
C ASP C 24 -35.35 -12.01 45.84
N ASP C 25 -35.43 -11.17 44.83
CA ASP C 25 -36.37 -11.32 43.75
C ASP C 25 -35.59 -11.60 42.42
N PRO C 26 -35.86 -12.76 41.77
CA PRO C 26 -35.20 -13.12 40.51
C PRO C 26 -35.27 -12.03 39.45
N ARG C 27 -36.40 -11.32 39.39
CA ARG C 27 -36.58 -10.25 38.42
C ARG C 27 -35.50 -9.16 38.48
N ASN C 28 -34.91 -8.95 39.66
CA ASN C 28 -33.84 -7.97 39.74
C ASN C 28 -32.65 -8.27 38.82
N TYR C 29 -32.52 -9.54 38.41
CA TYR C 29 -31.38 -9.97 37.60
C TYR C 29 -31.58 -10.04 36.10
N VAL C 30 -32.81 -9.73 35.64
CA VAL C 30 -33.13 -9.63 34.21
C VAL C 30 -32.35 -10.72 33.41
N PHE C 31 -32.53 -11.97 33.83
CA PHE C 31 -31.76 -13.09 33.33
C PHE C 31 -32.38 -13.76 32.09
N SER C 32 -31.66 -13.72 30.97
CA SER C 32 -32.06 -14.44 29.76
C SER C 32 -30.87 -15.05 29.00
N ASN C 33 -31.13 -15.72 27.88
CA ASN C 33 -30.07 -16.30 27.09
C ASN C 33 -30.21 -15.84 25.69
N VAL C 34 -29.16 -15.19 25.18
CA VAL C 34 -29.22 -14.57 23.85
C VAL C 34 -29.55 -15.55 22.73
N PHE C 35 -29.26 -16.84 22.92
CA PHE C 35 -29.46 -17.81 21.88
C PHE C 35 -30.94 -18.25 21.80
N GLU C 36 -31.58 -18.31 22.96
CA GLU C 36 -32.98 -18.67 23.06
C GLU C 36 -33.81 -17.50 22.52
N VAL C 37 -33.47 -16.32 22.99
CA VAL C 37 -34.14 -15.10 22.55
C VAL C 37 -34.15 -15.03 21.02
N ALA C 38 -33.01 -15.32 20.40
CA ALA C 38 -32.89 -15.18 18.94
C ALA C 38 -33.58 -16.30 18.17
N ALA C 39 -33.63 -17.50 18.78
CA ALA C 39 -34.30 -18.66 18.18
C ALA C 39 -35.81 -18.41 18.12
N ASN C 40 -36.33 -17.64 19.08
CA ASN C 40 -37.76 -17.36 19.13
C ASN C 40 -38.24 -16.10 18.42
N ALA C 41 -37.31 -15.24 18.02
CA ALA C 41 -37.69 -14.00 17.33
C ALA C 41 -37.89 -14.25 15.80
N ALA C 42 -38.52 -13.30 15.10
CA ALA C 42 -38.58 -13.31 13.62
C ALA C 42 -37.20 -12.90 13.03
N PRO C 43 -36.91 -13.31 11.77
CA PRO C 43 -35.67 -12.93 11.08
C PRO C 43 -35.31 -11.48 11.31
N TYR C 44 -34.09 -11.23 11.74
CA TYR C 44 -33.56 -9.86 11.93
C TYR C 44 -34.33 -8.93 12.90
N GLU C 45 -35.28 -9.47 13.63
CA GLU C 45 -35.92 -8.72 14.70
C GLU C 45 -34.86 -8.47 15.77
N ARG C 46 -34.68 -7.20 16.14
CA ARG C 46 -33.71 -6.80 17.17
C ARG C 46 -34.32 -6.66 18.57
N VAL C 47 -34.17 -7.71 19.38
CA VAL C 47 -34.77 -7.81 20.71
C VAL C 47 -33.83 -7.31 21.80
N ALA C 48 -34.26 -6.38 22.66
CA ALA C 48 -33.35 -5.94 23.68
C ALA C 48 -33.14 -7.04 24.75
N VAL C 49 -31.88 -7.33 25.07
CA VAL C 49 -31.57 -8.35 26.03
C VAL C 49 -30.85 -7.72 27.19
N GLY C 50 -30.31 -6.52 26.94
CA GLY C 50 -29.75 -5.70 28.00
C GLY C 50 -30.13 -4.26 27.79
N LYS C 51 -30.50 -3.56 28.87
CA LYS C 51 -30.70 -2.09 28.82
C LYS C 51 -29.97 -1.40 29.95
N ASN C 52 -29.34 -0.28 29.64
CA ASN C 52 -28.82 0.59 30.69
C ASN C 52 -29.02 2.03 30.28
N PHE C 53 -30.08 2.64 30.81
CA PHE C 53 -30.59 3.95 30.35
C PHE C 53 -30.89 3.88 28.85
N GLU C 54 -30.34 4.75 28.01
CA GLU C 54 -30.57 4.74 26.55
C GLU C 54 -29.99 3.50 25.87
N TYR C 55 -28.88 3.03 26.41
CA TYR C 55 -28.06 2.02 25.74
C TYR C 55 -28.66 0.61 25.75
N VAL C 56 -28.40 -0.14 24.69
CA VAL C 56 -28.88 -1.53 24.61
C VAL C 56 -27.82 -2.54 24.10
N ILE C 57 -28.03 -3.79 24.47
CA ILE C 57 -27.51 -4.91 23.74
C ILE C 57 -28.80 -5.51 23.19
N GLU C 58 -28.77 -5.89 21.91
CA GLU C 58 -29.92 -6.47 21.19
C GLU C 58 -29.48 -7.83 20.67
N SER C 59 -30.36 -8.83 20.76
CA SER C 59 -30.07 -10.11 20.12
C SER C 59 -30.93 -10.26 18.86
N ALA C 60 -30.38 -10.88 17.81
CA ALA C 60 -31.15 -11.16 16.60
C ALA C 60 -30.71 -12.43 15.87
N ARG C 61 -31.64 -13.05 15.14
CA ARG C 61 -31.35 -14.17 14.26
C ARG C 61 -31.27 -13.64 12.85
N ALA C 62 -30.11 -13.80 12.24
CA ALA C 62 -29.96 -13.39 10.88
C ALA C 62 -30.37 -14.59 10.03
N GLU C 63 -31.18 -14.32 9.00
CA GLU C 63 -31.70 -15.37 8.11
C GLU C 63 -32.01 -14.80 6.72
N GLY C 64 -31.29 -15.29 5.72
CA GLY C 64 -31.43 -14.69 4.40
C GLY C 64 -30.88 -13.28 4.47
N THR C 65 -31.53 -12.38 3.74
CA THR C 65 -31.01 -11.02 3.49
C THR C 65 -31.91 -10.02 4.15
N SER C 66 -31.37 -9.17 5.02
CA SER C 66 -32.22 -8.18 5.73
C SER C 66 -32.50 -6.95 4.87
N GLY C 67 -33.34 -6.04 5.35
CA GLY C 67 -33.42 -4.68 4.77
C GLY C 67 -32.13 -3.91 5.00
N TRP C 68 -32.12 -2.61 4.66
CA TRP C 68 -30.96 -1.77 4.92
C TRP C 68 -31.17 -1.00 6.22
N PHE C 69 -30.08 -0.72 6.91
CA PHE C 69 -30.12 0.05 8.15
C PHE C 69 -29.16 1.21 8.04
N SER C 70 -29.41 2.27 8.82
CA SER C 70 -28.39 3.30 9.11
C SER C 70 -28.65 3.91 10.49
N CYS C 71 -27.68 4.64 11.02
CA CYS C 71 -27.78 5.11 12.40
C CYS C 71 -27.12 6.49 12.56
N ALA C 72 -27.52 7.25 13.59
CA ALA C 72 -26.95 8.61 13.75
C ALA C 72 -25.66 8.52 14.53
N HIS C 73 -25.31 7.33 14.99
CA HIS C 73 -24.11 7.12 15.79
C HIS C 73 -23.52 5.73 15.48
N ASP C 74 -22.21 5.54 15.70
CA ASP C 74 -21.57 4.22 15.60
C ASP C 74 -22.42 3.13 16.28
N GLU C 75 -22.35 1.91 15.74
CA GLU C 75 -22.88 0.70 16.40
C GLU C 75 -21.87 -0.42 16.18
N PHE C 76 -22.03 -1.55 16.87
CA PHE C 76 -21.16 -2.68 16.64
C PHE C 76 -21.96 -3.97 16.60
N VAL C 77 -21.52 -4.94 15.81
CA VAL C 77 -22.21 -6.22 15.74
C VAL C 77 -21.22 -7.36 16.07
N LEU C 78 -21.65 -8.24 16.97
CA LEU C 78 -20.88 -9.40 17.33
C LEU C 78 -21.61 -10.69 16.90
N ALA C 79 -20.99 -11.45 16.01
CA ALA C 79 -21.52 -12.74 15.54
C ALA C 79 -21.37 -13.77 16.62
N MET C 80 -22.47 -14.45 16.95
CA MET C 80 -22.43 -15.36 18.05
C MET C 80 -22.46 -16.83 17.65
N ASP C 81 -22.80 -17.15 16.39
CA ASP C 81 -22.97 -18.53 15.93
C ASP C 81 -23.29 -18.57 14.45
N GLY C 82 -22.30 -18.86 13.59
CA GLY C 82 -22.58 -19.02 12.17
C GLY C 82 -22.15 -17.88 11.26
N GLN C 83 -21.91 -18.20 10.00
CA GLN C 83 -21.48 -17.18 9.04
C GLN C 83 -22.53 -16.08 8.71
N ILE C 84 -22.20 -14.84 9.05
CA ILE C 84 -23.03 -13.68 8.69
C ILE C 84 -22.23 -12.71 7.78
N GLU C 85 -22.79 -12.43 6.60
CA GLU C 85 -22.19 -11.46 5.65
C GLU C 85 -22.71 -10.00 5.90
N VAL C 86 -21.78 -9.03 5.92
CA VAL C 86 -22.11 -7.61 6.16
C VAL C 86 -21.74 -6.74 4.96
N HIS C 87 -22.71 -5.96 4.47
CA HIS C 87 -22.49 -5.03 3.33
C HIS C 87 -22.57 -3.59 3.81
N LEU C 88 -21.59 -2.78 3.38
CA LEU C 88 -21.51 -1.37 3.75
C LEU C 88 -21.56 -0.46 2.53
N LEU C 89 -22.40 0.57 2.64
CA LEU C 89 -22.56 1.59 1.62
C LEU C 89 -22.44 3.01 2.24
N LYS C 90 -21.55 3.86 1.71
CA LYS C 90 -21.45 5.25 2.14
C LYS C 90 -22.58 6.02 1.51
N LEU C 91 -23.42 6.65 2.33
CA LEU C 91 -24.54 7.41 1.81
C LEU C 91 -24.12 8.80 1.32
N ASP C 92 -24.55 9.14 0.10
CA ASP C 92 -24.45 10.50 -0.48
C ASP C 92 -25.04 11.57 0.46
N ASN C 93 -26.20 11.28 1.04
CA ASN C 93 -26.93 12.22 1.89
C ASN C 93 -27.63 11.47 3.05
N SER C 94 -26.92 11.16 4.13
CA SER C 94 -27.55 10.34 5.19
C SER C 94 -28.68 11.04 5.94
N ASP C 95 -28.74 12.37 5.93
CA ASP C 95 -29.90 13.06 6.52
C ASP C 95 -31.20 12.78 5.77
N ALA C 96 -31.07 12.22 4.57
CA ALA C 96 -32.20 11.79 3.79
C ALA C 96 -32.83 10.51 4.34
N TYR C 97 -32.06 9.69 5.05
CA TYR C 97 -32.66 8.45 5.57
C TYR C 97 -32.76 8.44 7.11
N VAL C 98 -31.75 9.00 7.77
CA VAL C 98 -31.75 8.99 9.22
C VAL C 98 -31.68 10.39 9.75
N ASP C 99 -32.71 10.73 10.52
CA ASP C 99 -32.75 11.94 11.33
C ASP C 99 -31.47 11.96 12.14
N PRO C 100 -30.66 13.02 12.02
CA PRO C 100 -29.59 12.98 13.01
C PRO C 100 -30.24 13.55 14.27
N ASP C 101 -29.62 13.38 15.43
CA ASP C 101 -30.31 13.66 16.71
C ASP C 101 -31.39 12.62 17.08
N SER C 102 -31.75 11.76 16.14
CA SER C 102 -32.35 10.48 16.54
C SER C 102 -31.22 9.57 17.04
N GLU C 103 -31.58 8.51 17.74
CA GLU C 103 -30.59 7.49 18.12
C GLU C 103 -31.15 6.07 17.92
N GLY C 104 -30.26 5.10 17.79
CA GLY C 104 -30.68 3.73 17.52
C GLY C 104 -30.80 3.50 16.03
N ALA C 105 -30.67 2.25 15.62
CA ALA C 105 -30.72 1.95 14.20
C ALA C 105 -32.12 2.29 13.64
N VAL C 106 -32.12 2.76 12.39
CA VAL C 106 -33.30 3.07 11.58
C VAL C 106 -33.43 1.99 10.47
N ALA C 107 -34.63 1.46 10.25
CA ALA C 107 -34.80 0.55 9.13
C ALA C 107 -35.09 1.43 7.96
N ILE C 108 -34.26 1.34 6.93
CA ILE C 108 -34.40 2.26 5.80
C ILE C 108 -34.87 1.62 4.52
N GLY C 109 -35.48 0.44 4.60
CA GLY C 109 -36.13 -0.16 3.46
C GLY C 109 -35.20 -1.07 2.73
N GLU C 110 -35.75 -1.81 1.79
CA GLU C 110 -35.03 -2.88 1.10
C GLU C 110 -34.39 -2.42 -0.22
N ALA C 111 -34.92 -1.34 -0.78
CA ALA C 111 -34.33 -0.73 -1.95
C ALA C 111 -32.90 -0.28 -1.59
N LEU C 112 -32.01 -0.38 -2.57
CA LEU C 112 -30.61 0.03 -2.44
C LEU C 112 -30.53 1.54 -2.22
N PRO C 113 -29.99 1.98 -1.06
CA PRO C 113 -29.79 3.42 -0.77
C PRO C 113 -28.81 4.07 -1.73
N GLU C 114 -28.98 5.38 -1.95
CA GLU C 114 -28.11 6.15 -2.85
C GLU C 114 -26.73 6.36 -2.24
N GLY C 115 -25.69 5.90 -2.91
CA GLY C 115 -24.34 6.08 -2.39
C GLY C 115 -23.34 5.15 -3.03
N ARG C 116 -22.16 5.03 -2.41
CA ARG C 116 -21.05 4.30 -2.98
C ARG C 116 -20.75 3.01 -2.22
N LYS C 117 -20.36 1.99 -2.96
CA LYS C 117 -19.98 0.70 -2.39
C LYS C 117 -18.76 0.90 -1.51
N MET C 118 -18.91 0.53 -0.24
CA MET C 118 -17.88 0.77 0.77
C MET C 118 -17.01 -0.47 1.04
N GLY C 119 -17.63 -1.64 1.11
CA GLY C 119 -16.91 -2.86 1.39
C GLY C 119 -17.80 -3.99 1.88
N ARG C 120 -17.16 -5.13 2.07
CA ARG C 120 -17.86 -6.34 2.43
C ARG C 120 -17.09 -6.97 3.58
N ILE C 121 -17.83 -7.52 4.54
CA ILE C 121 -17.21 -8.17 5.65
C ILE C 121 -17.90 -9.50 5.82
N VAL C 122 -17.12 -10.59 5.97
CA VAL C 122 -17.71 -11.88 6.35
C VAL C 122 -17.30 -12.30 7.78
N LEU C 123 -18.31 -12.37 8.66
CA LEU C 123 -18.13 -12.71 10.06
C LEU C 123 -18.47 -14.15 10.40
N ARG C 124 -17.63 -14.75 11.24
CA ARG C 124 -17.99 -16.00 11.93
C ARG C 124 -18.10 -15.82 13.48
N ARG C 125 -18.38 -16.92 14.18
CA ARG C 125 -18.64 -16.88 15.60
C ARG C 125 -17.48 -16.22 16.30
N GLY C 126 -17.79 -15.23 17.14
CA GLY C 126 -16.75 -14.49 17.88
C GLY C 126 -16.10 -13.31 17.18
N HIS C 127 -16.56 -13.01 15.97
CA HIS C 127 -16.05 -11.87 15.21
C HIS C 127 -16.92 -10.63 15.40
N MET C 128 -16.27 -9.49 15.61
CA MET C 128 -16.99 -8.22 15.74
C MET C 128 -16.66 -7.25 14.59
N ALA C 129 -17.66 -6.49 14.13
CA ALA C 129 -17.51 -5.46 13.08
C ALA C 129 -18.07 -4.10 13.48
N LEU C 130 -17.41 -3.04 13.02
CA LEU C 130 -17.88 -1.67 13.15
C LEU C 130 -19.05 -1.41 12.19
N LEU C 131 -20.13 -0.79 12.69
CA LEU C 131 -21.18 -0.26 11.86
C LEU C 131 -21.06 1.26 11.98
N PRO C 132 -20.25 1.86 11.11
CA PRO C 132 -19.90 3.26 11.29
C PRO C 132 -21.02 4.24 10.93
N VAL C 133 -21.18 5.26 11.77
CA VAL C 133 -22.06 6.39 11.51
C VAL C 133 -21.86 6.93 10.08
N GLY C 134 -22.98 7.30 9.43
CA GLY C 134 -22.98 7.70 8.00
C GLY C 134 -22.88 6.58 6.97
N ALA C 135 -22.83 5.33 7.44
CA ALA C 135 -22.89 4.18 6.50
C ALA C 135 -24.29 3.56 6.53
N ALA C 136 -24.62 2.87 5.45
CA ALA C 136 -25.82 2.04 5.38
C ALA C 136 -25.36 0.59 5.41
N TYR C 137 -26.03 -0.27 6.18
CA TYR C 137 -25.56 -1.67 6.25
C TYR C 137 -26.67 -2.65 6.07
N ARG C 138 -26.30 -3.87 5.69
CA ARG C 138 -27.26 -4.95 5.43
C ARG C 138 -26.54 -6.24 5.79
N PHE C 139 -27.30 -7.34 5.94
CA PHE C 139 -26.76 -8.68 6.23
C PHE C 139 -27.31 -9.75 5.33
N TYR C 140 -26.45 -10.70 5.02
CA TYR C 140 -26.93 -11.93 4.47
C TYR C 140 -26.43 -13.13 5.31
N ALA C 141 -27.32 -14.07 5.58
CA ALA C 141 -26.96 -15.31 6.26
C ALA C 141 -27.60 -16.47 5.52
N GLU C 142 -26.79 -17.36 4.96
CA GLU C 142 -27.31 -18.56 4.30
C GLU C 142 -28.12 -19.46 5.23
N GLN C 143 -27.59 -19.73 6.42
CA GLN C 143 -28.33 -20.46 7.45
C GLN C 143 -28.53 -19.55 8.64
N PRO C 144 -29.65 -19.74 9.40
CA PRO C 144 -29.86 -18.97 10.63
C PRO C 144 -28.56 -18.84 11.40
N ALA C 145 -28.28 -17.63 11.88
CA ALA C 145 -27.08 -17.33 12.66
C ALA C 145 -27.46 -16.32 13.74
N ALA C 146 -26.80 -16.41 14.91
CA ALA C 146 -27.06 -15.50 16.05
C ALA C 146 -26.08 -14.35 16.09
N MET C 147 -26.58 -13.15 16.42
CA MET C 147 -25.72 -11.95 16.46
C MET C 147 -26.18 -10.99 17.52
N LEU C 148 -25.27 -10.11 17.98
CA LEU C 148 -25.54 -9.09 18.96
C LEU C 148 -25.19 -7.66 18.47
N PHE C 149 -26.05 -6.68 18.77
CA PHE C 149 -25.72 -5.28 18.51
C PHE C 149 -25.48 -4.55 19.82
N GLN C 150 -24.45 -3.70 19.78
CA GLN C 150 -24.23 -2.67 20.78
C GLN C 150 -24.75 -1.39 20.12
N SER C 151 -25.85 -0.90 20.68
CA SER C 151 -26.52 0.27 20.12
C SER C 151 -27.24 1.10 21.21
N ILE C 152 -28.15 1.95 20.74
CA ILE C 152 -29.03 2.72 21.59
C ILE C 152 -30.49 2.38 21.26
N GLU C 153 -31.34 2.50 22.29
CA GLU C 153 -32.81 2.34 22.20
C GLU C 153 -33.44 3.21 21.09
N GLY C 154 -33.88 2.59 20.02
CA GLY C 154 -34.56 3.32 18.95
C GLY C 154 -35.71 2.59 18.28
N ALA C 155 -35.93 2.97 17.03
CA ALA C 155 -37.05 2.53 16.17
C ALA C 155 -37.06 1.06 15.80
N VAL C 156 -35.92 0.37 15.94
CA VAL C 156 -35.92 -1.06 15.72
C VAL C 156 -35.87 -1.89 17.01
N THR C 157 -35.56 -1.23 18.12
CA THR C 157 -35.38 -1.94 19.40
C THR C 157 -36.68 -2.53 19.92
N VAL C 158 -36.73 -3.87 20.02
CA VAL C 158 -37.91 -4.55 20.58
C VAL C 158 -37.69 -4.95 22.05
N GLN C 159 -38.60 -4.49 22.91
CA GLN C 159 -38.55 -4.80 24.32
C GLN C 159 -39.63 -5.81 24.68
N LYS C 160 -39.25 -7.09 24.79
CA LYS C 160 -40.15 -8.16 25.28
C LYS C 160 -39.76 -8.56 26.71
N TRP C 161 -39.59 -7.61 27.62
CA TRP C 161 -38.87 -7.84 28.91
C TRP C 161 -39.36 -8.99 29.82
N GLY C 162 -40.65 -8.96 30.17
CA GLY C 162 -41.26 -9.96 31.06
C GLY C 162 -41.32 -11.38 30.50
N GLU C 163 -41.31 -11.51 29.17
CA GLU C 163 -41.40 -12.83 28.52
C GLU C 163 -40.09 -13.40 27.91
N ILE C 164 -38.95 -12.73 28.09
CA ILE C 164 -37.63 -13.32 27.75
C ILE C 164 -36.82 -13.69 29.00
N CYS C 165 -37.08 -12.96 30.10
CA CYS C 165 -36.32 -13.08 31.36
C CYS C 165 -36.95 -14.08 32.34
N GLN C 166 -36.14 -14.50 33.32
CA GLN C 166 -36.54 -15.46 34.39
C GLN C 166 -37.34 -14.80 35.54
N THR C 167 -38.68 -14.87 35.45
CA THR C 167 -39.59 -14.20 36.39
C THR C 167 -39.86 -14.97 37.71
N GLU C 168 -39.67 -16.29 37.66
CA GLU C 168 -39.74 -17.18 38.84
C GLU C 168 -38.32 -17.68 39.18
N SER D 15 -13.62 20.62 55.37
CA SER D 15 -12.90 19.31 55.49
C SER D 15 -12.44 18.74 54.12
N LYS D 16 -11.15 18.84 53.85
CA LYS D 16 -10.56 18.35 52.61
C LYS D 16 -10.37 16.83 52.58
N ALA D 17 -10.10 16.33 51.39
CA ALA D 17 -9.62 14.96 51.22
C ALA D 17 -8.14 14.94 51.59
N ARG D 18 -7.62 13.82 52.09
CA ARG D 18 -6.25 13.78 52.62
C ARG D 18 -5.21 13.32 51.58
N THR D 19 -3.95 13.59 51.89
CA THR D 19 -2.84 13.19 51.03
C THR D 19 -1.62 12.72 51.84
N ASP D 20 -1.79 12.55 53.15
CA ASP D 20 -0.67 12.18 54.03
C ASP D 20 -0.40 10.66 53.99
N THR D 21 0.65 10.25 53.27
CA THR D 21 1.06 8.86 53.19
C THR D 21 2.51 8.80 53.55
N GLU D 22 3.05 7.61 53.78
CA GLU D 22 4.40 7.50 54.32
C GLU D 22 4.98 6.10 54.13
N HIS D 23 6.24 6.06 53.71
CA HIS D 23 7.10 4.88 53.78
C HIS D 23 7.53 4.71 55.24
N LEU D 24 7.31 3.54 55.85
CA LEU D 24 7.79 3.33 57.22
C LEU D 24 9.06 2.50 57.14
N ALA D 25 9.47 1.93 58.26
CA ALA D 25 10.70 1.14 58.31
C ALA D 25 10.67 -0.19 57.51
N ILE D 26 11.87 -0.70 57.26
CA ILE D 26 12.09 -2.00 56.65
C ILE D 26 12.42 -3.02 57.75
N ASN D 27 11.49 -3.93 58.04
CA ASN D 27 11.71 -4.96 59.04
C ASN D 27 12.92 -5.83 58.73
N ASN D 28 13.81 -5.98 59.70
CA ASN D 28 15.05 -6.72 59.42
C ASN D 28 14.93 -8.21 59.13
N GLU D 29 14.06 -8.92 59.82
CA GLU D 29 13.88 -10.35 59.52
C GLU D 29 12.93 -10.62 58.35
N THR D 30 11.80 -9.91 58.24
CA THR D 30 10.88 -10.16 57.13
C THR D 30 11.48 -9.65 55.81
N GLY D 31 12.20 -8.55 55.86
CA GLY D 31 12.69 -7.91 54.66
C GLY D 31 11.68 -7.01 53.96
N TYR D 32 10.45 -6.96 54.47
CA TYR D 32 9.38 -6.12 53.89
C TYR D 32 9.27 -4.73 54.51
N ARG D 33 8.91 -3.75 53.70
CA ARG D 33 8.61 -2.41 54.21
C ARG D 33 7.11 -2.27 54.58
N SER D 34 6.82 -1.35 55.50
CA SER D 34 5.45 -1.16 55.90
C SER D 34 5.05 0.29 55.64
N PHE D 35 3.76 0.55 55.55
CA PHE D 35 3.29 1.77 54.96
C PHE D 35 2.16 2.40 55.75
N ARG D 36 2.11 3.73 55.71
CA ARG D 36 0.98 4.46 56.30
C ARG D 36 0.24 5.20 55.22
N ALA D 37 -1.07 5.15 55.28
CA ALA D 37 -1.89 6.03 54.49
C ALA D 37 -2.97 6.60 55.42
N GLY D 38 -2.81 7.89 55.76
CA GLY D 38 -3.64 8.55 56.78
C GLY D 38 -3.45 7.82 58.09
N GLY D 39 -4.55 7.41 58.70
CA GLY D 39 -4.46 6.68 59.96
C GLY D 39 -4.34 5.17 59.83
N PHE D 40 -4.17 4.67 58.59
CA PHE D 40 -4.08 3.24 58.32
C PHE D 40 -2.62 2.86 58.19
N THR D 41 -2.29 1.67 58.68
CA THR D 41 -0.93 1.16 58.51
C THR D 41 -1.00 -0.23 57.85
N PHE D 42 0.04 -0.57 57.09
CA PHE D 42 0.10 -1.81 56.33
C PHE D 42 1.41 -2.51 56.61
N THR D 43 1.31 -3.69 57.24
CA THR D 43 2.47 -4.57 57.43
C THR D 43 2.18 -5.97 56.85
N ARG D 44 3.17 -6.60 56.21
CA ARG D 44 3.02 -8.00 55.82
C ARG D 44 4.16 -8.81 56.41
N ASP D 45 3.88 -10.07 56.76
CA ASP D 45 4.91 -10.95 57.23
C ASP D 45 4.90 -12.14 56.30
N GLU D 46 5.19 -13.33 56.83
CA GLU D 46 5.34 -14.51 55.98
C GLU D 46 4.02 -14.95 55.31
N TYR D 47 2.89 -14.70 55.96
CA TYR D 47 1.61 -15.30 55.58
C TYR D 47 0.50 -14.27 55.46
N PHE D 48 0.68 -13.11 56.05
CA PHE D 48 -0.47 -12.25 56.34
C PHE D 48 -0.24 -10.81 55.94
N ALA D 49 -1.31 -10.12 55.56
CA ALA D 49 -1.26 -8.67 55.55
C ALA D 49 -1.98 -8.24 56.79
N ARG D 50 -1.28 -7.43 57.60
CA ARG D 50 -1.77 -6.91 58.86
C ARG D 50 -2.05 -5.42 58.75
N LEU D 51 -3.32 -5.09 58.87
CA LEU D 51 -3.78 -3.71 58.77
C LEU D 51 -4.16 -3.18 60.14
N THR D 52 -3.93 -1.88 60.33
CA THR D 52 -4.44 -1.17 61.51
C THR D 52 -5.12 0.15 61.17
N TRP D 53 -5.97 0.61 62.05
CA TRP D 53 -6.47 1.96 61.96
C TRP D 53 -6.80 2.37 63.40
N PRO D 54 -7.04 3.66 63.67
CA PRO D 54 -7.28 4.01 65.08
C PRO D 54 -8.39 3.19 65.68
N GLY D 55 -8.07 2.34 66.66
CA GLY D 55 -9.08 1.55 67.38
C GLY D 55 -9.44 0.20 66.77
N GLY D 56 -8.76 -0.19 65.68
CA GLY D 56 -9.06 -1.50 65.09
C GLY D 56 -7.86 -2.17 64.47
N SER D 57 -8.00 -3.47 64.20
CA SER D 57 -7.01 -4.24 63.48
C SER D 57 -7.68 -5.36 62.73
N HIS D 58 -6.99 -5.91 61.71
CA HIS D 58 -7.52 -6.97 60.85
C HIS D 58 -6.37 -7.63 60.12
N ILE D 59 -6.55 -8.91 59.80
CA ILE D 59 -5.59 -9.70 59.05
C ILE D 59 -6.31 -10.19 57.81
N ILE D 60 -5.58 -10.19 56.69
CA ILE D 60 -5.99 -10.87 55.47
C ILE D 60 -4.83 -11.75 55.01
N PRO D 61 -5.09 -13.00 54.61
CA PRO D 61 -3.99 -13.78 54.05
C PRO D 61 -3.41 -13.08 52.82
N ILE D 62 -2.11 -13.23 52.62
CA ILE D 62 -1.37 -12.36 51.73
C ILE D 62 -1.64 -12.56 50.23
N ASP D 63 -1.85 -13.81 49.80
CA ASP D 63 -2.28 -14.09 48.40
C ASP D 63 -3.54 -13.34 48.08
N ALA D 64 -4.56 -13.51 48.92
CA ALA D 64 -5.84 -12.85 48.76
C ALA D 64 -5.67 -11.33 48.74
N PHE D 65 -4.92 -10.80 49.69
CA PHE D 65 -4.66 -9.37 49.74
C PHE D 65 -4.00 -8.86 48.47
N LEU D 66 -2.94 -9.54 48.02
CA LEU D 66 -2.16 -9.07 46.89
C LEU D 66 -2.96 -9.16 45.62
N ARG D 67 -3.77 -10.21 45.47
CA ARG D 67 -4.73 -10.34 44.35
C ARG D 67 -5.75 -9.20 44.31
N ALA D 68 -6.33 -8.89 45.47
CA ALA D 68 -7.25 -7.74 45.64
C ALA D 68 -6.52 -6.42 45.39
N MET D 69 -5.35 -6.24 45.99
CA MET D 69 -4.62 -4.99 45.73
C MET D 69 -4.33 -4.80 44.20
N MET D 70 -3.90 -5.88 43.55
CA MET D 70 -3.64 -5.83 42.14
C MET D 70 -4.82 -5.22 41.36
N ARG D 71 -6.04 -5.70 41.62
CA ARG D 71 -7.23 -5.21 40.93
C ARG D 71 -7.57 -3.76 41.22
N ASP D 72 -7.44 -3.35 42.49
CA ASP D 72 -7.75 -1.99 42.86
C ASP D 72 -6.86 -0.94 42.13
N VAL D 73 -5.56 -1.27 42.05
CA VAL D 73 -4.54 -0.49 41.35
C VAL D 73 -4.77 -0.52 39.83
N ALA D 74 -4.80 -1.71 39.24
CA ALA D 74 -4.97 -1.84 37.80
C ALA D 74 -6.29 -1.21 37.32
N TRP D 75 -7.35 -1.30 38.15
CA TRP D 75 -8.66 -0.74 37.77
C TRP D 75 -8.79 0.73 38.11
N GLY D 76 -7.70 1.35 38.57
CA GLY D 76 -7.72 2.75 39.05
C GLY D 76 -8.86 3.01 40.03
N PHE D 77 -9.07 2.07 40.98
CA PHE D 77 -10.17 2.12 41.97
C PHE D 77 -11.59 1.85 41.42
N PHE D 78 -11.71 1.56 40.12
CA PHE D 78 -12.95 0.96 39.57
C PHE D 78 -14.24 1.84 39.72
N TYR D 79 -15.42 1.25 39.56
CA TYR D 79 -16.68 1.97 39.79
C TYR D 79 -17.20 1.54 41.13
N GLY D 80 -17.61 2.52 41.94
CA GLY D 80 -18.12 2.25 43.29
C GLY D 80 -17.18 1.53 44.27
N VAL D 81 -17.73 0.47 44.91
CA VAL D 81 -17.10 -0.15 46.05
C VAL D 81 -16.33 -1.38 45.62
N VAL D 82 -15.05 -1.41 46.00
CA VAL D 82 -14.18 -2.61 45.83
C VAL D 82 -13.87 -3.20 47.21
N ASN D 83 -14.67 -4.19 47.62
CA ASN D 83 -14.44 -4.81 48.93
C ASN D 83 -13.34 -5.88 48.85
N PHE D 84 -12.16 -5.64 49.46
CA PHE D 84 -11.15 -6.71 49.57
C PHE D 84 -11.72 -7.95 50.29
N ASP D 85 -12.58 -7.73 51.29
CA ASP D 85 -13.28 -8.79 52.00
C ASP D 85 -14.45 -8.18 52.75
N HIS D 86 -15.00 -8.96 53.65
CA HIS D 86 -16.12 -8.53 54.53
C HIS D 86 -15.79 -7.29 55.38
N VAL D 87 -14.52 -6.87 55.43
CA VAL D 87 -14.11 -5.72 56.27
C VAL D 87 -13.52 -4.51 55.50
N PHE D 88 -12.42 -4.76 54.77
CA PHE D 88 -11.58 -3.71 54.22
C PHE D 88 -11.84 -3.44 52.72
N GLY D 89 -11.90 -2.16 52.32
CA GLY D 89 -11.93 -1.81 50.88
C GLY D 89 -11.87 -0.32 50.55
N THR D 90 -12.22 0.03 49.31
CA THR D 90 -12.21 1.44 48.87
C THR D 90 -13.54 1.72 48.19
N ILE D 91 -13.94 3.00 48.20
CA ILE D 91 -15.08 3.47 47.42
C ILE D 91 -14.52 4.53 46.50
N ASN D 92 -14.81 4.42 45.20
CA ASN D 92 -14.34 5.39 44.26
C ASN D 92 -15.28 6.57 44.16
N HIS D 93 -14.70 7.76 44.26
CA HIS D 93 -15.51 8.97 44.07
C HIS D 93 -15.06 9.72 42.80
N TYR D 94 -14.13 9.14 42.04
CA TYR D 94 -13.69 9.67 40.73
C TYR D 94 -12.94 10.99 40.87
N GLY D 95 -11.66 10.90 41.23
CA GLY D 95 -10.86 12.03 41.71
C GLY D 95 -10.47 11.89 43.18
N GLU D 96 -11.40 11.40 44.01
CA GLU D 96 -11.11 11.10 45.41
C GLU D 96 -11.57 9.69 45.74
N VAL D 97 -11.12 9.16 46.87
CA VAL D 97 -11.45 7.81 47.19
C VAL D 97 -11.46 7.60 48.70
N THR D 98 -12.55 7.01 49.19
CA THR D 98 -12.65 6.55 50.56
C THR D 98 -12.00 5.17 50.74
N MET D 99 -11.24 5.02 51.83
CA MET D 99 -10.76 3.71 52.25
C MET D 99 -11.35 3.42 53.60
N PHE D 100 -11.84 2.20 53.76
CA PHE D 100 -12.62 1.89 54.92
C PHE D 100 -12.21 0.62 55.64
N ALA D 101 -12.61 0.57 56.93
CA ALA D 101 -12.69 -0.69 57.69
C ALA D 101 -14.06 -0.77 58.27
N GLY D 102 -14.89 -1.66 57.72
CA GLY D 102 -16.18 -2.01 58.31
C GLY D 102 -17.37 -1.21 57.82
N ARG D 103 -17.18 -0.42 56.77
CA ARG D 103 -18.24 0.46 56.27
C ARG D 103 -19.49 -0.34 55.81
N PHE D 104 -19.28 -1.57 55.38
CA PHE D 104 -20.37 -2.34 54.84
C PHE D 104 -20.44 -3.69 55.56
N ASN D 105 -20.26 -3.60 56.87
CA ASN D 105 -20.34 -4.74 57.77
C ASN D 105 -21.24 -4.32 58.92
N ASP D 106 -22.47 -4.82 58.95
CA ASP D 106 -23.41 -4.36 59.95
C ASP D 106 -22.91 -4.58 61.39
N ALA D 107 -22.03 -5.55 61.62
CA ALA D 107 -21.54 -5.71 62.97
C ALA D 107 -20.79 -4.47 63.41
N TYR D 108 -19.87 -4.00 62.55
CA TYR D 108 -19.09 -2.79 62.82
C TYR D 108 -19.93 -1.49 62.86
N ARG D 109 -20.83 -1.32 61.88
CA ARG D 109 -21.67 -0.13 61.81
C ARG D 109 -22.55 0.06 63.04
N ASN D 110 -23.22 -0.99 63.46
CA ASN D 110 -24.04 -0.95 64.65
C ASN D 110 -23.32 -0.49 65.91
N ALA D 111 -22.02 -0.76 65.99
CA ALA D 111 -21.30 -0.50 67.21
C ALA D 111 -20.51 0.80 67.17
N GLY D 112 -20.64 1.55 66.06
CA GLY D 112 -19.83 2.75 65.82
C GLY D 112 -18.36 2.41 65.69
N ARG D 113 -18.03 1.32 65.01
CA ARG D 113 -16.66 0.82 64.98
C ARG D 113 -16.05 0.81 63.60
N ASP D 114 -16.84 1.18 62.60
CA ASP D 114 -16.36 1.32 61.23
C ASP D 114 -15.55 2.57 61.15
N HIS D 115 -14.51 2.57 60.34
CA HIS D 115 -13.69 3.77 60.25
C HIS D 115 -13.50 4.11 58.76
N GLU D 116 -13.70 5.37 58.38
CA GLU D 116 -13.48 5.85 56.98
C GLU D 116 -12.53 7.07 56.86
N GLU D 117 -11.69 7.06 55.82
CA GLU D 117 -10.77 8.16 55.53
C GLU D 117 -10.82 8.48 54.04
N ARG D 118 -11.15 9.73 53.73
CA ARG D 118 -11.19 10.24 52.35
C ARG D 118 -9.84 10.81 51.83
N PHE D 119 -9.34 10.25 50.72
CA PHE D 119 -8.07 10.70 50.12
C PHE D 119 -8.22 11.27 48.71
N LYS D 120 -7.22 12.04 48.29
CA LYS D 120 -7.07 12.38 46.88
C LYS D 120 -6.62 11.10 46.23
N SER D 121 -7.24 10.75 45.09
CA SER D 121 -6.99 9.44 44.48
C SER D 121 -5.54 9.25 44.06
N SER D 122 -4.93 10.31 43.59
CA SER D 122 -3.52 10.28 43.23
C SER D 122 -2.55 9.89 44.40
N ALA D 123 -2.87 10.39 45.60
CA ALA D 123 -2.06 10.13 46.79
C ALA D 123 -2.31 8.72 47.27
N LEU D 124 -3.58 8.27 47.23
CA LEU D 124 -3.88 6.92 47.68
C LEU D 124 -3.35 5.84 46.74
N MET D 125 -3.37 6.11 45.43
CA MET D 125 -2.85 5.19 44.40
C MET D 125 -1.33 5.01 44.54
N ALA D 126 -0.61 6.12 44.76
CA ALA D 126 0.84 6.03 44.83
C ALA D 126 1.25 5.10 45.97
N VAL D 127 0.49 5.11 47.07
CA VAL D 127 0.90 4.26 48.18
C VAL D 127 0.56 2.77 47.91
N PHE D 128 -0.63 2.50 47.37
CA PHE D 128 -0.94 1.14 46.91
C PHE D 128 0.12 0.49 45.98
N LYS D 129 0.62 1.25 45.02
CA LYS D 129 1.58 0.73 44.07
C LYS D 129 2.87 0.40 44.78
N ASP D 130 3.25 1.27 45.71
CA ASP D 130 4.42 1.03 46.54
C ASP D 130 4.27 -0.26 47.36
N ILE D 131 3.12 -0.41 48.01
CA ILE D 131 2.78 -1.62 48.76
C ILE D 131 2.87 -2.86 47.85
N LEU D 132 2.18 -2.75 46.72
CA LEU D 132 2.10 -3.82 45.76
C LEU D 132 3.49 -4.20 45.19
N SER D 133 4.28 -3.19 44.87
CA SER D 133 5.64 -3.40 44.45
C SER D 133 6.49 -4.11 45.50
N ASP D 134 6.57 -3.52 46.70
CA ASP D 134 7.35 -4.08 47.82
C ASP D 134 6.92 -5.51 48.24
N TRP D 135 5.62 -5.73 48.39
CA TRP D 135 5.11 -7.02 48.87
C TRP D 135 5.06 -8.17 47.84
N THR D 136 5.22 -7.85 46.55
CA THR D 136 5.25 -8.88 45.53
C THR D 136 6.69 -9.36 45.29
N VAL D 137 6.90 -10.67 45.35
CA VAL D 137 8.24 -11.27 45.27
C VAL D 137 8.48 -11.93 43.88
N GLU D 138 9.72 -12.33 43.59
CA GLU D 138 10.04 -13.03 42.33
C GLU D 138 9.08 -14.19 42.09
N GLY D 139 8.57 -14.32 40.87
CA GLY D 139 7.77 -15.49 40.43
C GLY D 139 6.35 -15.58 40.97
N TYR D 140 5.89 -14.52 41.65
CA TYR D 140 4.48 -14.38 42.05
C TYR D 140 3.77 -13.32 41.22
N ASP D 141 2.76 -13.73 40.46
CA ASP D 141 2.03 -12.76 39.64
C ASP D 141 0.62 -12.72 40.21
N PRO D 142 0.29 -11.63 40.90
CA PRO D 142 -1.06 -11.53 41.48
C PRO D 142 -2.18 -11.18 40.47
N PHE D 143 -1.89 -11.19 39.16
CA PHE D 143 -2.91 -10.90 38.14
C PHE D 143 -3.32 -12.22 37.49
N ALA D 144 -2.59 -13.28 37.78
CA ALA D 144 -2.86 -14.62 37.22
C ALA D 144 -3.64 -15.59 38.18
N ALA D 145 -4.21 -16.66 37.61
CA ALA D 145 -4.84 -17.75 38.35
C ALA D 145 -3.81 -18.52 39.12
N PRO D 146 -4.24 -19.23 40.17
CA PRO D 146 -3.19 -19.91 40.96
C PRO D 146 -2.35 -20.97 40.23
N MET D 147 -2.93 -21.68 39.28
CA MET D 147 -2.17 -22.70 38.55
C MET D 147 -1.13 -22.11 37.58
N GLU D 148 -1.25 -20.82 37.29
CA GLU D 148 -0.34 -20.19 36.34
C GLU D 148 0.96 -19.63 36.95
N THR D 149 1.08 -19.63 38.28
CA THR D 149 2.13 -18.85 38.93
C THR D 149 2.64 -19.44 40.25
N GLY D 150 3.63 -18.80 40.88
CA GLY D 150 4.21 -19.32 42.11
C GLY D 150 3.51 -18.80 43.36
N LEU D 151 4.22 -18.80 44.48
CA LEU D 151 3.63 -18.47 45.78
C LEU D 151 4.13 -17.15 46.43
N PRO D 152 3.26 -16.42 47.15
CA PRO D 152 3.74 -15.19 47.75
C PRO D 152 4.32 -15.37 49.14
N TRP D 153 4.18 -16.57 49.74
CA TRP D 153 4.61 -16.82 51.15
C TRP D 153 6.09 -16.53 51.41
N GLY D 154 6.38 -16.20 52.67
CA GLY D 154 7.75 -16.17 53.18
C GLY D 154 8.33 -14.78 53.18
N ILE D 155 9.64 -14.73 53.40
CA ILE D 155 10.36 -13.47 53.54
C ILE D 155 10.62 -12.82 52.18
N LYS D 156 10.87 -11.50 52.19
CA LYS D 156 11.10 -10.80 50.92
C LYS D 156 12.16 -11.54 50.10
N ASN D 157 11.90 -11.65 48.80
CA ASN D 157 12.79 -12.31 47.89
C ASN D 157 12.60 -11.78 46.48
N GLY D 158 13.26 -10.68 46.18
CA GLY D 158 13.24 -10.13 44.83
C GLY D 158 11.90 -9.47 44.64
N ASN D 159 11.57 -9.23 43.36
CA ASN D 159 10.32 -8.58 43.03
C ASN D 159 9.76 -9.11 41.73
N ASN D 160 8.60 -8.59 41.33
CA ASN D 160 7.96 -8.90 40.06
C ASN D 160 7.20 -7.67 39.57
N ASP D 161 7.91 -6.56 39.51
CA ASP D 161 7.39 -5.29 39.04
C ASP D 161 6.85 -5.31 37.60
N GLU D 162 7.26 -6.26 36.78
CA GLU D 162 6.72 -6.34 35.43
C GLU D 162 5.28 -6.78 35.43
N ALA D 163 4.95 -7.71 36.32
CA ALA D 163 3.62 -8.32 36.32
C ALA D 163 2.62 -7.32 36.90
N ILE D 164 3.10 -6.49 37.82
CA ILE D 164 2.26 -5.44 38.39
C ILE D 164 2.29 -4.11 37.61
N SER D 165 3.22 -3.97 36.65
CA SER D 165 3.33 -2.74 35.80
C SER D 165 2.58 -2.81 34.50
N ARG D 166 1.80 -3.87 34.28
CA ARG D 166 1.15 -4.06 32.97
C ARG D 166 0.43 -2.81 32.45
N GLN D 167 0.61 -2.52 31.16
CA GLN D 167 -0.10 -1.46 30.43
C GLN D 167 -1.63 -1.72 30.42
N ARG D 168 -2.39 -0.71 30.86
CA ARG D 168 -3.84 -0.73 30.75
C ARG D 168 -4.16 -0.62 29.27
N VAL D 169 -5.16 -1.36 28.83
CA VAL D 169 -5.45 -1.34 27.42
C VAL D 169 -6.93 -1.02 27.20
N THR D 170 -7.18 0.04 26.43
CA THR D 170 -8.52 0.65 26.29
C THR D 170 -8.74 1.08 24.82
N ALA D 171 -9.78 0.54 24.19
CA ALA D 171 -10.12 1.00 22.87
C ALA D 171 -10.76 2.39 22.94
N ARG D 172 -10.34 3.29 22.06
CA ARG D 172 -11.00 4.58 21.95
C ARG D 172 -12.32 4.38 21.10
N ARG D 173 -12.23 3.57 20.05
CA ARG D 173 -13.37 3.24 19.24
C ARG D 173 -13.55 1.72 19.13
N MET D 174 -12.55 1.01 18.61
CA MET D 174 -12.62 -0.44 18.50
C MET D 174 -11.23 -1.00 18.28
N VAL D 175 -10.93 -2.10 18.96
CA VAL D 175 -9.71 -2.83 18.67
C VAL D 175 -9.52 -2.91 17.16
N GLY D 176 -8.28 -2.70 16.72
CA GLY D 176 -7.91 -2.93 15.35
C GLY D 176 -8.08 -1.75 14.42
N LEU D 177 -8.79 -0.71 14.85
CA LEU D 177 -8.98 0.45 13.96
C LEU D 177 -7.66 1.18 13.86
N PRO D 178 -7.45 1.99 12.77
CA PRO D 178 -6.19 2.73 12.69
C PRO D 178 -6.03 3.66 13.87
N GLY D 179 -4.82 3.64 14.42
CA GLY D 179 -4.49 4.41 15.61
C GLY D 179 -5.08 3.86 16.89
N ASP D 180 -6.00 2.89 16.81
CA ASP D 180 -6.65 2.40 18.03
C ASP D 180 -5.91 1.22 18.66
N THR D 181 -6.42 0.66 19.75
CA THR D 181 -5.68 -0.41 20.42
C THR D 181 -5.55 -1.61 19.46
N PRO D 182 -4.35 -2.25 19.39
CA PRO D 182 -4.10 -3.27 18.34
C PRO D 182 -4.72 -4.65 18.67
N VAL D 183 -4.85 -5.52 17.66
CA VAL D 183 -5.24 -6.91 17.91
C VAL D 183 -4.05 -7.62 18.57
N ARG D 184 -4.30 -8.74 19.23
CA ARG D 184 -3.24 -9.47 19.92
C ARG D 184 -2.68 -10.60 19.05
N THR D 185 -1.37 -10.77 18.98
CA THR D 185 -0.76 -11.91 18.26
C THR D 185 0.41 -12.48 19.04
N ASP D 186 0.93 -13.64 18.65
CA ASP D 186 2.21 -14.13 19.19
C ASP D 186 3.32 -13.07 19.01
N ALA D 187 3.48 -12.55 17.79
CA ALA D 187 4.53 -11.58 17.47
C ALA D 187 4.51 -10.33 18.37
N ASN D 188 3.34 -9.75 18.63
CA ASN D 188 3.34 -8.63 19.59
C ASN D 188 3.23 -9.08 21.05
N GLY D 189 3.65 -10.31 21.34
CA GLY D 189 3.82 -10.82 22.71
C GLY D 189 2.58 -11.26 23.47
N PHE D 190 1.59 -11.87 22.79
CA PHE D 190 0.33 -12.33 23.40
C PHE D 190 -0.16 -13.71 22.89
N PRO D 191 0.56 -14.80 23.23
CA PRO D 191 0.15 -16.13 22.79
C PRO D 191 -1.19 -16.55 23.40
N VAL D 192 -1.84 -17.52 22.78
CA VAL D 192 -3.13 -18.09 23.27
C VAL D 192 -2.91 -18.73 24.65
N ASN D 193 -3.80 -18.50 25.60
CA ASN D 193 -3.68 -19.13 26.92
C ASN D 193 -3.93 -20.65 26.89
N ARG D 194 -3.10 -21.41 27.61
CA ARG D 194 -3.19 -22.88 27.67
C ARG D 194 -4.64 -23.41 27.77
N GLN D 195 -5.51 -22.65 28.46
CA GLN D 195 -6.90 -23.09 28.73
C GLN D 195 -7.89 -22.57 27.70
N PHE D 196 -7.36 -21.98 26.62
CA PHE D 196 -8.14 -21.60 25.44
C PHE D 196 -7.51 -22.19 24.15
N ALA D 197 -6.72 -23.27 24.29
CA ALA D 197 -5.90 -23.83 23.19
C ALA D 197 -6.70 -24.18 21.93
N ASP D 198 -7.95 -24.61 22.10
CA ASP D 198 -8.79 -25.02 20.98
C ASP D 198 -9.69 -23.90 20.37
N VAL D 199 -9.52 -22.66 20.80
CA VAL D 199 -10.39 -21.61 20.29
C VAL D 199 -9.87 -21.17 18.91
N PRO D 200 -10.76 -21.13 17.91
CA PRO D 200 -10.36 -20.77 16.57
C PRO D 200 -9.76 -19.36 16.50
N GLN D 201 -8.71 -19.19 15.69
CA GLN D 201 -8.01 -17.92 15.63
C GLN D 201 -8.00 -17.18 14.30
N GLU D 202 -8.77 -17.61 13.30
CA GLU D 202 -8.73 -16.91 12.00
C GLU D 202 -9.33 -15.52 12.13
N GLN D 203 -8.82 -14.57 11.36
CA GLN D 203 -9.50 -13.28 11.22
C GLN D 203 -10.78 -13.34 10.33
N PRO D 204 -11.79 -12.50 10.62
CA PRO D 204 -12.92 -12.44 9.66
C PRO D 204 -12.44 -11.90 8.31
N VAL D 205 -13.17 -12.16 7.23
CA VAL D 205 -12.76 -11.61 5.94
C VAL D 205 -13.24 -10.16 5.83
N VAL D 206 -12.30 -9.25 5.55
CA VAL D 206 -12.61 -7.82 5.35
C VAL D 206 -12.22 -7.36 3.91
N GLU D 207 -13.19 -6.90 3.12
CA GLU D 207 -12.84 -6.30 1.82
C GLU D 207 -13.34 -4.86 1.74
N ALA D 208 -12.42 -3.93 1.88
CA ALA D 208 -12.73 -2.52 1.73
C ALA D 208 -12.57 -2.11 0.28
N GLU D 209 -13.39 -1.14 -0.15
CA GLU D 209 -13.25 -0.50 -1.44
C GLU D 209 -12.17 0.55 -1.35
N PRO D 210 -11.49 0.84 -2.47
CA PRO D 210 -10.43 1.84 -2.40
C PRO D 210 -10.96 3.10 -1.76
N GLY D 211 -10.26 3.60 -0.76
CA GLY D 211 -10.67 4.83 -0.10
C GLY D 211 -11.28 4.66 1.28
N PHE D 212 -11.87 3.49 1.54
CA PHE D 212 -12.59 3.28 2.80
C PHE D 212 -11.92 2.29 3.70
N GLU D 213 -10.63 2.01 3.52
CA GLU D 213 -10.00 1.02 4.38
C GLU D 213 -9.94 1.44 5.86
N ALA D 214 -10.16 2.72 6.13
CA ALA D 214 -10.20 3.22 7.51
C ALA D 214 -11.43 2.76 8.28
N GLU D 215 -12.59 2.72 7.64
CA GLU D 215 -13.83 2.39 8.35
C GLU D 215 -14.50 1.05 8.02
N VAL D 216 -13.82 0.21 7.27
CA VAL D 216 -14.29 -1.15 7.09
C VAL D 216 -13.36 -2.02 7.97
N SER D 217 -13.81 -2.38 9.16
CA SER D 217 -12.99 -3.07 10.13
C SER D 217 -13.79 -4.16 10.84
N ALA D 218 -13.14 -5.29 11.11
CA ALA D 218 -13.69 -6.38 11.92
C ALA D 218 -12.53 -7.16 12.44
N TYR D 219 -12.72 -7.82 13.56
CA TYR D 219 -11.67 -8.61 14.17
C TYR D 219 -12.29 -9.77 14.95
N ASN D 220 -11.45 -10.75 15.31
CA ASN D 220 -11.89 -11.97 16.00
C ASN D 220 -11.79 -11.70 17.49
N LEU D 221 -12.93 -11.39 18.12
CA LEU D 221 -12.94 -11.00 19.52
C LEU D 221 -12.61 -12.15 20.50
N PHE D 222 -13.21 -13.32 20.28
CA PHE D 222 -12.96 -14.47 21.16
C PHE D 222 -11.50 -14.77 21.06
N GLY D 223 -10.98 -14.71 19.85
CA GLY D 223 -9.55 -14.85 19.61
C GLY D 223 -8.74 -13.88 20.47
N TYR D 224 -9.20 -12.64 20.50
CA TYR D 224 -8.55 -11.59 21.28
C TYR D 224 -8.60 -11.95 22.77
N LEU D 225 -9.79 -12.23 23.26
CA LEU D 225 -9.86 -12.71 24.65
C LEU D 225 -9.00 -13.95 24.90
N SER D 226 -8.90 -14.87 23.95
CA SER D 226 -8.22 -16.14 24.20
C SER D 226 -6.77 -15.87 24.57
N ARG D 227 -6.30 -14.68 24.16
CA ARG D 227 -4.95 -14.26 24.35
C ARG D 227 -4.74 -13.32 25.52
N SER D 228 -5.77 -13.05 26.31
CA SER D 228 -5.56 -12.14 27.44
C SER D 228 -4.59 -12.78 28.44
N ASP D 229 -3.56 -12.03 28.84
CA ASP D 229 -2.55 -12.56 29.75
C ASP D 229 -2.81 -12.28 31.24
N VAL D 230 -4.01 -11.80 31.57
CA VAL D 230 -4.38 -11.48 32.96
C VAL D 230 -5.77 -12.00 33.20
N THR D 231 -6.17 -12.12 34.48
CA THR D 231 -7.51 -12.59 34.84
C THR D 231 -8.29 -11.48 35.53
N TRP D 232 -9.60 -11.61 35.42
CA TRP D 232 -10.51 -10.66 36.03
C TRP D 232 -10.12 -9.20 35.77
N ASN D 233 -9.95 -8.79 34.52
CA ASN D 233 -9.53 -7.44 34.19
C ASN D 233 -10.35 -6.81 33.04
N PRO D 234 -11.60 -6.34 33.32
CA PRO D 234 -12.50 -5.77 32.30
C PRO D 234 -11.82 -4.71 31.47
N SER D 235 -11.97 -4.78 30.14
CA SER D 235 -11.07 -4.10 29.26
C SER D 235 -11.80 -3.67 28.02
N VAL D 236 -11.75 -2.39 27.70
CA VAL D 236 -12.62 -1.84 26.67
C VAL D 236 -12.21 -2.33 25.28
N CYS D 237 -13.14 -2.98 24.59
CA CYS D 237 -12.87 -3.37 23.20
C CYS D 237 -13.70 -2.56 22.20
N SER D 238 -14.76 -1.90 22.66
CA SER D 238 -15.60 -1.13 21.75
C SER D 238 -16.48 -0.11 22.46
N VAL D 239 -16.69 1.05 21.78
CA VAL D 239 -17.35 2.26 22.38
C VAL D 239 -18.47 2.91 21.55
N VAL D 240 -19.61 3.20 22.19
CA VAL D 240 -20.68 4.06 21.62
C VAL D 240 -21.08 5.10 22.69
N GLY D 241 -20.48 6.28 22.66
CA GLY D 241 -20.73 7.23 23.74
C GLY D 241 -20.37 6.56 25.06
N ASP D 242 -21.31 6.52 26.00
CA ASP D 242 -20.97 5.96 27.35
C ASP D 242 -21.04 4.44 27.47
N SER D 243 -21.53 3.79 26.43
CA SER D 243 -21.70 2.33 26.46
C SER D 243 -20.39 1.62 26.15
N LEU D 244 -19.90 0.87 27.14
CA LEU D 244 -18.57 0.30 27.03
C LEU D 244 -18.58 -1.25 26.99
N PHE D 245 -17.92 -1.83 25.98
CA PHE D 245 -17.74 -3.30 25.96
C PHE D 245 -16.41 -3.59 26.59
N CYS D 246 -16.48 -4.29 27.73
CA CYS D 246 -15.31 -4.51 28.57
C CYS D 246 -15.08 -6.03 28.83
N PRO D 247 -14.90 -6.84 27.76
CA PRO D 247 -14.70 -8.25 28.05
C PRO D 247 -13.33 -8.52 28.71
N THR D 248 -13.19 -9.73 29.25
CA THR D 248 -11.98 -10.15 29.94
C THR D 248 -11.97 -11.68 30.03
N SER D 249 -10.85 -12.27 30.45
CA SER D 249 -10.76 -13.69 30.74
C SER D 249 -10.74 -13.97 32.26
N GLU D 250 -11.53 -14.96 32.69
CA GLU D 250 -11.81 -15.23 34.12
C GLU D 250 -11.42 -16.65 34.52
N GLU D 251 -10.66 -16.74 35.62
CA GLU D 251 -10.22 -18.00 36.19
C GLU D 251 -10.07 -17.95 37.72
N PHE D 252 -10.56 -19.00 38.40
CA PHE D 252 -10.54 -19.10 39.85
C PHE D 252 -11.64 -18.20 40.43
N ILE D 253 -11.29 -17.32 41.37
CA ILE D 253 -12.24 -16.46 42.08
C ILE D 253 -11.95 -14.99 41.84
N LEU D 254 -12.94 -14.19 41.46
CA LEU D 254 -12.74 -12.72 41.38
C LEU D 254 -12.22 -12.31 42.75
N PRO D 255 -11.03 -11.66 42.85
CA PRO D 255 -10.32 -11.36 44.10
C PRO D 255 -10.97 -10.35 45.03
N VAL D 256 -12.13 -9.81 44.67
CA VAL D 256 -12.82 -8.81 45.47
C VAL D 256 -14.32 -9.06 45.35
N GLU D 257 -15.11 -8.43 46.22
CA GLU D 257 -16.57 -8.34 46.00
C GLU D 257 -16.92 -6.94 45.52
N HIS D 258 -17.46 -6.85 44.30
CA HIS D 258 -17.73 -5.55 43.65
C HIS D 258 -19.16 -5.06 43.96
N GLY D 259 -19.25 -3.94 44.66
CA GLY D 259 -20.51 -3.27 44.93
C GLY D 259 -20.57 -2.03 44.04
N ASN D 260 -21.22 -2.18 42.89
CA ASN D 260 -21.20 -1.14 41.89
C ASN D 260 -22.18 -0.03 42.23
N ASP D 261 -21.89 1.18 41.76
CA ASP D 261 -22.76 2.31 42.03
C ASP D 261 -23.78 2.55 40.91
N ARG D 262 -23.96 1.54 40.05
CA ARG D 262 -24.91 1.54 38.93
C ARG D 262 -25.07 0.07 38.51
N CYS D 263 -26.00 -0.24 37.60
CA CYS D 263 -26.11 -1.60 37.05
C CYS D 263 -24.93 -1.94 36.21
N GLU D 264 -24.37 -3.12 36.40
CA GLU D 264 -23.46 -3.66 35.42
C GLU D 264 -24.05 -4.91 34.82
N TRP D 265 -23.85 -5.06 33.51
CA TRP D 265 -24.30 -6.25 32.80
C TRP D 265 -23.16 -7.28 32.53
N PHE D 266 -23.50 -8.54 32.70
CA PHE D 266 -22.61 -9.67 32.44
C PHE D 266 -23.21 -10.53 31.36
N LEU D 267 -22.50 -10.64 30.24
CA LEU D 267 -22.83 -11.62 29.20
C LEU D 267 -21.72 -12.70 29.18
N GLN D 268 -22.11 -13.93 29.52
CA GLN D 268 -21.17 -15.01 29.57
C GLN D 268 -20.89 -15.42 28.15
N LEU D 269 -19.61 -15.41 27.76
CA LEU D 269 -19.23 -15.71 26.36
C LEU D 269 -18.82 -17.16 26.17
N SER D 270 -18.14 -17.72 27.16
CA SER D 270 -17.85 -19.14 27.11
C SER D 270 -18.00 -19.78 28.46
N ASP D 271 -18.19 -21.10 28.46
CA ASP D 271 -18.07 -21.88 29.68
C ASP D 271 -19.08 -21.44 30.73
N GLU D 272 -18.60 -21.09 31.92
CA GLU D 272 -19.44 -21.03 33.12
C GLU D 272 -18.82 -20.23 34.25
N ILE D 273 -19.64 -19.36 34.84
CA ILE D 273 -19.33 -18.63 36.08
C ILE D 273 -20.52 -18.71 37.05
N VAL D 274 -20.23 -18.83 38.34
CA VAL D 274 -21.26 -18.74 39.36
C VAL D 274 -20.90 -17.48 40.12
N TRP D 275 -21.92 -16.61 40.30
CA TRP D 275 -21.74 -15.35 41.04
C TRP D 275 -22.37 -15.42 42.41
N ASP D 276 -21.56 -15.20 43.44
CA ASP D 276 -22.05 -15.07 44.82
C ASP D 276 -22.62 -13.66 45.07
N VAL D 277 -23.96 -13.53 45.12
CA VAL D 277 -24.56 -12.20 45.24
C VAL D 277 -24.94 -11.88 46.70
N LYS D 278 -24.37 -10.78 47.20
CA LYS D 278 -24.68 -10.29 48.54
C LYS D 278 -25.24 -8.87 48.53
N ASP D 279 -26.00 -8.53 49.59
CA ASP D 279 -26.42 -7.13 49.84
C ASP D 279 -25.21 -6.20 49.99
N LYS D 280 -25.27 -5.06 49.32
CA LYS D 280 -24.10 -4.19 49.21
C LYS D 280 -23.80 -3.49 50.52
N GLU D 281 -24.85 -3.03 51.21
CA GLU D 281 -24.70 -2.47 52.58
C GLU D 281 -24.29 -3.47 53.69
N SER D 282 -24.99 -4.60 53.79
CA SER D 282 -24.92 -5.40 55.00
C SER D 282 -23.92 -6.52 54.85
N GLY D 283 -23.79 -7.02 53.62
CA GLY D 283 -22.90 -8.14 53.33
C GLY D 283 -23.59 -9.50 53.45
N LYS D 284 -24.91 -9.51 53.52
CA LYS D 284 -25.70 -10.74 53.67
C LYS D 284 -25.94 -11.43 52.34
N PRO D 285 -25.78 -12.75 52.33
CA PRO D 285 -26.11 -13.55 51.16
C PRO D 285 -27.53 -13.23 50.65
N ARG D 286 -27.63 -12.97 49.34
CA ARG D 286 -28.92 -12.74 48.74
C ARG D 286 -29.30 -13.73 47.65
N ALA D 287 -28.30 -14.18 46.87
CA ALA D 287 -28.50 -15.08 45.73
C ALA D 287 -27.20 -15.71 45.18
N ARG D 288 -27.34 -16.69 44.28
CA ARG D 288 -26.23 -17.30 43.57
C ARG D 288 -26.63 -17.39 42.10
N VAL D 289 -25.91 -16.71 41.21
CA VAL D 289 -26.31 -16.72 39.80
C VAL D 289 -25.34 -17.55 38.98
N THR D 290 -25.89 -18.59 38.34
CA THR D 290 -25.14 -19.48 37.44
C THR D 290 -25.29 -19.08 35.96
N ALA D 291 -24.15 -18.78 35.31
CA ALA D 291 -24.20 -18.32 33.92
C ALA D 291 -23.37 -19.17 32.96
N ARG D 292 -24.02 -19.62 31.88
CA ARG D 292 -23.35 -20.38 30.83
C ARG D 292 -23.37 -19.62 29.51
N ALA D 293 -22.68 -20.17 28.51
CA ALA D 293 -22.51 -19.47 27.25
C ALA D 293 -23.83 -18.91 26.72
N GLY D 294 -23.88 -17.57 26.64
CA GLY D 294 -24.99 -16.82 26.06
C GLY D 294 -25.94 -16.23 27.09
N ASP D 295 -25.72 -16.56 28.37
CA ASP D 295 -26.51 -16.00 29.46
C ASP D 295 -26.12 -14.53 29.71
N ILE D 296 -27.12 -13.65 29.79
CA ILE D 296 -26.90 -12.22 30.06
C ILE D 296 -27.73 -11.86 31.31
N CYS D 297 -27.16 -11.11 32.24
CA CYS D 297 -27.89 -10.70 33.43
C CYS D 297 -27.43 -9.35 33.89
N CYS D 298 -28.25 -8.74 34.74
CA CYS D 298 -27.96 -7.47 35.41
C CYS D 298 -27.50 -7.68 36.87
N MET D 299 -26.40 -7.02 37.25
CA MET D 299 -26.03 -6.86 38.65
C MET D 299 -26.46 -5.49 39.20
N PRO D 300 -27.58 -5.46 39.91
CA PRO D 300 -28.19 -4.18 40.35
C PRO D 300 -27.29 -3.39 41.29
N ALA D 301 -27.46 -2.07 41.38
CA ALA D 301 -26.62 -1.25 42.25
C ALA D 301 -26.80 -1.53 43.75
N ASP D 302 -27.79 -2.33 44.13
CA ASP D 302 -27.99 -2.62 45.57
C ASP D 302 -27.28 -3.90 46.06
N ILE D 303 -26.52 -4.55 45.18
CA ILE D 303 -25.81 -5.78 45.55
C ILE D 303 -24.32 -5.67 45.26
N ARG D 304 -23.54 -6.54 45.89
CA ARG D 304 -22.12 -6.78 45.56
C ARG D 304 -22.00 -8.19 45.03
N HIS D 305 -21.01 -8.45 44.17
CA HIS D 305 -20.87 -9.77 43.53
C HIS D 305 -19.43 -10.26 43.54
N GLN D 306 -19.28 -11.59 43.55
CA GLN D 306 -17.99 -12.26 43.51
C GLN D 306 -18.11 -13.52 42.63
N GLY D 307 -17.31 -13.62 41.56
CA GLY D 307 -17.45 -14.74 40.60
C GLY D 307 -16.58 -15.98 40.77
N TYR D 308 -17.14 -17.14 40.47
CA TYR D 308 -16.35 -18.37 40.48
C TYR D 308 -16.26 -19.00 39.08
N SER D 309 -15.04 -19.11 38.54
CA SER D 309 -14.79 -19.74 37.24
C SER D 309 -13.76 -20.88 37.32
N THR D 310 -14.24 -22.12 37.29
CA THR D 310 -13.32 -23.28 37.31
C THR D 310 -12.36 -23.26 36.14
N LYS D 311 -12.89 -23.32 34.93
CA LYS D 311 -12.06 -23.25 33.73
C LYS D 311 -11.96 -21.77 33.34
N ARG D 312 -10.81 -21.34 32.84
CA ARG D 312 -10.67 -19.99 32.25
C ARG D 312 -11.80 -19.74 31.26
N SER D 313 -12.58 -18.67 31.47
CA SER D 313 -13.76 -18.42 30.64
C SER D 313 -13.78 -16.99 30.08
N MET D 314 -14.60 -16.75 29.08
CA MET D 314 -14.66 -15.45 28.45
C MET D 314 -15.90 -14.72 28.95
N LEU D 315 -15.73 -13.53 29.51
CA LEU D 315 -16.87 -12.75 29.99
C LEU D 315 -16.88 -11.35 29.40
N LEU D 316 -18.05 -10.91 28.93
CA LEU D 316 -18.25 -9.55 28.53
C LEU D 316 -18.86 -8.76 29.68
N VAL D 317 -18.11 -7.82 30.26
CA VAL D 317 -18.70 -6.86 31.18
C VAL D 317 -19.11 -5.60 30.36
N TRP D 318 -20.40 -5.31 30.39
CA TRP D 318 -20.95 -4.16 29.71
C TRP D 318 -21.20 -3.08 30.74
N GLU D 319 -20.55 -1.93 30.55
CA GLU D 319 -20.58 -0.81 31.51
C GLU D 319 -21.22 0.41 30.84
N ASN D 320 -22.01 1.16 31.61
CA ASN D 320 -22.41 2.52 31.20
C ASN D 320 -21.53 3.47 31.98
N GLY D 321 -20.55 4.06 31.30
CA GLY D 321 -19.53 4.85 31.96
C GLY D 321 -19.94 6.25 32.39
N SER D 322 -21.23 6.59 32.22
CA SER D 322 -21.67 7.98 32.46
C SER D 322 -21.68 8.39 33.92
N PRO D 323 -21.07 9.55 34.21
CA PRO D 323 -20.91 10.09 35.55
C PRO D 323 -22.20 10.62 36.15
N LYS D 324 -23.21 10.83 35.32
CA LYS D 324 -24.52 11.29 35.78
C LYS D 324 -25.28 10.21 36.59
N ILE D 325 -24.89 8.94 36.43
CA ILE D 325 -25.71 7.82 36.95
C ILE D 325 -25.70 7.55 38.46
N PRO D 326 -24.53 7.60 39.12
CA PRO D 326 -24.54 7.46 40.59
C PRO D 326 -25.39 8.53 41.28
N GLN D 327 -25.39 9.76 40.75
CA GLN D 327 -26.22 10.87 41.24
C GLN D 327 -27.73 10.56 41.17
N MET D 328 -28.13 9.87 40.10
CA MET D 328 -29.53 9.54 39.82
C MET D 328 -30.00 8.24 40.47
N ILE D 329 -29.15 7.21 40.47
CA ILE D 329 -29.47 5.92 41.10
C ILE D 329 -29.56 6.03 42.64
N ALA D 330 -29.29 7.22 43.19
CA ALA D 330 -29.47 7.55 44.61
C ALA D 330 -30.91 8.00 44.97
N ASP D 331 -31.68 8.43 43.96
CA ASP D 331 -33.09 8.82 44.15
C ASP D 331 -34.07 8.40 43.04
N GLY D 332 -33.63 8.44 41.78
CA GLY D 332 -34.53 8.17 40.65
C GLY D 332 -34.76 9.43 39.83
N PRO D 335 -32.91 4.04 40.11
CA PRO D 335 -33.91 2.97 40.13
C PRO D 335 -33.24 1.61 39.89
N VAL D 336 -32.75 1.00 40.98
CA VAL D 336 -31.66 -0.04 40.97
C VAL D 336 -31.71 -1.17 39.91
N VAL D 337 -32.91 -1.58 39.49
CA VAL D 337 -33.09 -2.43 38.31
C VAL D 337 -33.42 -1.52 37.12
N PRO D 338 -32.57 -1.53 36.06
CA PRO D 338 -32.62 -0.48 35.04
C PRO D 338 -33.65 -0.79 33.95
N VAL D 339 -34.55 -1.71 34.26
CA VAL D 339 -35.46 -2.31 33.29
C VAL D 339 -36.94 -2.21 33.76
N THR D 340 -37.78 -1.60 32.94
CA THR D 340 -39.23 -1.53 33.20
C THR D 340 -39.92 -2.84 32.74
N PHE D 341 -40.05 -3.79 33.69
CA PHE D 341 -40.54 -5.16 33.43
C PHE D 341 -42.06 -5.26 33.52
N ASP E 3 -11.63 -19.88 -8.84
CA ASP E 3 -11.37 -20.86 -7.74
C ASP E 3 -10.06 -21.63 -7.88
N VAL E 4 -9.21 -21.54 -6.86
CA VAL E 4 -7.90 -22.14 -6.88
C VAL E 4 -7.98 -23.67 -6.87
N VAL E 5 -7.23 -24.31 -7.76
CA VAL E 5 -7.06 -25.77 -7.72
C VAL E 5 -5.58 -26.12 -7.58
N THR E 6 -5.21 -26.69 -6.43
CA THR E 6 -3.86 -27.25 -6.27
C THR E 6 -3.80 -28.64 -6.87
N GLU E 7 -2.99 -28.85 -7.88
CA GLU E 7 -2.93 -30.15 -8.53
C GLU E 7 -1.98 -31.15 -7.87
N PHE E 8 -2.53 -32.26 -7.42
CA PHE E 8 -1.74 -33.34 -6.84
C PHE E 8 -1.79 -34.57 -7.73
N GLY E 9 -0.73 -35.36 -7.71
CA GLY E 9 -0.70 -36.63 -8.41
C GLY E 9 -1.30 -37.74 -7.57
N ALA E 10 -1.31 -38.95 -8.15
CA ALA E 10 -1.92 -40.16 -7.58
C ALA E 10 -1.47 -41.32 -8.44
N LEU E 11 -1.67 -42.57 -7.97
CA LEU E 11 -1.24 -43.78 -8.71
C LEU E 11 -1.93 -43.90 -10.06
N THR E 12 -3.23 -43.59 -10.04
CA THR E 12 -4.13 -43.57 -11.17
C THR E 12 -3.92 -42.36 -12.02
N ASP E 13 -3.82 -41.18 -11.40
CA ASP E 13 -3.78 -39.93 -12.12
C ASP E 13 -2.46 -39.24 -11.91
N TYR E 14 -1.55 -39.41 -12.85
CA TYR E 14 -0.34 -38.61 -12.94
C TYR E 14 -0.06 -38.34 -14.42
N ARG E 15 0.62 -37.24 -14.69
CA ARG E 15 0.92 -36.77 -16.03
C ARG E 15 2.35 -36.34 -15.98
N LYS E 16 3.25 -37.19 -16.46
CA LYS E 16 4.71 -37.00 -16.31
C LYS E 16 5.29 -36.01 -17.33
N GLY E 17 6.26 -35.20 -16.90
CA GLY E 17 6.94 -34.23 -17.78
C GLY E 17 8.27 -34.80 -18.22
N GLY E 18 9.31 -33.97 -18.23
CA GLY E 18 10.62 -34.42 -18.74
C GLY E 18 11.66 -33.39 -19.12
N VAL E 19 12.78 -33.90 -19.66
CA VAL E 19 13.98 -33.15 -20.07
C VAL E 19 13.92 -32.83 -21.59
N GLU E 20 13.95 -31.56 -21.99
CA GLU E 20 14.06 -31.14 -23.39
C GLU E 20 15.54 -30.82 -23.57
N ILE E 21 16.15 -31.24 -24.67
CA ILE E 21 17.57 -31.01 -24.84
C ILE E 21 17.90 -29.80 -25.72
N ILE E 22 18.89 -29.02 -25.28
CA ILE E 22 19.54 -28.06 -26.17
C ILE E 22 20.94 -28.59 -26.47
N ASP E 23 21.72 -28.86 -25.43
CA ASP E 23 23.03 -29.48 -25.59
C ASP E 23 23.41 -30.20 -24.30
N ASP E 24 22.98 -31.47 -24.19
CA ASP E 24 23.08 -32.25 -22.95
C ASP E 24 22.57 -33.68 -23.17
N ASP E 25 22.81 -34.54 -22.17
CA ASP E 25 22.25 -35.91 -22.11
C ASP E 25 21.12 -36.01 -21.02
N PRO E 26 19.90 -36.39 -21.44
CA PRO E 26 18.82 -36.45 -20.45
C PRO E 26 19.11 -37.45 -19.32
N ARG E 27 20.00 -38.41 -19.54
CA ARG E 27 20.41 -39.33 -18.47
C ARG E 27 20.93 -38.58 -17.24
N ASN E 28 21.48 -37.39 -17.45
CA ASN E 28 22.06 -36.61 -16.36
C ASN E 28 21.06 -36.11 -15.31
N TYR E 29 19.78 -36.16 -15.64
CA TYR E 29 18.73 -35.59 -14.79
C TYR E 29 17.92 -36.68 -14.09
N VAL E 30 18.19 -37.94 -14.46
CA VAL E 30 17.66 -39.15 -13.80
C VAL E 30 16.17 -38.91 -13.49
N PHE E 31 15.39 -38.75 -14.55
CA PHE E 31 14.07 -38.18 -14.43
C PHE E 31 13.07 -39.29 -14.29
N SER E 32 12.32 -39.33 -13.19
CA SER E 32 11.22 -40.32 -13.07
C SER E 32 9.99 -39.75 -12.45
N ASN E 33 8.87 -40.46 -12.56
CA ASN E 33 7.69 -40.16 -11.75
C ASN E 33 7.50 -41.16 -10.65
N VAL E 34 7.38 -40.67 -9.42
CA VAL E 34 7.35 -41.52 -8.25
C VAL E 34 6.10 -42.41 -8.19
N PHE E 35 4.98 -41.94 -8.75
CA PHE E 35 3.72 -42.71 -8.89
C PHE E 35 3.79 -43.84 -9.93
N GLU E 36 4.34 -43.52 -11.10
CA GLU E 36 4.56 -44.48 -12.16
C GLU E 36 5.45 -45.54 -11.58
N VAL E 37 6.56 -45.13 -10.96
CA VAL E 37 7.43 -46.12 -10.35
C VAL E 37 6.65 -47.04 -9.39
N ALA E 38 5.97 -46.44 -8.43
CA ALA E 38 5.33 -47.23 -7.42
C ALA E 38 4.28 -48.14 -8.05
N ALA E 39 3.71 -47.72 -9.17
CA ALA E 39 2.60 -48.45 -9.76
C ALA E 39 3.05 -49.69 -10.52
N ASN E 40 4.28 -49.69 -11.02
CA ASN E 40 4.81 -50.87 -11.73
C ASN E 40 5.60 -51.82 -10.81
N ALA E 41 5.62 -51.52 -9.51
CA ALA E 41 6.43 -52.30 -8.58
C ALA E 41 5.57 -53.34 -7.85
N ALA E 42 6.24 -54.29 -7.21
CA ALA E 42 5.57 -55.26 -6.34
C ALA E 42 5.14 -54.50 -5.08
N PRO E 43 4.01 -54.91 -4.47
CA PRO E 43 3.58 -54.41 -3.15
C PRO E 43 4.72 -54.22 -2.17
N TYR E 44 4.87 -53.01 -1.65
CA TYR E 44 5.86 -52.69 -0.59
C TYR E 44 7.34 -52.75 -0.99
N GLU E 45 7.58 -53.07 -2.25
CA GLU E 45 8.93 -52.97 -2.79
C GLU E 45 9.36 -51.51 -2.77
N ARG E 46 10.59 -51.27 -2.35
CA ARG E 46 11.10 -49.93 -2.21
C ARG E 46 12.10 -49.65 -3.30
N VAL E 47 11.64 -48.92 -4.30
CA VAL E 47 12.47 -48.60 -5.46
C VAL E 47 13.15 -47.23 -5.29
N ALA E 48 14.48 -47.21 -5.32
CA ALA E 48 15.25 -45.95 -5.26
C ALA E 48 14.84 -45.08 -6.45
N VAL E 49 14.49 -43.82 -6.16
CA VAL E 49 14.12 -42.87 -7.20
C VAL E 49 15.01 -41.65 -7.09
N GLY E 50 15.63 -41.44 -5.95
CA GLY E 50 16.64 -40.42 -5.84
C GLY E 50 17.77 -41.06 -5.09
N LYS E 51 19.02 -40.68 -5.40
CA LYS E 51 20.17 -41.16 -4.63
C LYS E 51 21.23 -40.09 -4.55
N ASN E 52 21.90 -40.03 -3.41
CA ASN E 52 22.98 -39.08 -3.28
C ASN E 52 24.00 -39.65 -2.32
N PHE E 53 25.07 -40.24 -2.87
CA PHE E 53 25.97 -41.05 -2.08
C PHE E 53 25.21 -42.21 -1.45
N GLU E 54 25.28 -42.37 -0.13
CA GLU E 54 24.60 -43.48 0.54
C GLU E 54 23.14 -43.13 0.80
N TYR E 55 22.80 -41.85 0.78
CA TYR E 55 21.42 -41.46 1.05
C TYR E 55 20.49 -41.64 -0.17
N VAL E 56 19.24 -42.02 0.11
CA VAL E 56 18.26 -42.32 -0.92
C VAL E 56 16.82 -41.90 -0.58
N ILE E 57 16.05 -41.76 -1.65
CA ILE E 57 14.61 -41.72 -1.57
C ILE E 57 14.05 -42.98 -2.27
N GLU E 58 13.11 -43.64 -1.61
CA GLU E 58 12.52 -44.87 -2.11
C GLU E 58 11.04 -44.63 -2.38
N SER E 59 10.52 -45.22 -3.45
CA SER E 59 9.08 -45.20 -3.78
C SER E 59 8.48 -46.61 -3.67
N ALA E 60 7.38 -46.72 -2.95
CA ALA E 60 6.70 -48.00 -2.80
C ALA E 60 5.23 -47.79 -2.93
N ARG E 61 4.52 -48.87 -3.27
CA ARG E 61 3.06 -48.92 -3.27
C ARG E 61 2.66 -49.75 -2.08
N ALA E 62 1.98 -49.13 -1.14
CA ALA E 62 1.35 -49.83 -0.07
C ALA E 62 0.05 -50.48 -0.60
N GLU E 63 0.02 -51.81 -0.56
CA GLU E 63 -1.15 -52.57 -0.96
C GLU E 63 -1.21 -53.75 -0.01
N GLY E 64 -2.35 -54.00 0.62
CA GLY E 64 -2.41 -55.05 1.66
C GLY E 64 -1.58 -54.73 2.91
N THR E 65 -1.14 -55.76 3.60
CA THR E 65 -0.45 -55.64 4.86
C THR E 65 1.03 -56.00 4.67
N SER E 66 1.96 -55.17 5.13
CA SER E 66 3.36 -55.50 4.93
C SER E 66 3.83 -56.40 6.04
N GLY E 67 5.01 -57.01 5.84
CA GLY E 67 5.84 -57.58 6.91
C GLY E 67 6.51 -56.51 7.76
N TRP E 68 7.30 -56.92 8.77
CA TRP E 68 7.94 -55.94 9.69
C TRP E 68 9.30 -55.45 9.19
N PHE E 69 9.58 -54.15 9.43
CA PHE E 69 10.87 -53.49 9.18
C PHE E 69 11.49 -52.87 10.46
N SER E 70 12.81 -52.73 10.46
CA SER E 70 13.53 -51.96 11.48
C SER E 70 14.86 -51.45 10.90
N CYS E 71 15.53 -50.53 11.60
CA CYS E 71 16.66 -49.84 11.01
C CYS E 71 17.62 -49.34 12.08
N ALA E 72 18.91 -49.26 11.77
CA ALA E 72 19.89 -48.74 12.70
C ALA E 72 19.93 -47.21 12.79
N HIS E 73 19.02 -46.50 12.11
CA HIS E 73 18.94 -45.01 12.19
C HIS E 73 17.52 -44.57 11.92
N ASP E 74 17.19 -43.30 12.18
CA ASP E 74 15.83 -42.81 11.90
C ASP E 74 15.51 -42.92 10.40
N GLU E 75 14.22 -43.02 10.07
CA GLU E 75 13.78 -42.89 8.69
C GLU E 75 12.48 -42.08 8.71
N PHE E 76 12.06 -41.58 7.55
CA PHE E 76 10.79 -40.88 7.39
C PHE E 76 10.03 -41.44 6.19
N VAL E 77 8.71 -41.48 6.33
CA VAL E 77 7.83 -41.94 5.28
C VAL E 77 6.79 -40.86 5.01
N LEU E 78 6.66 -40.49 3.73
CA LEU E 78 5.68 -39.52 3.31
C LEU E 78 4.63 -40.22 2.45
N ALA E 79 3.37 -40.05 2.82
CA ALA E 79 2.21 -40.56 2.05
C ALA E 79 1.94 -39.64 0.85
N MET E 80 1.88 -40.24 -0.34
CA MET E 80 1.75 -39.47 -1.55
C MET E 80 0.32 -39.53 -2.14
N ASP E 81 -0.45 -40.52 -1.70
CA ASP E 81 -1.78 -40.80 -2.20
C ASP E 81 -2.41 -41.84 -1.30
N GLY E 82 -3.70 -41.69 -0.98
CA GLY E 82 -4.45 -42.77 -0.32
C GLY E 82 -4.13 -43.00 1.15
N GLN E 83 -5.01 -43.67 1.87
CA GLN E 83 -4.75 -43.89 3.29
C GLN E 83 -3.82 -45.11 3.62
N ILE E 84 -2.82 -44.91 4.50
CA ILE E 84 -1.88 -45.93 4.93
C ILE E 84 -1.80 -45.90 6.46
N GLU E 85 -1.89 -47.05 7.11
CA GLU E 85 -1.80 -47.15 8.55
C GLU E 85 -0.44 -47.71 8.99
N VAL E 86 0.22 -47.01 9.91
CA VAL E 86 1.52 -47.38 10.42
C VAL E 86 1.43 -47.89 11.87
N HIS E 87 1.94 -49.11 12.10
CA HIS E 87 2.07 -49.67 13.44
C HIS E 87 3.51 -49.65 13.90
N LEU E 88 3.73 -49.07 15.07
CA LEU E 88 5.06 -49.02 15.66
C LEU E 88 5.20 -49.92 16.88
N LEU E 89 6.40 -50.48 17.04
CA LEU E 89 6.67 -51.44 18.06
C LEU E 89 8.07 -51.17 18.58
N LYS E 90 8.15 -50.94 19.87
CA LYS E 90 9.43 -50.71 20.52
C LYS E 90 10.10 -52.05 20.88
N LEU E 91 11.13 -52.41 20.12
CA LEU E 91 11.78 -53.73 20.28
C LEU E 91 12.51 -53.87 21.60
N ASP E 92 12.36 -55.05 22.22
CA ASP E 92 13.08 -55.43 23.43
C ASP E 92 14.59 -55.47 23.20
N ASN E 93 15.00 -56.21 22.19
CA ASN E 93 16.42 -56.26 21.89
C ASN E 93 16.53 -55.98 20.40
N SER E 94 16.75 -54.71 20.09
CA SER E 94 16.69 -54.30 18.69
C SER E 94 17.85 -54.95 17.92
N ASP E 95 19.00 -55.13 18.59
CA ASP E 95 20.20 -55.75 18.01
C ASP E 95 20.01 -57.20 17.52
N ALA E 96 18.97 -57.86 18.04
CA ALA E 96 18.67 -59.25 17.67
C ALA E 96 18.11 -59.35 16.28
N TYR E 97 17.68 -58.21 15.73
CA TYR E 97 16.98 -58.14 14.41
C TYR E 97 17.73 -57.34 13.36
N VAL E 98 18.29 -56.21 13.80
CA VAL E 98 19.04 -55.27 12.98
C VAL E 98 20.48 -55.18 13.48
N ASP E 99 21.43 -55.48 12.60
CA ASP E 99 22.85 -55.27 12.87
C ASP E 99 23.07 -53.78 13.17
N PRO E 100 23.81 -53.47 14.25
CA PRO E 100 24.02 -52.05 14.59
C PRO E 100 24.90 -51.29 13.59
N ASP E 101 25.79 -52.00 12.90
CA ASP E 101 26.69 -51.38 11.94
C ASP E 101 26.03 -51.18 10.55
N SER E 102 24.86 -51.76 10.36
CA SER E 102 24.07 -51.62 9.13
C SER E 102 23.50 -50.22 8.88
N GLU E 103 23.01 -50.02 7.65
CA GLU E 103 22.25 -48.84 7.27
C GLU E 103 21.16 -49.25 6.32
N GLY E 104 20.10 -48.45 6.29
CA GLY E 104 18.94 -48.71 5.45
C GLY E 104 18.01 -49.67 6.16
N ALA E 105 16.72 -49.64 5.79
CA ALA E 105 15.73 -50.52 6.39
C ALA E 105 16.16 -51.97 6.29
N VAL E 106 15.54 -52.82 7.09
CA VAL E 106 15.78 -54.25 7.07
C VAL E 106 14.43 -54.94 7.23
N ALA E 107 14.14 -55.87 6.32
CA ALA E 107 12.96 -56.73 6.39
C ALA E 107 13.15 -57.78 7.50
N ILE E 108 12.36 -57.65 8.56
CA ILE E 108 12.51 -58.59 9.69
C ILE E 108 11.40 -59.66 9.79
N GLY E 109 10.73 -59.98 8.67
CA GLY E 109 9.78 -61.10 8.60
C GLY E 109 8.33 -60.78 8.96
N GLU E 110 7.43 -61.72 8.66
CA GLU E 110 5.97 -61.58 8.89
C GLU E 110 5.56 -61.70 10.36
N ALA E 111 6.39 -62.36 11.17
CA ALA E 111 5.99 -62.66 12.54
C ALA E 111 6.03 -61.39 13.38
N LEU E 112 5.09 -61.24 14.32
CA LEU E 112 5.19 -60.15 15.30
C LEU E 112 6.49 -60.31 16.10
N PRO E 113 7.40 -59.31 16.03
CA PRO E 113 8.68 -59.38 16.76
C PRO E 113 8.52 -59.03 18.25
N GLU E 114 9.51 -59.36 19.07
CA GLU E 114 9.40 -59.14 20.55
C GLU E 114 9.56 -57.67 21.01
N GLY E 115 8.51 -57.10 21.61
CA GLY E 115 8.60 -55.79 22.25
C GLY E 115 7.29 -55.23 22.80
N ARG E 116 7.20 -53.90 22.88
CA ARG E 116 5.98 -53.22 23.37
C ARG E 116 5.35 -52.33 22.31
N LYS E 117 4.02 -52.35 22.23
CA LYS E 117 3.31 -51.59 21.21
C LYS E 117 3.50 -50.09 21.44
N MET E 118 3.96 -49.36 20.43
CA MET E 118 4.20 -47.91 20.56
C MET E 118 2.96 -47.08 20.21
N GLY E 119 2.39 -47.38 19.05
CA GLY E 119 1.26 -46.61 18.57
C GLY E 119 0.87 -46.97 17.15
N ARG E 120 -0.20 -46.30 16.72
CA ARG E 120 -0.68 -46.43 15.37
C ARG E 120 -0.74 -45.01 14.80
N ILE E 121 -0.29 -44.85 13.57
CA ILE E 121 -0.49 -43.60 12.86
C ILE E 121 -1.27 -43.87 11.57
N VAL E 122 -2.28 -43.05 11.30
CA VAL E 122 -3.07 -43.10 10.07
C VAL E 122 -2.71 -41.89 9.19
N LEU E 123 -2.06 -42.16 8.07
CA LEU E 123 -1.52 -41.17 7.15
C LEU E 123 -2.42 -41.09 5.94
N ARG E 124 -2.63 -39.86 5.47
CA ARG E 124 -3.27 -39.54 4.20
C ARG E 124 -2.30 -38.74 3.34
N ARG E 125 -2.69 -38.42 2.11
CA ARG E 125 -1.85 -37.62 1.20
C ARG E 125 -1.21 -36.42 1.91
N GLY E 126 0.13 -36.36 1.87
CA GLY E 126 0.89 -35.21 2.30
C GLY E 126 1.37 -35.31 3.74
N HIS E 127 0.98 -36.37 4.43
CA HIS E 127 1.38 -36.53 5.84
C HIS E 127 2.72 -37.28 5.97
N MET E 128 3.57 -36.84 6.90
CA MET E 128 4.84 -37.49 7.13
C MET E 128 4.91 -38.05 8.55
N ALA E 129 5.43 -39.26 8.70
CA ALA E 129 5.67 -39.85 10.02
C ALA E 129 7.15 -40.10 10.23
N LEU E 130 7.55 -39.89 11.47
CA LEU E 130 8.84 -40.38 11.93
C LEU E 130 8.82 -41.90 12.09
N LEU E 131 9.87 -42.56 11.61
CA LEU E 131 10.09 -43.96 11.84
C LEU E 131 11.37 -44.06 12.64
N PRO E 132 11.24 -44.03 13.98
CA PRO E 132 12.41 -43.81 14.85
C PRO E 132 13.30 -45.04 14.98
N VAL E 133 14.61 -44.80 15.07
CA VAL E 133 15.60 -45.83 15.38
C VAL E 133 15.17 -46.64 16.63
N GLY E 134 15.29 -47.97 16.56
CA GLY E 134 14.94 -48.82 17.71
C GLY E 134 13.49 -49.31 17.71
N ALA E 135 12.73 -48.91 16.70
CA ALA E 135 11.36 -49.37 16.58
C ALA E 135 11.21 -50.30 15.37
N ALA E 136 10.24 -51.23 15.43
CA ALA E 136 9.86 -51.92 14.24
C ALA E 136 8.59 -51.27 13.75
N TYR E 137 8.39 -51.35 12.43
CA TYR E 137 7.19 -50.82 11.85
C TYR E 137 6.66 -51.70 10.74
N ARG E 138 5.37 -51.52 10.47
CA ARG E 138 4.77 -52.13 9.32
C ARG E 138 3.47 -51.41 8.96
N PHE E 139 2.95 -51.73 7.78
CA PHE E 139 1.88 -50.98 7.16
C PHE E 139 0.63 -51.81 6.85
N TYR E 140 -0.50 -51.14 6.82
CA TYR E 140 -1.72 -51.68 6.25
C TYR E 140 -2.38 -50.64 5.35
N ALA E 141 -2.68 -51.03 4.13
CA ALA E 141 -3.43 -50.13 3.27
C ALA E 141 -4.70 -50.82 2.83
N GLU E 142 -5.84 -50.21 3.17
CA GLU E 142 -7.12 -50.73 2.73
C GLU E 142 -7.13 -50.81 1.21
N GLN E 143 -6.76 -49.71 0.54
CA GLN E 143 -6.73 -49.60 -0.92
C GLN E 143 -5.31 -49.30 -1.33
N PRO E 144 -4.99 -49.47 -2.63
CA PRO E 144 -3.59 -49.20 -3.04
C PRO E 144 -3.22 -47.73 -2.85
N ALA E 145 -2.05 -47.49 -2.25
CA ALA E 145 -1.59 -46.12 -1.99
C ALA E 145 -0.11 -45.95 -2.33
N ALA E 146 0.30 -44.71 -2.61
CA ALA E 146 1.71 -44.44 -2.87
C ALA E 146 2.39 -43.86 -1.64
N MET E 147 3.67 -44.20 -1.46
CA MET E 147 4.46 -43.63 -0.38
C MET E 147 5.95 -43.44 -0.72
N LEU E 148 6.60 -42.47 -0.07
CA LEU E 148 8.04 -42.30 -0.22
C LEU E 148 8.74 -42.50 1.10
N PHE E 149 9.96 -43.05 1.02
CA PHE E 149 10.85 -43.15 2.17
C PHE E 149 12.07 -42.22 2.08
N GLN E 150 12.45 -41.58 3.20
CA GLN E 150 13.75 -40.93 3.31
C GLN E 150 14.70 -41.88 4.05
N SER E 151 15.76 -42.37 3.39
CA SER E 151 16.59 -43.37 4.08
C SER E 151 18.04 -43.50 3.64
N ILE E 152 18.62 -44.66 3.91
CA ILE E 152 19.92 -44.97 3.40
C ILE E 152 19.78 -46.23 2.57
N GLU E 153 20.65 -46.38 1.57
CA GLU E 153 20.71 -47.57 0.72
C GLU E 153 21.10 -48.78 1.56
N GLY E 154 20.27 -49.82 1.51
CA GLY E 154 20.56 -51.08 2.20
C GLY E 154 19.78 -52.25 1.61
N ALA E 155 19.49 -53.22 2.47
CA ALA E 155 19.01 -54.56 2.11
C ALA E 155 17.68 -54.63 1.37
N VAL E 156 16.83 -53.61 1.53
CA VAL E 156 15.55 -53.58 0.83
C VAL E 156 15.49 -52.62 -0.37
N THR E 157 16.54 -51.80 -0.56
CA THR E 157 16.55 -50.84 -1.68
C THR E 157 16.67 -51.53 -3.06
N VAL E 158 15.65 -51.41 -3.90
CA VAL E 158 15.77 -51.88 -5.28
C VAL E 158 16.30 -50.77 -6.21
N GLN E 159 17.49 -50.97 -6.79
CA GLN E 159 17.97 -50.07 -7.84
C GLN E 159 17.69 -50.60 -9.26
N LYS E 160 16.66 -50.06 -9.92
CA LYS E 160 16.40 -50.30 -11.35
C LYS E 160 16.42 -49.01 -12.23
N TRP E 161 17.53 -48.26 -12.20
CA TRP E 161 17.63 -46.92 -12.84
C TRP E 161 17.36 -46.80 -14.33
N GLY E 162 18.12 -47.56 -15.12
CA GLY E 162 17.94 -47.60 -16.57
C GLY E 162 16.50 -48.00 -16.90
N GLU E 163 15.81 -48.59 -15.94
CA GLU E 163 14.50 -49.15 -16.20
C GLU E 163 13.35 -48.17 -15.97
N ILE E 164 13.59 -47.12 -15.17
CA ILE E 164 12.53 -46.16 -14.72
C ILE E 164 12.78 -44.70 -15.11
N CYS E 165 14.03 -44.35 -15.40
CA CYS E 165 14.44 -43.00 -15.79
C CYS E 165 14.35 -42.69 -17.30
N GLN E 166 14.62 -41.43 -17.66
CA GLN E 166 14.55 -40.96 -19.04
C GLN E 166 15.94 -41.08 -19.70
N THR E 167 15.98 -41.53 -20.97
CA THR E 167 17.27 -41.83 -21.64
C THR E 167 17.50 -41.21 -23.05
N GLU E 168 16.47 -40.63 -23.67
CA GLU E 168 16.62 -40.06 -25.02
C GLU E 168 15.76 -38.78 -25.19
N ALA E 169 16.27 -37.85 -26.02
CA ALA E 169 15.62 -36.55 -26.30
C ALA E 169 14.17 -36.71 -26.77
N LYS F 16 44.67 -14.62 3.32
CA LYS F 16 43.55 -14.32 4.25
C LYS F 16 42.35 -13.78 3.45
N ALA F 17 41.28 -13.45 4.16
CA ALA F 17 40.04 -12.94 3.59
C ALA F 17 39.75 -11.58 4.22
N ARG F 18 39.17 -10.67 3.44
CA ARG F 18 39.00 -9.28 3.85
C ARG F 18 37.81 -9.13 4.73
N THR F 19 37.83 -8.10 5.55
CA THR F 19 36.71 -7.75 6.41
C THR F 19 36.15 -6.33 6.12
N ASP F 20 36.75 -5.62 5.16
CA ASP F 20 36.55 -4.17 5.00
C ASP F 20 35.27 -3.74 4.22
N THR F 21 34.40 -3.00 4.92
CA THR F 21 33.06 -2.65 4.41
C THR F 21 32.69 -1.32 5.05
N GLU F 22 31.72 -0.63 4.46
CA GLU F 22 31.57 0.77 4.73
C GLU F 22 30.23 1.33 4.28
N HIS F 23 29.58 2.07 5.19
CA HIS F 23 28.48 2.94 4.82
C HIS F 23 29.13 4.12 4.18
N LEU F 24 28.66 4.49 3.00
CA LEU F 24 29.08 5.72 2.38
C LEU F 24 27.93 6.72 2.52
N ALA F 25 27.89 7.69 1.63
CA ALA F 25 26.94 8.81 1.74
C ALA F 25 25.47 8.37 1.59
N ILE F 26 24.56 9.03 2.29
CA ILE F 26 23.14 9.08 1.87
C ILE F 26 23.08 10.01 0.68
N ASN F 27 22.16 9.76 -0.23
CA ASN F 27 22.02 10.67 -1.35
C ASN F 27 20.82 11.61 -1.21
N ASN F 28 21.08 12.90 -1.36
CA ASN F 28 20.09 13.95 -1.19
C ASN F 28 18.84 13.77 -2.05
N GLU F 29 19.01 13.34 -3.30
CA GLU F 29 17.88 13.19 -4.24
C GLU F 29 17.08 11.90 -4.05
N THR F 30 17.76 10.77 -3.85
CA THR F 30 17.11 9.45 -3.82
C THR F 30 16.76 8.97 -2.41
N GLY F 31 17.58 9.41 -1.44
CA GLY F 31 17.33 9.14 -0.03
C GLY F 31 17.97 7.85 0.43
N TYR F 32 18.75 7.23 -0.46
CA TYR F 32 19.34 5.93 -0.21
C TYR F 32 20.80 6.11 0.10
N ARG F 33 21.32 5.19 0.91
CA ARG F 33 22.71 5.15 1.21
C ARG F 33 23.42 4.28 0.18
N SER F 34 24.68 4.56 -0.07
CA SER F 34 25.49 3.65 -0.87
C SER F 34 26.44 2.88 0.02
N PHE F 35 27.00 1.80 -0.48
CA PHE F 35 27.83 0.95 0.36
C PHE F 35 29.02 0.46 -0.44
N ARG F 36 30.10 0.16 0.29
CA ARG F 36 31.30 -0.46 -0.28
C ARG F 36 31.62 -1.77 0.45
N ALA F 37 31.98 -2.78 -0.34
CA ALA F 37 32.57 -3.97 0.22
C ALA F 37 33.79 -4.28 -0.64
N GLY F 38 34.97 -4.13 -0.03
CA GLY F 38 36.25 -4.29 -0.74
C GLY F 38 36.36 -3.36 -1.96
N GLY F 39 36.67 -3.93 -3.10
CA GLY F 39 36.67 -3.15 -4.32
C GLY F 39 35.27 -2.79 -4.82
N PHE F 40 34.23 -3.39 -4.25
CA PHE F 40 32.86 -3.24 -4.79
C PHE F 40 32.07 -2.12 -4.15
N THR F 41 31.34 -1.36 -4.98
CA THR F 41 30.30 -0.43 -4.46
C THR F 41 28.85 -0.77 -4.91
N PHE F 42 27.87 -0.29 -4.15
CA PHE F 42 26.46 -0.56 -4.41
C PHE F 42 25.73 0.75 -4.25
N THR F 43 25.10 1.18 -5.33
CA THR F 43 24.27 2.33 -5.30
C THR F 43 22.99 1.88 -5.98
N ARG F 44 21.85 2.37 -5.47
CA ARG F 44 20.56 2.18 -6.12
C ARG F 44 19.90 3.53 -6.38
N ASP F 45 19.22 3.66 -7.53
CA ASP F 45 18.45 4.86 -7.79
C ASP F 45 16.97 4.46 -7.81
N GLU F 46 16.14 5.15 -8.57
CA GLU F 46 14.73 4.82 -8.52
C GLU F 46 14.35 3.59 -9.30
N TYR F 47 15.28 3.05 -10.12
CA TYR F 47 15.00 1.89 -10.99
C TYR F 47 16.00 0.75 -10.82
N PHE F 48 17.25 1.05 -10.49
CA PHE F 48 18.39 0.14 -10.71
C PHE F 48 19.32 -0.04 -9.54
N ALA F 49 19.91 -1.24 -9.43
CA ALA F 49 21.11 -1.42 -8.62
C ALA F 49 22.28 -1.14 -9.53
N ARG F 50 23.17 -0.24 -9.12
CA ARG F 50 24.41 0.06 -9.86
C ARG F 50 25.63 -0.43 -9.10
N LEU F 51 26.34 -1.34 -9.73
CA LEU F 51 27.43 -2.02 -9.06
C LEU F 51 28.73 -1.62 -9.74
N THR F 52 29.77 -1.41 -8.95
CA THR F 52 31.09 -1.14 -9.53
C THR F 52 32.13 -1.99 -8.83
N TRP F 53 33.18 -2.32 -9.58
CA TRP F 53 34.37 -2.96 -9.04
C TRP F 53 35.62 -2.39 -9.78
N PRO F 54 36.85 -2.81 -9.39
CA PRO F 54 37.99 -2.30 -10.15
C PRO F 54 37.94 -2.68 -11.62
N GLY F 55 37.92 -1.66 -12.47
CA GLY F 55 37.93 -1.81 -13.93
C GLY F 55 36.61 -2.12 -14.63
N GLY F 56 35.53 -2.33 -13.87
CA GLY F 56 34.23 -2.69 -14.45
C GLY F 56 33.03 -2.15 -13.67
N SER F 57 31.88 -2.08 -14.34
CA SER F 57 30.61 -1.85 -13.65
C SER F 57 29.43 -2.56 -14.36
N HIS F 58 28.22 -2.45 -13.80
CA HIS F 58 27.04 -3.26 -14.21
C HIS F 58 25.72 -2.79 -13.54
N ILE F 59 24.59 -3.02 -14.22
CA ILE F 59 23.29 -2.59 -13.74
C ILE F 59 22.38 -3.81 -13.62
N ILE F 60 21.67 -3.91 -12.51
CA ILE F 60 20.57 -4.87 -12.36
C ILE F 60 19.26 -4.10 -12.02
N PRO F 61 18.15 -4.42 -12.73
CA PRO F 61 16.88 -3.73 -12.33
C PRO F 61 16.60 -3.99 -10.85
N ILE F 62 16.18 -2.95 -10.13
CA ILE F 62 16.20 -2.99 -8.68
C ILE F 62 15.38 -4.09 -8.05
N ASP F 63 14.21 -4.39 -8.63
CA ASP F 63 13.33 -5.45 -8.12
C ASP F 63 14.00 -6.82 -8.09
N ALA F 64 14.53 -7.22 -9.26
CA ALA F 64 15.38 -8.42 -9.44
C ALA F 64 16.62 -8.47 -8.52
N PHE F 65 17.29 -7.33 -8.28
CA PHE F 65 18.44 -7.30 -7.38
C PHE F 65 18.02 -7.63 -5.95
N LEU F 66 16.93 -7.00 -5.51
CA LEU F 66 16.46 -7.17 -4.13
C LEU F 66 15.90 -8.58 -3.91
N ARG F 67 15.23 -9.12 -4.93
CA ARG F 67 14.71 -10.48 -4.82
C ARG F 67 15.89 -11.41 -4.63
N ALA F 68 16.98 -11.11 -5.32
CA ALA F 68 18.21 -11.92 -5.23
C ALA F 68 18.88 -11.74 -3.90
N MET F 69 19.01 -10.48 -3.51
CA MET F 69 19.70 -10.18 -2.27
C MET F 69 18.96 -10.85 -1.11
N MET F 70 17.63 -10.75 -1.10
CA MET F 70 16.83 -11.35 -0.05
C MET F 70 17.19 -12.83 0.09
N ARG F 71 17.33 -13.54 -1.03
CA ARG F 71 17.73 -14.98 -0.97
C ARG F 71 19.18 -15.21 -0.56
N ASP F 72 20.12 -14.50 -1.15
CA ASP F 72 21.48 -14.68 -0.66
C ASP F 72 21.64 -14.49 0.87
N VAL F 73 20.98 -13.46 1.43
CA VAL F 73 21.02 -13.17 2.88
C VAL F 73 20.34 -14.32 3.65
N ALA F 74 19.06 -14.57 3.33
CA ALA F 74 18.22 -15.52 4.03
C ALA F 74 18.86 -16.89 4.10
N TRP F 75 19.51 -17.29 3.00
CA TRP F 75 20.08 -18.63 2.90
C TRP F 75 21.52 -18.72 3.43
N GLY F 76 22.00 -17.66 4.07
CA GLY F 76 23.39 -17.63 4.51
C GLY F 76 24.40 -17.99 3.46
N PHE F 77 24.17 -17.51 2.24
CA PHE F 77 25.01 -17.74 1.05
C PHE F 77 24.78 -19.13 0.45
N PHE F 78 23.95 -19.94 1.12
CA PHE F 78 23.42 -21.17 0.54
C PHE F 78 24.58 -22.11 0.16
N TYR F 79 24.36 -23.02 -0.77
CA TYR F 79 25.38 -23.98 -1.12
C TYR F 79 25.95 -23.61 -2.50
N GLY F 80 27.26 -23.43 -2.60
CA GLY F 80 27.94 -23.22 -3.86
C GLY F 80 27.75 -21.82 -4.43
N VAL F 81 27.46 -21.74 -5.73
CA VAL F 81 27.34 -20.48 -6.49
C VAL F 81 25.92 -19.94 -6.52
N VAL F 82 25.75 -18.71 -6.08
CA VAL F 82 24.46 -18.04 -6.19
C VAL F 82 24.59 -16.92 -7.25
N ASN F 83 24.20 -17.19 -8.50
CA ASN F 83 24.31 -16.15 -9.52
C ASN F 83 23.09 -15.27 -9.44
N PHE F 84 23.32 -13.96 -9.20
CA PHE F 84 22.24 -12.95 -9.23
C PHE F 84 21.73 -12.82 -10.65
N ASP F 85 22.66 -12.87 -11.59
CA ASP F 85 22.37 -12.85 -13.03
C ASP F 85 23.61 -13.42 -13.73
N HIS F 86 23.82 -13.12 -15.00
CA HIS F 86 24.91 -13.72 -15.79
C HIS F 86 26.32 -13.12 -15.52
N VAL F 87 26.35 -12.04 -14.73
CA VAL F 87 27.59 -11.36 -14.27
C VAL F 87 27.85 -11.54 -12.78
N PHE F 88 26.97 -10.96 -11.96
CA PHE F 88 27.21 -10.83 -10.53
C PHE F 88 26.68 -12.02 -9.73
N GLY F 89 27.43 -12.37 -8.68
CA GLY F 89 27.08 -13.45 -7.74
C GLY F 89 28.03 -13.66 -6.53
N THR F 90 27.78 -14.75 -5.79
CA THR F 90 28.64 -15.13 -4.68
C THR F 90 28.92 -16.63 -4.66
N ILE F 91 29.97 -17.03 -3.93
CA ILE F 91 30.30 -18.46 -3.73
C ILE F 91 30.62 -18.72 -2.25
N ASN F 92 29.95 -19.72 -1.69
CA ASN F 92 30.12 -20.08 -0.27
C ASN F 92 31.28 -21.05 -0.09
N HIS F 93 32.24 -20.68 0.75
CA HIS F 93 33.28 -21.61 1.16
C HIS F 93 33.09 -21.94 2.64
N TYR F 94 31.92 -21.57 3.19
CA TYR F 94 31.45 -22.02 4.54
C TYR F 94 32.27 -21.46 5.71
N GLY F 95 31.97 -20.23 6.07
CA GLY F 95 32.75 -19.44 7.03
C GLY F 95 33.45 -18.32 6.29
N GLU F 96 33.77 -18.55 5.01
CA GLU F 96 34.24 -17.51 4.07
C GLU F 96 33.44 -17.52 2.76
N VAL F 97 33.46 -16.41 2.03
CA VAL F 97 32.61 -16.30 0.84
C VAL F 97 33.26 -15.46 -0.24
N THR F 98 33.19 -15.92 -1.50
CA THR F 98 33.64 -15.11 -2.64
C THR F 98 32.51 -14.28 -3.32
N MET F 99 32.82 -13.00 -3.62
CA MET F 99 31.96 -12.13 -4.45
C MET F 99 32.61 -11.87 -5.81
N PHE F 100 31.83 -11.96 -6.88
CA PHE F 100 32.40 -11.87 -8.21
C PHE F 100 31.59 -11.05 -9.19
N ALA F 101 32.30 -10.50 -10.18
CA ALA F 101 31.71 -10.00 -11.40
C ALA F 101 32.37 -10.74 -12.55
N GLY F 102 31.64 -11.62 -13.22
CA GLY F 102 32.11 -12.14 -14.50
C GLY F 102 32.79 -13.49 -14.43
N ARG F 103 32.84 -14.04 -13.21
CA ARG F 103 33.54 -15.32 -12.90
C ARG F 103 33.03 -16.57 -13.67
N PHE F 104 31.75 -16.62 -13.99
CA PHE F 104 31.19 -17.74 -14.74
C PHE F 104 30.56 -17.22 -16.03
N ASN F 105 31.07 -16.08 -16.50
CA ASN F 105 30.72 -15.55 -17.80
C ASN F 105 31.91 -15.78 -18.75
N ASP F 106 31.71 -16.63 -19.75
CA ASP F 106 32.85 -17.04 -20.55
C ASP F 106 33.40 -15.88 -21.36
N ALA F 107 32.59 -14.86 -21.61
CA ALA F 107 33.06 -13.68 -22.36
C ALA F 107 33.98 -12.81 -21.53
N TYR F 108 33.70 -12.73 -20.23
CA TYR F 108 34.54 -12.02 -19.24
C TYR F 108 35.85 -12.73 -18.95
N ARG F 109 35.74 -14.06 -18.80
CA ARG F 109 36.83 -14.93 -18.41
C ARG F 109 37.83 -15.09 -19.55
N ASN F 110 37.34 -15.28 -20.77
CA ASN F 110 38.23 -15.40 -21.93
C ASN F 110 38.98 -14.10 -22.19
N ALA F 111 38.87 -13.12 -21.30
CA ALA F 111 39.41 -11.83 -21.60
C ALA F 111 40.02 -11.20 -20.35
N GLY F 112 40.09 -12.01 -19.30
CA GLY F 112 40.80 -11.61 -18.08
C GLY F 112 40.17 -10.39 -17.45
N ARG F 113 38.88 -10.21 -17.68
CA ARG F 113 38.17 -9.08 -17.09
C ARG F 113 37.14 -9.49 -16.05
N ASP F 114 37.25 -10.72 -15.54
CA ASP F 114 36.41 -11.13 -14.44
C ASP F 114 37.10 -10.70 -13.19
N HIS F 115 36.33 -10.38 -12.17
CA HIS F 115 36.93 -9.91 -10.93
C HIS F 115 36.27 -10.54 -9.72
N GLU F 116 37.08 -11.04 -8.80
CA GLU F 116 36.54 -11.76 -7.62
C GLU F 116 37.34 -11.43 -6.37
N GLU F 117 36.63 -11.17 -5.26
CA GLU F 117 37.22 -10.95 -3.95
C GLU F 117 36.65 -11.95 -2.91
N ARG F 118 37.45 -12.27 -1.89
CA ARG F 118 37.09 -13.26 -0.88
C ARG F 118 37.05 -12.57 0.49
N PHE F 119 35.99 -12.85 1.26
CA PHE F 119 35.62 -12.13 2.49
C PHE F 119 35.35 -13.15 3.59
N LYS F 120 35.57 -12.74 4.86
CA LYS F 120 34.97 -13.42 6.01
C LYS F 120 33.45 -13.31 5.81
N SER F 121 32.77 -14.44 5.92
CA SER F 121 31.35 -14.51 5.57
C SER F 121 30.53 -13.56 6.36
N SER F 122 30.93 -13.40 7.60
CA SER F 122 30.24 -12.55 8.55
C SER F 122 30.35 -11.05 8.19
N ALA F 123 31.47 -10.65 7.60
CA ALA F 123 31.63 -9.25 7.13
C ALA F 123 30.71 -8.91 5.92
N LEU F 124 30.68 -9.80 4.93
CA LEU F 124 29.84 -9.56 3.76
C LEU F 124 28.36 -9.67 4.16
N MET F 125 28.01 -10.72 4.90
CA MET F 125 26.65 -10.84 5.42
C MET F 125 26.19 -9.55 6.05
N ALA F 126 27.00 -8.96 6.93
CA ALA F 126 26.59 -7.72 7.59
C ALA F 126 26.29 -6.53 6.66
N VAL F 127 27.09 -6.31 5.61
CA VAL F 127 26.83 -5.18 4.70
C VAL F 127 25.63 -5.49 3.77
N PHE F 128 25.58 -6.73 3.31
CA PHE F 128 24.41 -7.23 2.60
C PHE F 128 23.11 -6.88 3.35
N LYS F 129 23.10 -7.14 4.66
CA LYS F 129 21.91 -6.84 5.47
C LYS F 129 21.54 -5.36 5.51
N ASP F 130 22.56 -4.50 5.53
CA ASP F 130 22.37 -3.06 5.51
C ASP F 130 21.88 -2.61 4.17
N ILE F 131 22.49 -3.11 3.11
CA ILE F 131 22.02 -2.83 1.78
C ILE F 131 20.57 -3.24 1.63
N LEU F 132 20.23 -4.45 2.08
CA LEU F 132 18.90 -4.97 1.89
C LEU F 132 17.94 -4.12 2.71
N SER F 133 18.33 -3.73 3.91
CA SER F 133 17.47 -2.95 4.76
C SER F 133 17.31 -1.51 4.26
N ASP F 134 18.40 -0.91 3.81
CA ASP F 134 18.30 0.42 3.27
C ASP F 134 17.49 0.52 2.00
N TRP F 135 17.57 -0.48 1.13
CA TRP F 135 17.00 -0.34 -0.22
C TRP F 135 15.55 -0.86 -0.29
N THR F 136 15.11 -1.56 0.76
CA THR F 136 13.75 -2.08 0.78
C THR F 136 12.83 -1.02 1.39
N VAL F 137 11.78 -0.68 0.66
CA VAL F 137 10.94 0.44 1.05
C VAL F 137 9.62 -0.08 1.54
N GLU F 138 8.91 0.76 2.30
CA GLU F 138 7.55 0.45 2.74
C GLU F 138 6.71 -0.30 1.70
N GLY F 139 5.98 -1.31 2.19
CA GLY F 139 5.05 -2.08 1.38
C GLY F 139 5.67 -2.95 0.29
N TYR F 140 7.00 -3.08 0.29
CA TYR F 140 7.67 -3.95 -0.67
C TYR F 140 8.29 -5.19 0.02
N ASP F 141 7.87 -6.39 -0.39
CA ASP F 141 8.38 -7.62 0.20
C ASP F 141 9.19 -8.40 -0.83
N PRO F 142 10.56 -8.33 -0.77
CA PRO F 142 11.39 -9.03 -1.74
C PRO F 142 11.34 -10.55 -1.62
N PHE F 143 10.69 -11.04 -0.58
CA PHE F 143 10.50 -12.48 -0.42
C PHE F 143 9.19 -12.99 -1.06
N ALA F 144 8.31 -12.08 -1.47
CA ALA F 144 7.01 -12.47 -1.98
C ALA F 144 6.98 -12.48 -3.51
N ALA F 145 5.93 -13.04 -4.08
CA ALA F 145 5.76 -13.14 -5.52
C ALA F 145 5.14 -11.83 -5.94
N PRO F 146 5.36 -11.41 -7.21
CA PRO F 146 4.95 -10.03 -7.56
C PRO F 146 3.48 -9.69 -7.31
N MET F 147 2.57 -10.62 -7.55
CA MET F 147 1.15 -10.35 -7.25
C MET F 147 0.86 -10.17 -5.75
N GLU F 148 1.80 -10.51 -4.88
CA GLU F 148 1.57 -10.53 -3.44
C GLU F 148 1.97 -9.26 -2.72
N THR F 149 2.63 -8.33 -3.41
CA THR F 149 3.28 -7.22 -2.70
C THR F 149 3.37 -5.98 -3.59
N GLY F 150 3.89 -4.88 -3.06
CA GLY F 150 3.98 -3.64 -3.83
C GLY F 150 5.25 -3.55 -4.64
N LEU F 151 5.60 -2.32 -5.05
CA LEU F 151 6.66 -1.99 -6.02
C LEU F 151 7.84 -1.40 -5.29
N PRO F 152 9.10 -1.65 -5.76
CA PRO F 152 10.29 -1.11 -5.12
C PRO F 152 10.80 0.19 -5.77
N TRP F 153 10.06 0.72 -6.78
CA TRP F 153 10.58 1.85 -7.59
C TRP F 153 10.55 3.18 -6.86
N GLY F 154 11.47 4.06 -7.24
CA GLY F 154 11.39 5.44 -6.79
C GLY F 154 12.29 5.71 -5.62
N ILE F 155 12.08 6.85 -4.99
CA ILE F 155 12.95 7.31 -3.92
C ILE F 155 12.69 6.50 -2.65
N LYS F 156 13.61 6.64 -1.69
CA LYS F 156 13.49 6.05 -0.37
C LYS F 156 12.18 6.51 0.28
N ASN F 157 11.41 5.54 0.74
CA ASN F 157 10.13 5.79 1.41
C ASN F 157 9.89 4.74 2.46
N GLY F 158 10.32 5.01 3.70
CA GLY F 158 10.22 4.05 4.78
C GLY F 158 11.09 2.84 4.52
N ASN F 159 10.81 1.78 5.28
CA ASN F 159 11.52 0.51 5.24
C ASN F 159 10.51 -0.62 5.33
N ASN F 160 10.96 -1.81 4.99
CA ASN F 160 10.21 -3.02 5.33
C ASN F 160 11.09 -3.99 6.11
N ASP F 161 11.64 -3.51 7.23
CA ASP F 161 12.55 -4.30 8.07
C ASP F 161 12.00 -5.67 8.52
N GLU F 162 10.69 -5.77 8.65
CA GLU F 162 10.07 -6.97 9.15
C GLU F 162 10.06 -8.10 8.12
N ALA F 163 9.80 -7.75 6.85
CA ALA F 163 9.73 -8.73 5.78
C ALA F 163 11.09 -9.35 5.54
N ILE F 164 12.16 -8.58 5.78
CA ILE F 164 13.52 -9.01 5.41
C ILE F 164 14.30 -9.61 6.59
N SER F 165 13.65 -9.62 7.75
CA SER F 165 14.22 -10.11 9.00
C SER F 165 13.62 -11.38 9.48
N ARG F 166 12.82 -12.07 8.66
CA ARG F 166 12.06 -13.23 9.15
C ARG F 166 13.04 -14.33 9.59
N GLN F 167 12.78 -14.89 10.77
CA GLN F 167 13.58 -15.98 11.38
C GLN F 167 13.59 -17.26 10.54
N ARG F 168 14.78 -17.85 10.39
CA ARG F 168 14.98 -19.12 9.68
C ARG F 168 14.32 -20.26 10.44
N VAL F 169 13.62 -21.17 9.77
CA VAL F 169 13.22 -22.44 10.45
C VAL F 169 13.95 -23.66 9.88
N THR F 170 14.55 -24.44 10.77
CA THR F 170 15.28 -25.66 10.42
C THR F 170 14.92 -26.73 11.45
N ALA F 171 14.30 -27.84 11.06
CA ALA F 171 14.09 -28.95 12.02
C ALA F 171 15.42 -29.53 12.44
N ARG F 172 15.50 -29.98 13.68
CA ARG F 172 16.66 -30.77 14.14
C ARG F 172 16.44 -32.21 13.67
N ARG F 173 15.20 -32.69 13.72
CA ARG F 173 14.88 -34.07 13.44
C ARG F 173 13.63 -34.17 12.59
N MET F 174 12.52 -33.64 13.09
CA MET F 174 11.31 -33.52 12.31
C MET F 174 10.41 -32.43 12.88
N VAL F 175 9.73 -31.71 11.97
CA VAL F 175 8.66 -30.77 12.35
C VAL F 175 7.75 -31.47 13.36
N GLY F 176 7.45 -30.81 14.47
CA GLY F 176 6.36 -31.25 15.32
C GLY F 176 6.74 -32.10 16.50
N LEU F 177 7.98 -32.55 16.54
CA LEU F 177 8.52 -33.28 17.68
C LEU F 177 8.65 -32.38 18.90
N PRO F 178 8.59 -32.97 20.11
CA PRO F 178 8.81 -32.19 21.33
C PRO F 178 10.11 -31.40 21.25
N GLY F 179 9.99 -30.09 21.41
CA GLY F 179 11.14 -29.22 21.38
C GLY F 179 11.67 -28.95 20.00
N ASP F 180 11.10 -29.56 18.96
CA ASP F 180 11.60 -29.30 17.57
C ASP F 180 10.86 -28.10 16.93
N THR F 181 11.06 -27.84 15.64
CA THR F 181 10.32 -26.76 14.99
C THR F 181 8.80 -27.08 14.87
N PRO F 182 7.93 -26.09 15.13
CA PRO F 182 6.52 -26.42 15.24
C PRO F 182 5.73 -26.39 13.96
N VAL F 183 4.64 -27.16 13.99
CA VAL F 183 3.59 -27.15 13.01
C VAL F 183 3.05 -25.73 12.87
N ARG F 184 2.83 -25.27 11.64
CA ARG F 184 2.22 -23.94 11.41
C ARG F 184 0.68 -23.95 11.57
N THR F 185 0.14 -22.84 12.05
CA THR F 185 -1.27 -22.71 12.43
C THR F 185 -1.67 -21.25 12.33
N ASP F 186 -2.98 -20.98 12.18
CA ASP F 186 -3.49 -19.61 12.26
C ASP F 186 -3.01 -19.02 13.58
N ALA F 187 -3.15 -19.77 14.67
CA ALA F 187 -2.80 -19.23 15.99
C ALA F 187 -1.36 -18.73 16.13
N ASN F 188 -0.38 -19.40 15.48
CA ASN F 188 1.01 -18.96 15.51
C ASN F 188 1.40 -18.10 14.29
N GLY F 189 0.42 -17.67 13.53
CA GLY F 189 0.69 -16.61 12.55
C GLY F 189 1.06 -17.06 11.15
N PHE F 190 0.68 -18.28 10.79
CA PHE F 190 0.94 -18.74 9.42
C PHE F 190 -0.37 -19.24 8.81
N PRO F 191 -1.23 -18.30 8.35
CA PRO F 191 -2.47 -18.65 7.65
C PRO F 191 -2.19 -19.18 6.23
N VAL F 192 -3.06 -20.08 5.75
CA VAL F 192 -2.98 -20.66 4.42
C VAL F 192 -2.94 -19.58 3.33
N ASN F 193 -1.89 -19.57 2.52
CA ASN F 193 -1.75 -18.70 1.33
C ASN F 193 -2.94 -18.82 0.36
N ARG F 194 -3.35 -17.70 -0.26
CA ARG F 194 -4.53 -17.71 -1.17
C ARG F 194 -4.42 -18.69 -2.35
N GLN F 195 -3.22 -18.93 -2.86
CA GLN F 195 -3.11 -19.91 -3.96
C GLN F 195 -2.90 -21.35 -3.48
N PHE F 196 -3.17 -21.60 -2.21
CA PHE F 196 -3.27 -22.94 -1.64
C PHE F 196 -4.58 -23.14 -0.84
N ALA F 197 -5.57 -22.31 -1.15
CA ALA F 197 -6.82 -22.31 -0.39
C ALA F 197 -7.55 -23.65 -0.32
N ASP F 198 -7.40 -24.49 -1.33
CA ASP F 198 -8.17 -25.73 -1.41
C ASP F 198 -7.48 -26.96 -0.82
N VAL F 199 -6.26 -26.80 -0.31
CA VAL F 199 -5.48 -27.91 0.26
C VAL F 199 -6.01 -28.36 1.63
N PRO F 200 -6.37 -29.66 1.79
CA PRO F 200 -6.83 -30.21 3.09
C PRO F 200 -5.84 -29.93 4.25
N GLN F 201 -6.34 -29.44 5.38
CA GLN F 201 -5.46 -29.07 6.52
C GLN F 201 -5.42 -30.06 7.72
N GLU F 202 -6.26 -31.10 7.71
CA GLU F 202 -6.32 -32.06 8.82
C GLU F 202 -4.97 -32.72 9.13
N GLN F 203 -4.61 -32.76 10.40
CA GLN F 203 -3.43 -33.50 10.83
C GLN F 203 -3.69 -35.02 10.71
N PRO F 204 -2.63 -35.80 10.49
CA PRO F 204 -2.84 -37.24 10.51
C PRO F 204 -3.34 -37.70 11.90
N VAL F 205 -4.11 -38.78 11.97
CA VAL F 205 -4.46 -39.39 13.27
C VAL F 205 -3.22 -40.03 13.94
N VAL F 206 -2.91 -39.66 15.17
CA VAL F 206 -1.76 -40.24 15.88
C VAL F 206 -2.26 -40.83 17.22
N GLU F 207 -2.18 -42.15 17.38
CA GLU F 207 -2.49 -42.80 18.69
C GLU F 207 -1.27 -43.49 19.25
N ALA F 208 -0.64 -42.80 20.21
CA ALA F 208 0.51 -43.27 21.00
C ALA F 208 0.06 -44.04 22.25
N GLU F 209 0.66 -45.21 22.47
CA GLU F 209 0.48 -45.97 23.72
C GLU F 209 1.18 -45.24 24.86
N PRO F 210 0.74 -45.49 26.12
CA PRO F 210 1.24 -44.70 27.27
C PRO F 210 2.76 -44.82 27.42
N GLY F 211 3.47 -43.69 27.48
CA GLY F 211 4.93 -43.70 27.57
C GLY F 211 5.64 -43.42 26.24
N PHE F 212 4.89 -43.48 25.13
CA PHE F 212 5.52 -43.26 23.84
C PHE F 212 5.10 -41.97 23.14
N GLU F 213 4.30 -41.14 23.82
CA GLU F 213 3.78 -39.91 23.21
C GLU F 213 4.88 -39.07 22.58
N ALA F 214 6.05 -39.04 23.21
CA ALA F 214 7.20 -38.33 22.69
C ALA F 214 7.75 -38.88 21.38
N GLU F 215 7.48 -40.14 21.05
CA GLU F 215 8.13 -40.75 19.85
C GLU F 215 7.25 -41.28 18.72
N VAL F 216 5.94 -41.10 18.85
CA VAL F 216 4.98 -41.49 17.86
C VAL F 216 4.49 -40.16 17.37
N SER F 217 4.91 -39.80 16.16
CA SER F 217 4.75 -38.43 15.69
C SER F 217 4.53 -38.35 14.19
N ALA F 218 3.56 -37.54 13.78
CA ALA F 218 3.27 -37.32 12.35
C ALA F 218 2.61 -35.98 12.16
N TYR F 219 2.90 -35.33 11.04
CA TYR F 219 2.30 -34.04 10.70
C TYR F 219 1.93 -33.95 9.22
N ASN F 220 1.03 -33.04 8.91
CA ASN F 220 0.59 -32.76 7.55
C ASN F 220 1.55 -31.83 6.79
N LEU F 221 2.52 -32.41 6.08
CA LEU F 221 3.54 -31.65 5.34
C LEU F 221 2.98 -30.72 4.25
N PHE F 222 2.04 -31.20 3.44
CA PHE F 222 1.47 -30.32 2.41
C PHE F 222 0.72 -29.16 3.06
N GLY F 223 0.05 -29.43 4.18
CA GLY F 223 -0.65 -28.37 4.88
C GLY F 223 0.35 -27.33 5.36
N TYR F 224 1.52 -27.83 5.77
CA TYR F 224 2.60 -26.99 6.31
C TYR F 224 3.23 -26.09 5.23
N LEU F 225 3.44 -26.67 4.05
CA LEU F 225 3.88 -25.94 2.91
C LEU F 225 2.86 -24.88 2.50
N SER F 226 1.58 -25.17 2.60
CA SER F 226 0.53 -24.22 2.20
C SER F 226 0.49 -22.95 3.08
N ARG F 227 1.27 -22.95 4.16
CA ARG F 227 1.25 -21.86 5.14
C ARG F 227 2.59 -21.19 5.20
N SER F 228 3.49 -21.63 4.33
CA SER F 228 4.73 -20.89 4.15
C SER F 228 4.42 -19.42 3.76
N ASP F 229 5.00 -18.47 4.49
CA ASP F 229 4.78 -17.05 4.21
C ASP F 229 5.77 -16.46 3.18
N VAL F 230 6.59 -17.30 2.55
CA VAL F 230 7.61 -16.82 1.63
C VAL F 230 7.65 -17.71 0.39
N THR F 231 8.35 -17.25 -0.65
CA THR F 231 8.60 -18.08 -1.83
C THR F 231 10.09 -18.40 -2.02
N TRP F 232 10.36 -19.57 -2.62
CA TRP F 232 11.71 -20.00 -2.92
C TRP F 232 12.61 -19.89 -1.67
N ASN F 233 12.32 -20.73 -0.68
CA ASN F 233 13.09 -20.76 0.55
C ASN F 233 13.18 -22.20 1.13
N PRO F 234 14.03 -23.05 0.52
CA PRO F 234 14.19 -24.44 0.97
C PRO F 234 14.37 -24.44 2.48
N SER F 235 13.53 -25.18 3.18
CA SER F 235 13.50 -25.05 4.61
C SER F 235 13.32 -26.45 5.22
N VAL F 236 14.19 -26.80 6.16
CA VAL F 236 14.45 -28.20 6.54
C VAL F 236 13.30 -28.70 7.38
N CYS F 237 12.71 -29.84 6.97
CA CYS F 237 11.58 -30.48 7.68
C CYS F 237 11.88 -31.84 8.35
N SER F 238 12.86 -32.59 7.84
CA SER F 238 13.26 -33.87 8.41
C SER F 238 14.72 -34.19 8.12
N VAL F 239 15.38 -34.80 9.12
CA VAL F 239 16.82 -35.06 9.03
C VAL F 239 17.19 -36.52 9.30
N VAL F 240 17.90 -37.14 8.36
CA VAL F 240 18.54 -38.42 8.59
C VAL F 240 20.03 -38.20 8.32
N GLY F 241 20.83 -38.17 9.37
CA GLY F 241 22.27 -37.88 9.19
C GLY F 241 22.46 -36.59 8.42
N ASP F 242 23.09 -36.66 7.25
CA ASP F 242 23.33 -35.48 6.41
C ASP F 242 22.22 -35.27 5.37
N SER F 243 21.31 -36.23 5.28
CA SER F 243 20.17 -36.11 4.36
C SER F 243 19.07 -35.16 4.91
N LEU F 244 18.81 -34.09 4.13
CA LEU F 244 17.91 -32.99 4.55
C LEU F 244 16.78 -32.81 3.54
N PHE F 245 15.54 -33.04 3.97
CA PHE F 245 14.34 -32.63 3.22
C PHE F 245 14.06 -31.14 3.44
N CYS F 246 14.19 -30.36 2.39
CA CYS F 246 13.95 -28.92 2.46
C CYS F 246 12.81 -28.51 1.49
N PRO F 247 11.54 -28.78 1.84
CA PRO F 247 10.52 -28.30 0.92
C PRO F 247 10.30 -26.81 1.10
N THR F 248 9.68 -26.19 0.09
CA THR F 248 9.34 -24.77 0.10
C THR F 248 8.17 -24.48 -0.84
N SER F 249 7.69 -23.26 -0.85
CA SER F 249 6.64 -22.86 -1.79
C SER F 249 7.22 -21.92 -2.84
N GLU F 250 6.94 -22.21 -4.11
CA GLU F 250 7.53 -21.53 -5.26
C GLU F 250 6.50 -20.78 -6.07
N GLU F 251 6.78 -19.52 -6.43
CA GLU F 251 5.90 -18.70 -7.28
C GLU F 251 6.73 -17.71 -8.07
N PHE F 252 6.33 -17.48 -9.32
CA PHE F 252 7.04 -16.61 -10.26
C PHE F 252 8.39 -17.25 -10.59
N ILE F 253 9.49 -16.51 -10.45
CA ILE F 253 10.78 -17.01 -10.90
C ILE F 253 11.77 -17.11 -9.77
N LEU F 254 12.49 -18.24 -9.70
CA LEU F 254 13.65 -18.35 -8.78
C LEU F 254 14.58 -17.17 -9.03
N PRO F 255 14.79 -16.34 -8.01
CA PRO F 255 15.42 -15.05 -8.30
C PRO F 255 16.92 -15.09 -8.56
N VAL F 256 17.49 -16.31 -8.59
CA VAL F 256 18.94 -16.49 -8.81
C VAL F 256 19.15 -17.66 -9.75
N GLU F 257 20.37 -17.86 -10.23
CA GLU F 257 20.71 -19.10 -10.93
C GLU F 257 21.61 -19.88 -10.01
N HIS F 258 21.13 -21.01 -9.52
CA HIS F 258 21.87 -21.75 -8.49
C HIS F 258 22.85 -22.77 -9.12
N GLY F 259 24.15 -22.57 -8.87
CA GLY F 259 25.21 -23.55 -9.25
C GLY F 259 25.74 -24.23 -8.00
N ASN F 260 25.12 -25.34 -7.63
CA ASN F 260 25.56 -26.09 -6.45
C ASN F 260 26.96 -26.68 -6.59
N ASP F 261 27.66 -26.85 -5.47
CA ASP F 261 28.96 -27.54 -5.38
C ASP F 261 28.81 -29.05 -5.07
N ARG F 262 27.65 -29.62 -5.44
CA ARG F 262 27.23 -30.98 -5.13
C ARG F 262 25.95 -31.31 -5.92
N CYS F 263 25.42 -32.53 -5.79
CA CYS F 263 24.15 -32.88 -6.49
C CYS F 263 22.98 -32.49 -5.62
N GLU F 264 21.87 -32.04 -6.21
CA GLU F 264 20.64 -31.78 -5.45
C GLU F 264 19.44 -32.28 -6.24
N TRP F 265 18.48 -32.87 -5.54
CA TRP F 265 17.28 -33.48 -6.14
C TRP F 265 16.05 -32.62 -5.96
N PHE F 266 15.20 -32.62 -6.96
CA PHE F 266 13.95 -31.92 -6.91
C PHE F 266 12.80 -32.92 -7.04
N LEU F 267 11.90 -32.89 -6.06
CA LEU F 267 10.63 -33.61 -6.17
C LEU F 267 9.47 -32.64 -6.20
N GLN F 268 8.77 -32.62 -7.33
CA GLN F 268 7.58 -31.78 -7.47
C GLN F 268 6.39 -32.33 -6.70
N LEU F 269 5.93 -31.60 -5.69
CA LEU F 269 4.82 -32.09 -4.90
C LEU F 269 3.46 -31.61 -5.41
N SER F 270 3.34 -30.37 -5.88
CA SER F 270 2.09 -29.98 -6.53
C SER F 270 2.33 -29.20 -7.83
N ASP F 271 1.33 -29.15 -8.68
CA ASP F 271 1.32 -28.21 -9.81
C ASP F 271 2.53 -28.37 -10.73
N GLU F 272 3.20 -27.27 -11.10
CA GLU F 272 4.20 -27.40 -12.17
C GLU F 272 5.34 -26.38 -12.17
N ILE F 273 6.56 -26.86 -12.44
CA ILE F 273 7.76 -26.00 -12.55
C ILE F 273 8.51 -26.36 -13.83
N VAL F 274 9.01 -25.34 -14.53
CA VAL F 274 9.97 -25.50 -15.62
C VAL F 274 11.33 -24.96 -15.15
N TRP F 275 12.37 -25.79 -15.24
CA TRP F 275 13.73 -25.36 -14.87
C TRP F 275 14.52 -25.10 -16.09
N ASP F 276 15.06 -23.90 -16.15
CA ASP F 276 15.94 -23.47 -17.20
C ASP F 276 17.33 -23.89 -16.76
N VAL F 277 17.92 -24.86 -17.45
CA VAL F 277 19.27 -25.38 -17.06
C VAL F 277 20.42 -24.85 -17.95
N LYS F 278 21.37 -24.16 -17.33
CA LYS F 278 22.53 -23.65 -18.06
C LYS F 278 23.83 -24.21 -17.47
N ASP F 279 24.89 -24.16 -18.26
CA ASP F 279 26.20 -24.64 -17.84
C ASP F 279 26.78 -23.82 -16.69
N LYS F 280 27.16 -24.47 -15.60
CA LYS F 280 27.65 -23.71 -14.45
C LYS F 280 28.81 -22.75 -14.80
N GLU F 281 29.65 -23.14 -15.77
CA GLU F 281 30.90 -22.41 -16.03
C GLU F 281 30.78 -21.29 -17.05
N SER F 282 30.00 -21.51 -18.10
CA SER F 282 29.91 -20.59 -19.23
C SER F 282 28.63 -19.77 -19.18
N GLY F 283 27.58 -20.35 -18.59
CA GLY F 283 26.23 -19.74 -18.58
C GLY F 283 25.44 -20.10 -19.85
N LYS F 284 26.00 -21.01 -20.64
CA LYS F 284 25.38 -21.41 -21.88
C LYS F 284 24.21 -22.34 -21.65
N PRO F 285 23.06 -22.07 -22.32
CA PRO F 285 21.90 -22.98 -22.24
C PRO F 285 22.20 -24.46 -22.55
N ARG F 286 21.67 -25.37 -21.72
CA ARG F 286 21.89 -26.82 -21.87
C ARG F 286 20.61 -27.64 -21.98
N ALA F 287 19.62 -27.32 -21.15
CA ALA F 287 18.36 -28.06 -21.14
C ALA F 287 17.22 -27.26 -20.45
N ARG F 288 16.00 -27.81 -20.50
CA ARG F 288 14.84 -27.27 -19.81
C ARG F 288 14.01 -28.44 -19.28
N VAL F 289 13.97 -28.55 -17.96
CA VAL F 289 13.25 -29.60 -17.30
C VAL F 289 11.89 -29.07 -16.83
N THR F 290 10.81 -29.71 -17.32
CA THR F 290 9.43 -29.45 -16.95
C THR F 290 8.94 -30.57 -16.00
N ALA F 291 8.52 -30.21 -14.78
CA ALA F 291 8.15 -31.21 -13.76
C ALA F 291 6.72 -31.01 -13.26
N ARG F 292 5.96 -32.09 -13.23
CA ARG F 292 4.64 -32.08 -12.67
C ARG F 292 4.57 -32.98 -11.44
N ALA F 293 3.43 -32.98 -10.76
CA ALA F 293 3.30 -33.69 -9.47
C ALA F 293 3.89 -35.09 -9.55
N GLY F 294 4.91 -35.35 -8.76
CA GLY F 294 5.47 -36.66 -8.67
C GLY F 294 6.77 -36.80 -9.40
N ASP F 295 7.08 -35.86 -10.30
CA ASP F 295 8.32 -35.99 -11.07
C ASP F 295 9.45 -35.67 -10.15
N ILE F 296 10.45 -36.54 -10.09
CA ILE F 296 11.68 -36.29 -9.35
C ILE F 296 12.81 -36.31 -10.36
N CYS F 297 13.86 -35.53 -10.07
CA CYS F 297 15.00 -35.45 -10.96
C CYS F 297 16.18 -34.85 -10.20
N CYS F 298 17.37 -34.98 -10.79
CA CYS F 298 18.61 -34.48 -10.18
CA CYS F 298 18.53 -34.39 -10.14
C CYS F 298 19.11 -33.26 -10.97
N MET F 299 19.81 -32.38 -10.28
CA MET F 299 20.55 -31.28 -10.86
C MET F 299 22.02 -31.57 -10.62
N PRO F 300 22.74 -31.92 -11.68
CA PRO F 300 24.17 -32.27 -11.64
C PRO F 300 25.02 -31.12 -11.12
N ALA F 301 26.20 -31.43 -10.57
CA ALA F 301 27.09 -30.42 -9.99
C ALA F 301 27.73 -29.42 -10.98
N ASP F 302 27.57 -29.67 -12.27
CA ASP F 302 28.23 -28.88 -13.30
C ASP F 302 27.24 -27.98 -14.10
N ILE F 303 25.99 -27.85 -13.63
CA ILE F 303 25.03 -26.94 -14.24
C ILE F 303 24.46 -25.95 -13.22
N ARG F 304 23.82 -24.90 -13.72
CA ARG F 304 23.07 -23.96 -12.87
C ARG F 304 21.61 -24.02 -13.30
N HIS F 305 20.68 -23.70 -12.40
CA HIS F 305 19.24 -23.89 -12.68
C HIS F 305 18.41 -22.74 -12.18
N GLN F 306 17.29 -22.52 -12.84
CA GLN F 306 16.40 -21.43 -12.49
C GLN F 306 14.99 -21.83 -12.84
N GLY F 307 14.09 -21.70 -11.88
CA GLY F 307 12.79 -22.32 -12.00
C GLY F 307 11.72 -21.30 -12.25
N TYR F 308 10.58 -21.77 -12.78
CA TYR F 308 9.43 -20.92 -13.17
C TYR F 308 8.15 -21.61 -12.82
N SER F 309 7.31 -20.91 -12.06
CA SER F 309 6.13 -21.50 -11.50
C SER F 309 4.99 -20.49 -11.60
N THR F 310 4.00 -20.80 -12.44
CA THR F 310 2.88 -19.90 -12.64
C THR F 310 2.05 -19.84 -11.37
N LYS F 311 1.54 -20.98 -10.93
CA LYS F 311 0.79 -21.04 -9.66
C LYS F 311 1.80 -21.24 -8.53
N ARG F 312 1.49 -20.75 -7.35
CA ARG F 312 2.27 -21.12 -6.17
C ARG F 312 2.25 -22.63 -6.08
N SER F 313 3.43 -23.23 -5.99
CA SER F 313 3.55 -24.67 -6.09
C SER F 313 4.40 -25.19 -4.96
N MET F 314 4.15 -26.45 -4.60
CA MET F 314 4.93 -27.19 -3.59
C MET F 314 6.05 -27.98 -4.25
N LEU F 315 7.26 -27.77 -3.75
CA LEU F 315 8.45 -28.42 -4.22
C LEU F 315 9.23 -28.94 -3.07
N LEU F 316 9.80 -30.11 -3.26
CA LEU F 316 10.78 -30.65 -2.31
C LEU F 316 12.20 -30.56 -2.90
N VAL F 317 13.04 -29.75 -2.28
CA VAL F 317 14.48 -29.74 -2.52
C VAL F 317 15.10 -30.72 -1.55
N TRP F 318 15.81 -31.74 -2.05
CA TRP F 318 16.47 -32.75 -1.18
C TRP F 318 17.98 -32.61 -1.30
N GLU F 319 18.64 -32.23 -0.20
CA GLU F 319 20.11 -32.05 -0.17
C GLU F 319 20.83 -33.09 0.67
N ASN F 320 22.11 -33.28 0.35
CA ASN F 320 23.01 -33.98 1.23
C ASN F 320 24.02 -32.96 1.71
N GLY F 321 23.98 -32.69 3.01
CA GLY F 321 24.64 -31.54 3.59
C GLY F 321 26.06 -31.78 4.04
N SER F 322 26.61 -32.93 3.63
CA SER F 322 27.97 -33.36 3.93
C SER F 322 28.97 -32.35 3.42
N PRO F 323 29.79 -31.78 4.30
CA PRO F 323 30.73 -30.76 3.82
C PRO F 323 31.92 -31.34 3.03
N LYS F 324 31.98 -32.67 2.90
CA LYS F 324 33.10 -33.35 2.22
C LYS F 324 32.93 -33.45 0.70
N ILE F 325 31.71 -33.21 0.21
CA ILE F 325 31.40 -33.29 -1.22
C ILE F 325 32.24 -32.34 -2.09
N PRO F 326 32.30 -31.04 -1.75
CA PRO F 326 32.89 -30.14 -2.76
C PRO F 326 34.33 -30.52 -3.11
N GLN F 327 35.21 -30.61 -2.11
CA GLN F 327 36.61 -30.92 -2.35
C GLN F 327 36.76 -32.31 -2.99
N MET F 328 35.81 -33.21 -2.72
CA MET F 328 35.75 -34.55 -3.36
C MET F 328 35.46 -34.53 -4.88
N ILE F 329 34.67 -33.54 -5.31
CA ILE F 329 34.35 -33.34 -6.73
C ILE F 329 35.55 -32.71 -7.44
N ALA F 330 36.41 -32.06 -6.65
CA ALA F 330 37.71 -31.59 -7.14
C ALA F 330 38.61 -32.80 -7.48
N ASP F 331 38.90 -33.61 -6.46
CA ASP F 331 39.69 -34.85 -6.60
C ASP F 331 39.21 -35.78 -7.72
N GLY F 332 37.93 -35.71 -8.04
CA GLY F 332 37.28 -36.69 -8.90
C GLY F 332 36.93 -37.94 -8.10
N THR F 333 37.22 -37.90 -6.80
CA THR F 333 36.92 -38.98 -5.86
C THR F 333 35.42 -39.29 -5.75
N ALA F 334 34.60 -38.44 -6.39
CA ALA F 334 33.13 -38.49 -6.32
C ALA F 334 32.53 -37.80 -7.57
N PRO F 335 31.47 -38.38 -8.16
CA PRO F 335 31.06 -37.96 -9.49
C PRO F 335 30.20 -36.70 -9.55
N VAL F 336 29.97 -36.24 -10.78
CA VAL F 336 29.15 -35.06 -11.05
C VAL F 336 27.64 -35.38 -11.15
N VAL F 337 27.32 -36.59 -11.63
CA VAL F 337 25.95 -37.15 -11.58
C VAL F 337 25.93 -38.16 -10.43
N PRO F 338 24.76 -38.39 -9.81
CA PRO F 338 24.85 -39.27 -8.64
C PRO F 338 24.61 -40.78 -8.91
N VAL F 339 24.06 -41.10 -10.07
CA VAL F 339 23.82 -42.48 -10.51
C VAL F 339 24.51 -42.64 -11.89
N THR F 340 24.30 -43.74 -12.61
CA THR F 340 24.76 -43.89 -14.01
C THR F 340 23.95 -44.87 -14.92
N PHE F 341 22.68 -44.56 -15.19
CA PHE F 341 21.88 -45.16 -16.29
C PHE F 341 20.39 -44.91 -16.09
N ASP G 3 12.17 18.48 -6.72
CA ASP G 3 12.36 19.20 -8.00
C ASP G 3 13.04 18.31 -9.02
N VAL G 4 12.51 18.27 -10.24
CA VAL G 4 13.18 17.53 -11.30
C VAL G 4 14.13 18.44 -12.08
N VAL G 5 15.36 17.99 -12.30
CA VAL G 5 16.40 18.78 -12.97
C VAL G 5 16.81 18.08 -14.27
N THR G 6 16.64 18.76 -15.41
CA THR G 6 16.95 18.17 -16.73
C THR G 6 18.27 18.68 -17.23
N GLU G 7 19.27 17.83 -17.17
CA GLU G 7 20.63 18.21 -17.45
C GLU G 7 20.89 18.22 -18.95
N PHE G 8 21.14 19.42 -19.47
CA PHE G 8 21.66 19.61 -20.81
C PHE G 8 23.08 20.09 -20.66
N GLY G 9 23.90 19.84 -21.67
CA GLY G 9 25.27 20.34 -21.69
C GLY G 9 25.39 21.70 -22.33
N ALA G 10 26.61 22.20 -22.41
CA ALA G 10 26.87 23.59 -22.76
C ALA G 10 28.33 23.68 -23.17
N LEU G 11 28.67 24.75 -23.88
CA LEU G 11 30.03 25.01 -24.36
C LEU G 11 31.05 24.88 -23.24
N THR G 12 30.72 25.40 -22.07
CA THR G 12 31.67 25.39 -20.94
C THR G 12 31.30 24.41 -19.82
N ASP G 13 30.08 23.89 -19.84
CA ASP G 13 29.65 22.91 -18.89
C ASP G 13 29.18 21.65 -19.61
N TYR G 14 30.11 20.73 -19.84
CA TYR G 14 29.77 19.42 -20.34
C TYR G 14 30.57 18.42 -19.52
N ARG G 15 30.12 17.17 -19.44
CA ARG G 15 30.75 16.13 -18.62
C ARG G 15 30.75 14.81 -19.40
N LYS G 16 31.78 14.60 -20.21
CA LYS G 16 31.80 13.55 -21.23
C LYS G 16 31.97 12.11 -20.71
N GLY G 17 31.15 11.19 -21.23
CA GLY G 17 31.19 9.78 -20.84
C GLY G 17 32.22 9.01 -21.64
N GLY G 18 32.07 7.70 -21.77
CA GLY G 18 33.00 6.92 -22.59
C GLY G 18 32.70 5.46 -22.83
N VAL G 19 33.67 4.78 -23.45
CA VAL G 19 33.61 3.33 -23.59
C VAL G 19 34.44 2.56 -22.52
N GLU G 20 33.81 1.54 -21.94
CA GLU G 20 34.45 0.63 -21.04
C GLU G 20 34.48 -0.70 -21.77
N ILE G 21 35.65 -1.32 -21.85
CA ILE G 21 35.82 -2.54 -22.65
C ILE G 21 35.65 -3.84 -21.88
N ILE G 22 35.13 -4.86 -22.56
CA ILE G 22 35.17 -6.24 -22.05
C ILE G 22 35.96 -7.07 -23.04
N ASP G 23 35.52 -7.07 -24.29
CA ASP G 23 36.28 -7.68 -25.36
C ASP G 23 35.97 -6.97 -26.67
N ASP G 24 36.68 -5.88 -26.92
CA ASP G 24 36.37 -5.03 -28.05
C ASP G 24 37.47 -3.98 -28.22
N ASP G 25 37.28 -3.05 -29.17
CA ASP G 25 38.20 -1.92 -29.40
C ASP G 25 37.38 -0.61 -29.38
N PRO G 26 37.74 0.36 -28.49
CA PRO G 26 36.94 1.59 -28.34
C PRO G 26 36.77 2.38 -29.63
N ARG G 27 37.82 2.47 -30.45
CA ARG G 27 37.76 3.14 -31.74
C ARG G 27 36.50 2.75 -32.55
N ASN G 28 36.05 1.51 -32.41
CA ASN G 28 34.83 1.09 -33.12
C ASN G 28 33.60 1.99 -32.95
N TYR G 29 33.59 2.76 -31.87
CA TYR G 29 32.38 3.46 -31.46
C TYR G 29 32.43 4.95 -31.78
N VAL G 30 33.57 5.42 -32.31
CA VAL G 30 33.75 6.81 -32.75
C VAL G 30 33.13 7.80 -31.75
N PHE G 31 33.59 7.75 -30.50
CA PHE G 31 32.97 8.47 -29.40
C PHE G 31 33.57 9.86 -29.23
N SER G 32 32.73 10.90 -29.31
CA SER G 32 33.13 12.24 -28.94
C SER G 32 32.02 12.94 -28.20
N ASN G 33 32.33 14.15 -27.72
CA ASN G 33 31.34 15.10 -27.22
C ASN G 33 31.24 16.37 -28.09
N VAL G 34 30.03 16.73 -28.50
CA VAL G 34 29.88 17.77 -29.54
C VAL G 34 30.22 19.20 -29.07
N PHE G 35 30.10 19.42 -27.76
CA PHE G 35 30.47 20.67 -27.11
C PHE G 35 31.98 20.78 -27.03
N GLU G 36 32.64 19.68 -26.66
CA GLU G 36 34.09 19.66 -26.68
C GLU G 36 34.61 19.96 -28.10
N VAL G 37 34.10 19.23 -29.07
CA VAL G 37 34.49 19.44 -30.45
C VAL G 37 34.27 20.90 -30.88
N ALA G 38 33.14 21.48 -30.54
CA ALA G 38 32.85 22.84 -30.90
C ALA G 38 33.68 23.86 -30.13
N ALA G 39 34.12 23.50 -28.92
CA ALA G 39 34.97 24.40 -28.13
C ALA G 39 36.43 24.44 -28.64
N ASN G 40 36.93 23.34 -29.17
CA ASN G 40 38.30 23.29 -29.67
C ASN G 40 38.49 23.75 -31.11
N ALA G 41 37.48 24.35 -31.73
CA ALA G 41 37.66 24.66 -33.15
C ALA G 41 37.43 26.13 -33.49
N ALA G 42 37.84 26.54 -34.69
CA ALA G 42 37.60 27.92 -35.19
C ALA G 42 36.10 28.21 -35.35
N PRO G 43 35.70 29.50 -35.26
CA PRO G 43 34.27 29.81 -35.46
C PRO G 43 33.68 29.45 -36.82
N TYR G 44 32.54 28.78 -36.79
CA TYR G 44 31.78 28.35 -37.98
C TYR G 44 32.48 27.26 -38.79
N GLU G 45 33.50 26.66 -38.19
CA GLU G 45 34.15 25.50 -38.77
C GLU G 45 33.29 24.26 -38.49
N ARG G 46 32.92 23.54 -39.53
CA ARG G 46 32.00 22.44 -39.40
C ARG G 46 32.67 21.07 -39.31
N VAL G 47 32.93 20.66 -38.07
CA VAL G 47 33.64 19.40 -37.81
C VAL G 47 32.66 18.22 -37.74
N ALA G 48 32.79 17.31 -38.69
CA ALA G 48 32.01 16.10 -38.72
C ALA G 48 32.20 15.28 -37.43
N VAL G 49 31.10 15.06 -36.69
CA VAL G 49 31.17 14.18 -35.51
C VAL G 49 30.42 12.87 -35.76
N GLY G 50 29.76 12.80 -36.93
CA GLY G 50 29.02 11.60 -37.33
C GLY G 50 29.11 11.46 -38.81
N LYS G 51 29.21 10.22 -39.28
CA LYS G 51 29.24 9.90 -40.72
C LYS G 51 28.64 8.55 -41.02
N ASN G 52 27.75 8.49 -42.01
CA ASN G 52 27.19 7.22 -42.42
C ASN G 52 27.12 7.16 -43.94
N PHE G 53 28.24 6.78 -44.55
CA PHE G 53 28.47 6.94 -46.01
C PHE G 53 28.63 8.43 -46.32
N GLU G 54 27.83 8.98 -47.24
CA GLU G 54 27.93 10.42 -47.59
C GLU G 54 27.31 11.39 -46.57
N TYR G 55 26.34 10.92 -45.79
CA TYR G 55 25.66 11.74 -44.81
C TYR G 55 26.51 12.03 -43.56
N VAL G 56 26.35 13.23 -42.99
CA VAL G 56 27.10 13.65 -41.80
C VAL G 56 26.28 14.43 -40.77
N ILE G 57 26.80 14.49 -39.55
CA ILE G 57 26.41 15.46 -38.53
C ILE G 57 27.69 16.26 -38.23
N GLU G 58 27.69 17.56 -38.53
CA GLU G 58 28.78 18.49 -38.17
C GLU G 58 28.44 19.34 -36.94
N SER G 59 29.44 19.52 -36.07
CA SER G 59 29.33 20.43 -34.93
C SER G 59 30.16 21.70 -35.15
N ALA G 60 29.59 22.85 -34.76
CA ALA G 60 30.28 24.16 -34.90
C ALA G 60 30.07 25.10 -33.69
N ARG G 61 30.98 26.05 -33.51
CA ARG G 61 30.77 27.14 -32.55
C ARG G 61 30.44 28.41 -33.32
N ALA G 62 29.33 29.03 -32.94
CA ALA G 62 28.90 30.28 -33.49
C ALA G 62 29.49 31.38 -32.62
N GLU G 63 30.12 32.36 -33.27
CA GLU G 63 30.61 33.58 -32.61
C GLU G 63 30.69 34.70 -33.67
N GLY G 64 30.10 35.87 -33.34
CA GLY G 64 29.99 37.01 -34.26
C GLY G 64 29.10 36.66 -35.46
N THR G 65 29.43 37.20 -36.63
CA THR G 65 28.75 36.87 -37.89
C THR G 65 29.55 35.89 -38.76
N SER G 66 28.85 35.04 -39.52
CA SER G 66 29.48 34.10 -40.44
C SER G 66 29.43 34.55 -41.89
N GLY G 67 30.26 33.94 -42.72
CA GLY G 67 30.09 34.00 -44.15
C GLY G 67 28.78 33.38 -44.61
N TRP G 68 28.43 33.64 -45.87
CA TRP G 68 27.23 33.07 -46.43
C TRP G 68 27.48 31.68 -46.98
N PHE G 69 26.56 30.76 -46.69
CA PHE G 69 26.57 29.46 -47.32
C PHE G 69 25.29 29.32 -48.18
N SER G 70 25.31 28.32 -49.06
CA SER G 70 24.12 27.74 -49.68
C SER G 70 24.43 26.27 -50.05
N CYS G 71 23.44 25.51 -50.51
CA CYS G 71 23.60 24.06 -50.72
C CYS G 71 22.63 23.48 -51.76
N ALA G 72 23.11 22.46 -52.46
CA ALA G 72 22.36 21.74 -53.51
C ALA G 72 21.12 20.98 -53.02
N HIS G 73 21.02 20.73 -51.71
CA HIS G 73 19.86 20.07 -51.11
C HIS G 73 19.48 20.74 -49.79
N ASP G 74 18.45 20.22 -49.13
CA ASP G 74 18.00 20.72 -47.83
C ASP G 74 19.00 20.42 -46.73
N GLU G 75 19.02 21.24 -45.69
CA GLU G 75 19.88 21.04 -44.53
C GLU G 75 19.14 21.47 -43.31
N PHE G 76 19.58 20.94 -42.17
CA PHE G 76 19.02 21.34 -40.87
C PHE G 76 20.09 21.78 -39.91
N VAL G 77 19.80 22.83 -39.16
CA VAL G 77 20.66 23.23 -38.07
C VAL G 77 19.93 23.12 -36.72
N LEU G 78 20.59 22.51 -35.73
CA LEU G 78 20.04 22.42 -34.39
C LEU G 78 20.90 23.23 -33.42
N ALA G 79 20.31 24.23 -32.79
CA ALA G 79 21.03 24.99 -31.77
C ALA G 79 21.17 24.16 -30.48
N MET G 80 22.38 24.13 -29.91
CA MET G 80 22.66 23.32 -28.75
C MET G 80 22.93 24.10 -27.48
N ASP G 81 23.34 25.36 -27.62
CA ASP G 81 23.68 26.21 -26.47
C ASP G 81 23.86 27.67 -26.90
N GLY G 82 23.01 28.56 -26.39
CA GLY G 82 23.08 29.99 -26.69
C GLY G 82 22.28 30.45 -27.89
N GLN G 83 21.96 31.75 -27.90
CA GLN G 83 21.20 32.38 -28.97
C GLN G 83 21.92 32.48 -30.33
N ILE G 84 21.25 32.00 -31.37
CA ILE G 84 21.79 32.16 -32.72
C ILE G 84 20.73 32.67 -33.68
N GLU G 85 21.13 33.68 -34.45
CA GLU G 85 20.28 34.26 -35.46
C GLU G 85 20.59 33.57 -36.76
N VAL G 86 19.56 33.26 -37.53
CA VAL G 86 19.74 32.72 -38.88
C VAL G 86 19.23 33.74 -39.88
N HIS G 87 20.04 34.02 -40.90
CA HIS G 87 19.64 34.92 -41.98
C HIS G 87 19.37 34.17 -43.27
N LEU G 88 18.17 34.37 -43.83
CA LEU G 88 17.77 33.67 -45.06
C LEU G 88 17.52 34.59 -46.27
N LEU G 89 18.18 34.25 -47.37
CA LEU G 89 18.17 35.04 -48.57
C LEU G 89 17.84 34.12 -49.76
N LYS G 90 16.75 34.45 -50.45
CA LYS G 90 16.33 33.73 -51.65
C LYS G 90 17.20 34.12 -52.86
N LEU G 91 18.04 33.20 -53.30
CA LEU G 91 18.97 33.50 -54.38
C LEU G 91 18.24 33.68 -55.67
N ASP G 92 18.73 34.60 -56.51
CA ASP G 92 18.20 34.73 -57.87
C ASP G 92 18.74 33.67 -58.81
N ASN G 93 20.01 33.31 -58.67
CA ASN G 93 20.59 32.24 -59.48
C ASN G 93 21.39 31.26 -58.62
N SER G 94 20.70 30.30 -57.99
CA SER G 94 21.36 29.25 -57.20
C SER G 94 22.56 28.66 -57.93
N ASP G 95 22.37 28.31 -59.20
CA ASP G 95 23.44 27.67 -59.99
C ASP G 95 24.64 28.56 -60.28
N ALA G 96 24.50 29.86 -60.01
CA ALA G 96 25.61 30.80 -60.08
C ALA G 96 26.51 30.71 -58.85
N TYR G 97 25.96 30.18 -57.75
CA TYR G 97 26.70 30.08 -56.51
C TYR G 97 27.05 28.66 -56.10
N VAL G 98 26.25 27.69 -56.55
CA VAL G 98 26.34 26.27 -56.14
C VAL G 98 26.05 25.37 -57.31
N ASP G 99 27.07 24.64 -57.80
CA ASP G 99 26.82 23.52 -58.72
C ASP G 99 25.66 22.70 -58.17
N PRO G 100 24.58 22.57 -58.96
CA PRO G 100 23.36 21.92 -58.43
C PRO G 100 23.44 20.37 -58.38
N ASP G 101 24.48 19.79 -58.98
CA ASP G 101 24.74 18.36 -58.83
C ASP G 101 25.98 18.12 -57.95
N SER G 102 26.19 19.00 -56.96
CA SER G 102 27.17 18.75 -55.90
C SER G 102 26.38 18.43 -54.62
N GLU G 103 27.04 18.46 -53.46
CA GLU G 103 26.43 18.03 -52.21
C GLU G 103 27.11 18.65 -51.02
N GLY G 104 26.38 18.79 -49.93
CA GLY G 104 26.90 19.44 -48.73
C GLY G 104 26.94 20.94 -48.95
N ALA G 105 27.14 21.68 -47.87
CA ALA G 105 27.15 23.15 -47.98
C ALA G 105 28.36 23.69 -48.76
N VAL G 106 28.19 24.89 -49.29
CA VAL G 106 29.27 25.60 -49.99
C VAL G 106 29.41 26.99 -49.38
N ALA G 107 30.63 27.33 -48.97
CA ALA G 107 30.91 28.66 -48.42
C ALA G 107 30.91 29.64 -49.60
N ILE G 108 30.04 30.66 -49.56
CA ILE G 108 29.84 31.50 -50.76
C ILE G 108 30.29 32.96 -50.66
N GLY G 109 31.05 33.29 -49.61
CA GLY G 109 31.63 34.63 -49.41
C GLY G 109 30.90 35.39 -48.32
N GLU G 110 31.48 36.48 -47.82
CA GLU G 110 30.80 37.25 -46.75
C GLU G 110 30.06 38.48 -47.25
N ALA G 111 30.33 38.86 -48.49
CA ALA G 111 29.56 39.88 -49.18
C ALA G 111 28.17 39.32 -49.48
N LEU G 112 27.18 40.20 -49.40
CA LEU G 112 25.81 39.80 -49.56
C LEU G 112 25.52 39.35 -51.03
N PRO G 113 25.12 38.08 -51.22
CA PRO G 113 24.83 37.55 -52.57
C PRO G 113 23.51 38.09 -53.16
N GLU G 114 23.31 37.89 -54.47
CA GLU G 114 22.19 38.52 -55.20
C GLU G 114 20.83 37.86 -54.93
N GLY G 115 19.89 38.65 -54.39
CA GLY G 115 18.53 38.13 -54.23
C GLY G 115 17.63 38.76 -53.21
N ARG G 116 16.38 38.28 -53.17
CA ARG G 116 15.37 38.80 -52.26
C ARG G 116 15.54 38.28 -50.82
N LYS G 117 15.48 39.19 -49.84
CA LYS G 117 15.45 38.83 -48.43
C LYS G 117 14.29 37.87 -48.13
N MET G 118 14.62 36.70 -47.56
CA MET G 118 13.65 35.61 -47.29
C MET G 118 13.11 35.66 -45.84
N GLY G 119 14.00 35.73 -44.85
CA GLY G 119 13.51 35.81 -43.46
C GLY G 119 14.59 35.80 -42.38
N ARG G 120 14.14 35.76 -41.13
CA ARG G 120 15.03 35.78 -39.96
C ARG G 120 14.54 34.93 -38.79
N ILE G 121 15.44 34.08 -38.30
CA ILE G 121 15.12 33.17 -37.21
C ILE G 121 16.02 33.37 -36.00
N VAL G 122 15.40 33.52 -34.84
CA VAL G 122 16.13 33.59 -33.57
C VAL G 122 16.01 32.26 -32.80
N LEU G 123 17.08 31.46 -32.89
CA LEU G 123 17.14 30.15 -32.23
C LEU G 123 17.80 30.20 -30.83
N ARG G 124 17.18 29.50 -29.88
CA ARG G 124 17.82 29.28 -28.59
C ARG G 124 18.08 27.78 -28.42
N ARG G 125 18.61 27.41 -27.27
CA ARG G 125 18.96 26.02 -27.02
C ARG G 125 17.84 25.10 -27.47
N GLY G 126 18.20 24.10 -28.27
CA GLY G 126 17.29 23.00 -28.61
C GLY G 126 16.22 23.34 -29.62
N HIS G 127 16.44 24.44 -30.35
CA HIS G 127 15.55 24.84 -31.43
C HIS G 127 16.14 24.37 -32.74
N MET G 128 15.33 23.72 -33.55
CA MET G 128 15.75 23.30 -34.87
C MET G 128 15.11 24.19 -35.93
N ALA G 129 15.84 24.35 -37.05
CA ALA G 129 15.45 25.20 -38.18
C ALA G 129 15.75 24.55 -39.53
N LEU G 130 14.84 24.71 -40.47
CA LEU G 130 15.09 24.31 -41.86
C LEU G 130 16.05 25.30 -42.56
N LEU G 131 16.97 24.73 -43.36
CA LEU G 131 17.83 25.49 -44.25
C LEU G 131 17.50 25.00 -45.68
N PRO G 132 16.52 25.67 -46.31
CA PRO G 132 15.97 25.20 -47.57
C PRO G 132 16.93 25.33 -48.74
N VAL G 133 16.95 24.30 -49.59
CA VAL G 133 17.55 24.38 -50.89
C VAL G 133 16.94 25.61 -51.60
N GLY G 134 17.75 26.29 -52.41
CA GLY G 134 17.29 27.49 -53.09
C GLY G 134 17.73 28.76 -52.39
N ALA G 135 18.19 28.64 -51.13
CA ALA G 135 18.47 29.81 -50.29
C ALA G 135 19.95 29.96 -49.88
N ALA G 136 20.34 31.19 -49.52
CA ALA G 136 21.62 31.39 -48.86
C ALA G 136 21.33 31.63 -47.42
N TYR G 137 22.19 31.07 -46.57
CA TYR G 137 22.12 31.33 -45.12
C TYR G 137 23.47 31.77 -44.54
N ARG G 138 23.39 32.50 -43.41
CA ARG G 138 24.52 32.83 -42.52
C ARG G 138 23.99 33.07 -41.09
N PHE G 139 24.91 33.14 -40.11
CA PHE G 139 24.53 33.30 -38.69
C PHE G 139 25.17 34.51 -38.00
N TYR G 140 24.46 35.01 -36.98
CA TYR G 140 24.99 35.94 -35.99
C TYR G 140 24.74 35.44 -34.55
N ALA G 141 25.84 35.15 -33.85
CA ALA G 141 25.79 34.94 -32.40
C ALA G 141 26.51 36.08 -31.71
N GLU G 142 25.74 36.90 -30.97
CA GLU G 142 26.34 37.89 -30.04
C GLU G 142 27.40 37.19 -29.16
N GLN G 143 26.99 36.18 -28.41
CA GLN G 143 27.90 35.42 -27.54
C GLN G 143 28.11 33.95 -28.02
N PRO G 144 29.31 33.37 -27.79
CA PRO G 144 29.64 32.04 -28.33
C PRO G 144 28.59 30.98 -28.03
N ALA G 145 28.34 30.10 -29.00
CA ALA G 145 27.16 29.23 -28.97
C ALA G 145 27.44 28.01 -29.83
N ALA G 146 26.96 26.86 -29.38
CA ALA G 146 27.20 25.59 -30.06
C ALA G 146 25.99 25.17 -30.88
N MET G 147 26.26 24.64 -32.07
CA MET G 147 25.23 24.22 -32.98
C MET G 147 25.62 22.95 -33.70
N LEU G 148 24.61 22.23 -34.22
CA LEU G 148 24.81 21.04 -35.05
C LEU G 148 24.15 21.16 -36.42
N PHE G 149 24.80 20.65 -37.46
CA PHE G 149 24.16 20.54 -38.78
C PHE G 149 23.83 19.12 -39.23
N GLN G 150 22.66 18.95 -39.83
CA GLN G 150 22.31 17.69 -40.50
C GLN G 150 22.48 17.92 -42.03
N SER G 151 23.38 17.15 -42.65
CA SER G 151 23.82 17.43 -44.05
C SER G 151 24.63 16.31 -44.71
N ILE G 152 25.21 16.61 -45.86
CA ILE G 152 26.05 15.65 -46.58
C ILE G 152 27.49 16.16 -46.55
N GLU G 153 28.44 15.22 -46.60
CA GLU G 153 29.89 15.50 -46.65
C GLU G 153 30.22 16.37 -47.87
N GLY G 154 30.60 17.62 -47.63
CA GLY G 154 30.89 18.55 -48.72
C GLY G 154 32.19 19.32 -48.58
N ALA G 155 32.22 20.51 -49.17
CA ALA G 155 33.45 21.29 -49.32
C ALA G 155 33.82 22.09 -48.10
N VAL G 156 32.92 22.16 -47.13
CA VAL G 156 33.19 22.90 -45.92
C VAL G 156 33.23 21.99 -44.71
N THR G 157 33.26 20.67 -44.92
CA THR G 157 33.27 19.69 -43.80
C THR G 157 34.68 19.21 -43.37
N VAL G 158 35.09 19.59 -42.16
CA VAL G 158 36.38 19.15 -41.61
C VAL G 158 36.26 17.76 -40.94
N GLN G 159 37.13 16.84 -41.35
CA GLN G 159 37.16 15.47 -40.86
C GLN G 159 38.42 15.21 -40.02
N LYS G 160 38.36 15.49 -38.71
CA LYS G 160 39.49 15.20 -37.79
C LYS G 160 39.25 14.01 -36.83
N TRP G 161 38.96 12.84 -37.40
CA TRP G 161 38.54 11.69 -36.57
C TRP G 161 39.50 11.31 -35.44
N GLY G 162 40.78 11.12 -35.78
CA GLY G 162 41.80 10.74 -34.79
C GLY G 162 42.13 11.79 -33.72
N GLU G 163 41.71 13.03 -33.95
CA GLU G 163 41.90 14.08 -32.97
C GLU G 163 40.80 14.12 -31.91
N ILE G 164 39.57 13.72 -32.29
CA ILE G 164 38.36 13.99 -31.46
C ILE G 164 37.74 12.78 -30.75
N CYS G 165 38.03 11.58 -31.23
CA CYS G 165 37.37 10.34 -30.78
C CYS G 165 38.09 9.68 -29.61
N GLN G 166 37.74 8.41 -29.35
CA GLN G 166 38.40 7.60 -28.31
C GLN G 166 39.40 6.60 -28.92
N ILE H 9 10.11 -30.68 -46.39
CA ILE H 9 10.95 -31.90 -46.55
C ILE H 9 11.95 -31.75 -47.71
N ILE H 10 11.44 -31.59 -48.94
CA ILE H 10 12.21 -31.45 -50.21
C ILE H 10 11.90 -30.10 -50.88
N ASP H 11 12.93 -29.36 -51.30
CA ASP H 11 12.77 -27.98 -51.79
C ASP H 11 13.33 -27.68 -53.21
N PHE H 12 12.56 -26.94 -54.03
CA PHE H 12 13.00 -26.54 -55.36
C PHE H 12 13.41 -25.07 -55.46
N GLY H 13 14.72 -24.81 -55.43
CA GLY H 13 15.26 -23.43 -55.53
C GLY H 13 14.70 -22.47 -54.50
N ASP H 14 14.40 -21.24 -54.91
CA ASP H 14 13.69 -20.27 -54.07
C ASP H 14 12.49 -20.92 -53.37
N SER H 15 12.35 -20.60 -52.08
CA SER H 15 11.30 -21.12 -51.19
C SER H 15 10.38 -19.98 -50.65
N LYS H 16 9.09 -20.04 -50.98
CA LYS H 16 8.10 -19.02 -50.61
C LYS H 16 7.99 -18.79 -49.08
N ALA H 17 7.63 -17.57 -48.66
CA ALA H 17 7.54 -17.17 -47.24
C ALA H 17 6.15 -17.42 -46.72
N ARG H 18 6.05 -17.98 -45.51
CA ARG H 18 4.77 -18.43 -44.91
C ARG H 18 3.76 -17.34 -44.60
N THR H 19 2.49 -17.69 -44.77
CA THR H 19 1.37 -16.78 -44.43
C THR H 19 0.42 -17.36 -43.37
N ASP H 20 0.64 -18.61 -42.97
CA ASP H 20 -0.27 -19.39 -42.13
C ASP H 20 -0.22 -19.01 -40.64
N THR H 21 -1.28 -18.35 -40.19
CA THR H 21 -1.45 -18.10 -38.78
C THR H 21 -2.89 -18.34 -38.40
N GLU H 22 -3.13 -18.48 -37.10
CA GLU H 22 -4.47 -18.62 -36.63
C GLU H 22 -4.57 -18.25 -35.16
N HIS H 23 -5.77 -17.80 -34.80
CA HIS H 23 -6.25 -17.70 -33.44
C HIS H 23 -6.57 -19.09 -32.90
N LEU H 24 -6.25 -19.34 -31.64
CA LEU H 24 -6.69 -20.58 -31.02
C LEU H 24 -7.70 -20.21 -29.97
N ALA H 25 -7.93 -21.11 -29.02
CA ALA H 25 -9.01 -20.94 -28.02
C ALA H 25 -8.73 -19.90 -26.94
N ILE H 26 -9.78 -19.26 -26.43
CA ILE H 26 -9.73 -18.54 -25.16
C ILE H 26 -9.62 -19.58 -24.05
N ASN H 27 -8.57 -19.51 -23.22
CA ASN H 27 -8.50 -20.32 -22.00
C ASN H 27 -9.49 -19.71 -21.06
N ASN H 28 -10.37 -20.50 -20.49
CA ASN H 28 -11.46 -19.89 -19.75
C ASN H 28 -11.09 -19.56 -18.32
N GLU H 29 -10.00 -20.14 -17.80
CA GLU H 29 -9.48 -19.81 -16.44
C GLU H 29 -8.63 -18.51 -16.49
N THR H 30 -7.74 -18.42 -17.47
CA THR H 30 -6.87 -17.25 -17.59
C THR H 30 -7.56 -16.11 -18.32
N GLY H 31 -8.48 -16.42 -19.22
CA GLY H 31 -9.20 -15.38 -19.95
C GLY H 31 -8.50 -14.92 -21.22
N TYR H 32 -7.31 -15.46 -21.51
CA TYR H 32 -6.54 -15.05 -22.70
C TYR H 32 -6.63 -16.06 -23.86
N ARG H 33 -6.58 -15.53 -25.06
CA ARG H 33 -6.58 -16.37 -26.24
C ARG H 33 -5.14 -16.74 -26.50
N SER H 34 -4.94 -17.92 -27.07
CA SER H 34 -3.61 -18.31 -27.53
C SER H 34 -3.54 -18.20 -29.07
N PHE H 35 -2.30 -18.20 -29.59
CA PHE H 35 -2.04 -17.85 -31.00
C PHE H 35 -0.96 -18.67 -31.65
N ARG H 36 -1.08 -18.87 -32.96
CA ARG H 36 -0.10 -19.64 -33.72
C ARG H 36 0.38 -18.86 -34.92
N ALA H 37 1.68 -18.89 -35.14
CA ALA H 37 2.29 -18.32 -36.32
C ALA H 37 3.30 -19.30 -36.88
N GLY H 38 2.95 -19.99 -37.97
CA GLY H 38 3.87 -20.95 -38.60
C GLY H 38 3.97 -22.15 -37.69
N GLY H 39 5.20 -22.44 -37.21
CA GLY H 39 5.42 -23.49 -36.21
C GLY H 39 5.43 -22.98 -34.77
N PHE H 40 5.38 -21.65 -34.60
CA PHE H 40 5.39 -21.04 -33.27
C PHE H 40 4.00 -20.89 -32.69
N THR H 41 3.84 -21.29 -31.42
CA THR H 41 2.64 -20.95 -30.67
C THR H 41 2.94 -20.03 -29.48
N PHE H 42 1.93 -19.27 -29.13
CA PHE H 42 2.09 -18.23 -28.17
C PHE H 42 0.96 -18.37 -27.17
N THR H 43 1.33 -18.52 -25.89
CA THR H 43 0.34 -18.55 -24.82
C THR H 43 0.85 -17.65 -23.68
N ARG H 44 -0.01 -16.81 -23.07
CA ARG H 44 0.35 -16.16 -21.76
C ARG H 44 -0.52 -16.67 -20.63
N ASP H 45 -0.03 -16.59 -19.39
CA ASP H 45 -0.81 -16.94 -18.22
C ASP H 45 -0.70 -15.75 -17.29
N GLU H 46 -0.86 -15.98 -15.98
CA GLU H 46 -0.78 -14.89 -15.01
C GLU H 46 0.55 -14.15 -14.99
N TYR H 47 1.66 -14.85 -15.23
CA TYR H 47 3.01 -14.25 -15.09
C TYR H 47 3.83 -14.27 -16.38
N PHE H 48 3.50 -15.15 -17.31
CA PHE H 48 4.43 -15.48 -18.39
C PHE H 48 3.87 -15.45 -19.80
N ALA H 49 4.76 -15.17 -20.74
CA ALA H 49 4.57 -15.58 -22.12
C ALA H 49 5.27 -16.95 -22.35
N ARG H 50 4.48 -17.93 -22.79
CA ARG H 50 5.03 -19.25 -23.10
C ARG H 50 5.09 -19.45 -24.59
N LEU H 51 6.30 -19.69 -25.08
CA LEU H 51 6.55 -19.89 -26.51
C LEU H 51 6.95 -21.33 -26.78
N THR H 52 6.33 -21.94 -27.80
CA THR H 52 6.84 -23.20 -28.33
C THR H 52 7.06 -23.09 -29.83
N TRP H 53 7.92 -23.98 -30.32
CA TRP H 53 8.16 -24.23 -31.76
C TRP H 53 8.59 -25.71 -31.90
N PRO H 54 8.75 -26.21 -33.16
CA PRO H 54 9.30 -27.54 -33.46
C PRO H 54 10.61 -27.92 -32.75
N GLY H 55 10.46 -28.67 -31.65
CA GLY H 55 11.58 -29.14 -30.85
C GLY H 55 11.95 -28.33 -29.61
N GLY H 56 11.15 -27.34 -29.25
CA GLY H 56 11.64 -26.40 -28.24
C GLY H 56 10.61 -25.51 -27.58
N SER H 57 11.05 -24.80 -26.55
CA SER H 57 10.17 -23.98 -25.71
C SER H 57 10.98 -22.95 -24.94
N HIS H 58 10.30 -21.89 -24.51
CA HIS H 58 10.97 -20.80 -23.80
C HIS H 58 9.91 -20.06 -23.00
N ILE H 59 10.36 -19.27 -22.02
CA ILE H 59 9.48 -18.44 -21.24
C ILE H 59 10.08 -17.06 -21.10
N ILE H 60 9.20 -16.07 -21.22
CA ILE H 60 9.53 -14.68 -20.96
C ILE H 60 8.54 -14.12 -19.92
N PRO H 61 9.08 -13.41 -18.91
CA PRO H 61 8.15 -12.69 -18.05
C PRO H 61 7.24 -11.85 -18.94
N ILE H 62 5.93 -11.88 -18.67
CA ILE H 62 4.94 -11.21 -19.54
C ILE H 62 5.12 -9.69 -19.71
N ASP H 63 5.59 -9.01 -18.67
CA ASP H 63 5.75 -7.56 -18.77
C ASP H 63 6.91 -7.23 -19.79
N ALA H 64 8.09 -7.85 -19.57
CA ALA H 64 9.22 -7.76 -20.52
C ALA H 64 8.83 -8.13 -21.94
N PHE H 65 8.01 -9.17 -22.07
CA PHE H 65 7.44 -9.59 -23.35
C PHE H 65 6.62 -8.51 -24.04
N LEU H 66 5.69 -7.91 -23.30
CA LEU H 66 4.74 -7.01 -23.92
C LEU H 66 5.43 -5.71 -24.34
N ARG H 67 6.35 -5.22 -23.51
CA ARG H 67 7.20 -4.06 -23.84
C ARG H 67 8.00 -4.27 -25.11
N ALA H 68 8.52 -5.49 -25.28
CA ALA H 68 9.29 -5.83 -26.47
C ALA H 68 8.40 -5.92 -27.71
N MET H 69 7.22 -6.53 -27.56
CA MET H 69 6.27 -6.76 -28.64
C MET H 69 5.69 -5.41 -29.07
N MET H 70 5.42 -4.54 -28.09
CA MET H 70 4.93 -3.20 -28.35
C MET H 70 5.88 -2.52 -29.31
N ARG H 71 7.19 -2.72 -29.09
CA ARG H 71 8.22 -2.10 -29.89
C ARG H 71 8.29 -2.67 -31.27
N ASP H 72 8.21 -3.99 -31.39
CA ASP H 72 8.29 -4.64 -32.71
C ASP H 72 7.07 -4.30 -33.60
N VAL H 73 5.90 -4.13 -32.98
CA VAL H 73 4.70 -3.66 -33.68
C VAL H 73 4.83 -2.19 -34.13
N ALA H 74 5.12 -1.30 -33.18
CA ALA H 74 5.28 0.14 -33.47
C ALA H 74 6.35 0.43 -34.55
N TRP H 75 7.51 -0.24 -34.44
CA TRP H 75 8.64 -0.04 -35.34
C TRP H 75 8.48 -0.63 -36.74
N GLY H 76 7.43 -1.43 -36.93
CA GLY H 76 7.18 -2.08 -38.20
C GLY H 76 8.31 -3.05 -38.48
N PHE H 77 8.67 -3.83 -37.46
CA PHE H 77 9.82 -4.75 -37.48
C PHE H 77 11.22 -4.08 -37.54
N PHE H 78 11.24 -2.73 -37.58
CA PHE H 78 12.46 -1.91 -37.40
C PHE H 78 13.51 -2.18 -38.46
N TYR H 79 14.78 -2.01 -38.12
CA TYR H 79 15.89 -2.36 -38.99
C TYR H 79 16.67 -3.52 -38.38
N GLY H 80 17.06 -4.49 -39.19
CA GLY H 80 17.87 -5.60 -38.71
C GLY H 80 17.14 -6.52 -37.74
N VAL H 81 17.80 -6.80 -36.62
CA VAL H 81 17.39 -7.82 -35.66
C VAL H 81 16.84 -7.15 -34.39
N VAL H 82 15.63 -7.54 -34.04
CA VAL H 82 15.02 -7.17 -32.76
C VAL H 82 15.02 -8.46 -31.91
N ASN H 83 15.98 -8.58 -31.02
CA ASN H 83 15.98 -9.67 -30.05
C ASN H 83 15.04 -9.35 -28.86
N PHE H 84 13.98 -10.14 -28.65
CA PHE H 84 13.18 -9.96 -27.42
C PHE H 84 14.06 -10.29 -26.20
N ASP H 85 14.94 -11.29 -26.36
CA ASP H 85 16.01 -11.61 -25.41
C ASP H 85 17.11 -12.48 -26.09
N HIS H 86 17.85 -13.22 -25.28
CA HIS H 86 18.96 -14.05 -25.76
C HIS H 86 18.47 -15.26 -26.60
N VAL H 87 17.16 -15.38 -26.77
CA VAL H 87 16.57 -16.53 -27.51
C VAL H 87 15.66 -16.11 -28.66
N PHE H 88 14.58 -15.41 -28.32
CA PHE H 88 13.48 -15.19 -29.25
C PHE H 88 13.55 -13.81 -29.87
N GLY H 89 13.22 -13.69 -31.16
CA GLY H 89 13.07 -12.38 -31.82
C GLY H 89 12.75 -12.46 -33.31
N THR H 90 12.98 -11.35 -34.02
CA THR H 90 12.72 -11.30 -35.46
C THR H 90 13.84 -10.58 -36.23
N ILE H 91 13.87 -10.81 -37.55
CA ILE H 91 14.80 -10.13 -38.47
C ILE H 91 13.98 -9.47 -39.55
N ASN H 92 14.13 -8.16 -39.71
CA ASN H 92 13.46 -7.52 -40.84
C ASN H 92 14.22 -7.71 -42.12
N HIS H 93 13.47 -8.21 -43.11
CA HIS H 93 13.92 -8.32 -44.50
C HIS H 93 13.18 -7.33 -45.43
N TYR H 94 12.35 -6.46 -44.85
CA TYR H 94 11.67 -5.36 -45.56
C TYR H 94 10.59 -5.81 -46.56
N GLY H 95 9.53 -6.43 -46.03
CA GLY H 95 8.50 -7.05 -46.84
C GLY H 95 8.31 -8.51 -46.44
N GLU H 96 9.40 -9.12 -45.96
CA GLU H 96 9.40 -10.46 -45.35
C GLU H 96 10.15 -10.35 -44.04
N VAL H 97 9.88 -11.27 -43.10
CA VAL H 97 10.46 -11.27 -41.74
C VAL H 97 10.79 -12.69 -41.31
N THR H 98 11.93 -12.87 -40.69
CA THR H 98 12.26 -14.11 -40.07
C THR H 98 11.94 -14.01 -38.56
N MET H 99 11.16 -14.96 -38.05
CA MET H 99 10.98 -15.13 -36.59
C MET H 99 11.82 -16.31 -36.16
N PHE H 100 12.51 -16.19 -35.04
CA PHE H 100 13.52 -17.20 -34.70
C PHE H 100 13.52 -17.57 -33.22
N ALA H 101 14.21 -18.68 -32.92
CA ALA H 101 14.47 -19.12 -31.56
C ALA H 101 15.91 -19.59 -31.57
N GLY H 102 16.76 -18.91 -30.84
CA GLY H 102 18.12 -19.36 -30.69
C GLY H 102 19.03 -19.02 -31.86
N ARG H 103 18.49 -18.37 -32.87
CA ARG H 103 19.31 -18.03 -34.02
C ARG H 103 20.59 -17.25 -33.70
N PHE H 104 20.56 -16.35 -32.69
CA PHE H 104 21.76 -15.57 -32.34
C PHE H 104 22.26 -15.96 -30.96
N ASN H 105 22.23 -17.25 -30.69
CA ASN H 105 22.70 -17.82 -29.41
C ASN H 105 23.65 -19.01 -29.68
N ASP H 106 24.93 -18.80 -29.37
CA ASP H 106 25.99 -19.81 -29.60
C ASP H 106 25.65 -21.27 -29.20
N ALA H 107 25.12 -21.42 -27.98
CA ALA H 107 24.58 -22.68 -27.49
C ALA H 107 23.61 -23.40 -28.42
N TYR H 108 22.62 -22.68 -28.95
CA TYR H 108 21.61 -23.30 -29.82
C TYR H 108 22.21 -23.65 -31.16
N ARG H 109 22.92 -22.69 -31.73
CA ARG H 109 23.46 -22.76 -33.09
C ARG H 109 24.42 -23.90 -33.23
N ASN H 110 25.43 -23.89 -32.37
CA ASN H 110 26.39 -24.97 -32.23
C ASN H 110 25.80 -26.36 -32.13
N ALA H 111 24.70 -26.52 -31.43
CA ALA H 111 24.09 -27.86 -31.27
C ALA H 111 23.03 -28.07 -32.32
N GLY H 112 22.94 -27.15 -33.28
CA GLY H 112 21.89 -27.19 -34.31
C GLY H 112 20.49 -27.22 -33.74
N ARG H 113 20.25 -26.43 -32.71
CA ARG H 113 18.92 -26.39 -32.11
C ARG H 113 18.15 -25.11 -32.39
N ASP H 114 18.78 -24.16 -33.08
CA ASP H 114 18.08 -22.96 -33.52
C ASP H 114 16.95 -23.32 -34.48
N HIS H 115 15.93 -22.47 -34.54
CA HIS H 115 14.80 -22.64 -35.45
C HIS H 115 14.37 -21.26 -36.03
N GLU H 116 14.45 -21.10 -37.36
CA GLU H 116 14.11 -19.88 -38.11
C GLU H 116 12.84 -20.20 -38.91
N GLU H 117 11.89 -19.26 -39.00
CA GLU H 117 10.81 -19.32 -40.02
C GLU H 117 10.63 -17.96 -40.69
N ARG H 118 10.37 -17.96 -42.00
CA ARG H 118 10.29 -16.71 -42.75
C ARG H 118 8.86 -16.44 -43.13
N PHE H 119 8.39 -15.21 -42.92
CA PHE H 119 6.99 -14.87 -43.17
C PHE H 119 6.82 -13.67 -44.07
N LYS H 120 5.61 -13.53 -44.61
CA LYS H 120 5.16 -12.28 -45.21
C LYS H 120 4.88 -11.25 -44.11
N SER H 121 5.64 -10.16 -44.14
CA SER H 121 5.56 -9.17 -43.08
C SER H 121 4.14 -8.90 -42.59
N SER H 122 3.23 -8.64 -43.50
CA SER H 122 1.93 -8.22 -43.04
C SER H 122 1.16 -9.33 -42.33
N ALA H 123 1.43 -10.60 -42.68
CA ALA H 123 0.83 -11.75 -41.99
C ALA H 123 1.36 -11.87 -40.54
N LEU H 124 2.68 -11.84 -40.38
CA LEU H 124 3.26 -11.90 -39.05
C LEU H 124 2.84 -10.70 -38.21
N MET H 125 2.81 -9.51 -38.84
CA MET H 125 2.37 -8.28 -38.18
C MET H 125 0.94 -8.34 -37.63
N ALA H 126 0.00 -8.77 -38.49
CA ALA H 126 -1.40 -8.97 -38.11
C ALA H 126 -1.64 -9.84 -36.85
N VAL H 127 -0.90 -10.93 -36.70
CA VAL H 127 -1.09 -11.78 -35.53
C VAL H 127 -0.38 -11.22 -34.29
N PHE H 128 0.83 -10.70 -34.50
CA PHE H 128 1.51 -9.90 -33.48
C PHE H 128 0.62 -8.81 -32.90
N LYS H 129 -0.12 -8.11 -33.75
CA LYS H 129 -1.10 -7.11 -33.28
C LYS H 129 -2.20 -7.71 -32.41
N ASP H 130 -2.66 -8.89 -32.80
CA ASP H 130 -3.72 -9.59 -32.07
C ASP H 130 -3.21 -10.06 -30.75
N ILE H 131 -1.99 -10.57 -30.75
CA ILE H 131 -1.30 -11.00 -29.53
C ILE H 131 -1.23 -9.81 -28.57
N LEU H 132 -0.78 -8.67 -29.09
CA LEU H 132 -0.60 -7.51 -28.25
C LEU H 132 -1.94 -7.04 -27.62
N SER H 133 -2.94 -6.82 -28.46
CA SER H 133 -4.25 -6.42 -28.00
C SER H 133 -4.87 -7.39 -26.97
N ASP H 134 -4.81 -8.69 -27.24
CA ASP H 134 -5.47 -9.62 -26.38
C ASP H 134 -4.84 -9.76 -25.00
N TRP H 135 -3.51 -9.75 -24.94
CA TRP H 135 -2.73 -9.98 -23.74
C TRP H 135 -2.49 -8.71 -22.92
N THR H 136 -2.90 -7.56 -23.44
CA THR H 136 -2.77 -6.31 -22.71
C THR H 136 -4.08 -6.03 -21.96
N VAL H 137 -3.99 -5.90 -20.66
CA VAL H 137 -5.16 -5.68 -19.82
C VAL H 137 -5.36 -4.21 -19.65
N GLU H 138 -6.52 -3.83 -19.13
CA GLU H 138 -6.79 -2.43 -18.83
C GLU H 138 -5.90 -1.78 -17.72
N GLY H 139 -5.39 -0.59 -17.99
CA GLY H 139 -4.54 0.15 -17.04
C GLY H 139 -3.06 -0.11 -17.21
N TYR H 140 -2.72 -1.00 -18.14
CA TYR H 140 -1.34 -1.34 -18.52
C TYR H 140 -0.93 -0.78 -19.91
N ASP H 141 0.09 0.06 -19.90
CA ASP H 141 0.58 0.63 -21.12
C ASP H 141 2.00 0.13 -21.24
N PRO H 142 2.26 -0.74 -22.25
CA PRO H 142 3.57 -1.27 -22.54
C PRO H 142 4.47 -0.32 -23.34
N PHE H 143 3.93 0.79 -23.84
CA PHE H 143 4.77 1.88 -24.36
C PHE H 143 5.35 2.77 -23.25
N ALA H 144 4.90 2.61 -22.02
CA ALA H 144 5.35 3.48 -20.93
C ALA H 144 6.39 2.85 -20.01
N ALA H 145 7.08 3.68 -19.22
CA ALA H 145 8.03 3.24 -18.19
C ALA H 145 7.25 2.67 -17.02
N PRO H 146 7.89 1.83 -16.19
CA PRO H 146 7.19 1.15 -15.12
C PRO H 146 6.54 2.06 -14.06
N MET H 147 7.17 3.17 -13.70
CA MET H 147 6.56 4.11 -12.75
C MET H 147 5.41 4.94 -13.34
N GLU H 148 5.08 4.73 -14.61
CA GLU H 148 4.09 5.55 -15.28
C GLU H 148 2.77 4.82 -15.46
N THR H 149 2.71 3.55 -15.08
CA THR H 149 1.63 2.72 -15.58
C THR H 149 1.28 1.57 -14.65
N GLY H 150 0.15 0.91 -14.87
CA GLY H 150 -0.23 -0.24 -14.05
C GLY H 150 0.51 -1.53 -14.38
N LEU H 151 -0.07 -2.65 -13.99
CA LEU H 151 0.60 -3.93 -14.04
C LEU H 151 -0.10 -4.88 -15.02
N PRO H 152 0.67 -5.79 -15.63
CA PRO H 152 0.09 -6.72 -16.58
C PRO H 152 -0.31 -8.10 -15.98
N TRP H 153 -0.03 -8.33 -14.68
CA TRP H 153 -0.18 -9.67 -14.05
C TRP H 153 -1.61 -10.18 -13.93
N GLY H 154 -1.80 -11.49 -14.08
CA GLY H 154 -3.07 -12.12 -13.68
C GLY H 154 -4.02 -12.32 -14.84
N ILE H 155 -5.27 -12.65 -14.52
CA ILE H 155 -6.27 -13.00 -15.53
C ILE H 155 -6.64 -11.80 -16.36
N LYS H 156 -7.19 -12.07 -17.54
CA LYS H 156 -7.62 -11.02 -18.47
C LYS H 156 -8.62 -10.09 -17.78
N ASN H 157 -8.49 -8.80 -18.03
CA ASN H 157 -9.28 -7.80 -17.34
C ASN H 157 -9.42 -6.58 -18.23
N GLY H 158 -10.42 -6.58 -19.11
CA GLY H 158 -10.56 -5.56 -20.15
C GLY H 158 -9.28 -5.44 -20.98
N ASN H 159 -9.10 -4.30 -21.63
CA ASN H 159 -7.99 -4.16 -22.57
C ASN H 159 -7.46 -2.74 -22.53
N ASN H 160 -6.31 -2.51 -23.18
CA ASN H 160 -5.84 -1.13 -23.41
C ASN H 160 -5.51 -0.88 -24.90
N ASP H 161 -6.46 -1.25 -25.76
CA ASP H 161 -6.36 -1.04 -27.19
C ASP H 161 -5.93 0.37 -27.56
N GLU H 162 -6.38 1.35 -26.78
CA GLU H 162 -6.06 2.76 -27.01
C GLU H 162 -4.56 3.03 -26.96
N ALA H 163 -3.86 2.42 -26.02
CA ALA H 163 -2.46 2.72 -25.83
C ALA H 163 -1.56 1.91 -26.74
N ILE H 164 -2.10 0.84 -27.33
CA ILE H 164 -1.29 0.01 -28.24
C ILE H 164 -1.53 0.42 -29.69
N SER H 165 -2.52 1.27 -29.92
CA SER H 165 -2.93 1.70 -31.27
C SER H 165 -2.42 3.06 -31.71
N ARG H 166 -1.49 3.66 -30.97
CA ARG H 166 -1.15 5.05 -31.25
C ARG H 166 -0.60 5.14 -32.68
N GLN H 167 -1.05 6.16 -33.44
CA GLN H 167 -0.49 6.51 -34.77
C GLN H 167 1.05 6.69 -34.78
N ARG H 168 1.72 6.13 -35.78
CA ARG H 168 3.15 6.42 -36.04
C ARG H 168 3.25 7.88 -36.45
N VAL H 169 4.34 8.52 -36.07
CA VAL H 169 4.55 9.94 -36.28
C VAL H 169 5.89 10.06 -37.03
N THR H 170 5.83 10.68 -38.23
CA THR H 170 6.97 10.65 -39.14
C THR H 170 6.96 11.82 -40.06
N ALA H 171 7.95 12.72 -39.90
CA ALA H 171 8.06 13.89 -40.77
C ALA H 171 8.51 13.50 -42.18
N ARG H 172 7.92 14.15 -43.16
CA ARG H 172 8.38 13.97 -44.53
C ARG H 172 9.49 14.94 -44.85
N ARG H 173 9.48 16.12 -44.23
CA ARG H 173 10.55 17.08 -44.46
C ARG H 173 11.03 17.60 -43.12
N MET H 174 10.15 18.24 -42.34
CA MET H 174 10.47 18.66 -40.96
C MET H 174 9.20 18.96 -40.11
N VAL H 175 9.24 18.65 -38.82
CA VAL H 175 8.13 19.00 -37.93
C VAL H 175 7.65 20.43 -38.19
N GLY H 176 6.33 20.63 -38.27
CA GLY H 176 5.80 21.99 -38.30
C GLY H 176 5.68 22.72 -39.64
N LEU H 177 6.20 22.16 -40.74
CA LEU H 177 6.00 22.75 -42.08
C LEU H 177 4.55 22.54 -42.51
N PRO H 178 4.08 23.31 -43.51
CA PRO H 178 2.69 23.10 -43.93
C PRO H 178 2.51 21.66 -44.43
N GLY H 179 1.43 21.03 -43.99
CA GLY H 179 1.17 19.64 -44.34
C GLY H 179 2.02 18.64 -43.59
N ASP H 180 3.15 19.05 -43.02
CA ASP H 180 4.01 18.06 -42.35
C ASP H 180 3.48 17.69 -40.95
N THR H 181 4.18 16.81 -40.26
CA THR H 181 3.74 16.42 -38.90
C THR H 181 3.82 17.60 -37.92
N PRO H 182 2.73 17.89 -37.20
CA PRO H 182 2.65 19.11 -36.39
C PRO H 182 3.51 19.12 -35.10
N VAL H 183 3.67 20.31 -34.52
CA VAL H 183 4.28 20.58 -33.22
C VAL H 183 3.34 20.06 -32.09
N ARG H 184 3.88 19.46 -31.01
CA ARG H 184 3.01 18.83 -29.99
C ARG H 184 2.62 19.91 -28.99
N THR H 185 1.34 20.00 -28.65
CA THR H 185 0.79 20.96 -27.66
C THR H 185 -0.12 20.24 -26.66
N ASP H 186 -0.48 20.91 -25.56
CA ASP H 186 -1.49 20.34 -24.65
C ASP H 186 -2.80 20.08 -25.36
N ALA H 187 -3.21 21.06 -26.16
CA ALA H 187 -4.40 20.98 -27.01
C ALA H 187 -4.45 19.77 -27.99
N ASN H 188 -3.35 19.42 -28.67
CA ASN H 188 -3.38 18.18 -29.46
C ASN H 188 -3.03 16.88 -28.68
N GLY H 189 -3.03 16.93 -27.35
CA GLY H 189 -2.95 15.70 -26.53
C GLY H 189 -1.57 15.25 -26.08
N PHE H 190 -0.58 16.16 -26.13
CA PHE H 190 0.79 15.86 -25.67
C PHE H 190 1.31 16.92 -24.70
N PRO H 191 0.90 16.85 -23.40
CA PRO H 191 1.45 17.66 -22.29
C PRO H 191 2.94 17.34 -22.01
N VAL H 192 3.61 18.14 -21.19
CA VAL H 192 5.03 17.88 -20.84
C VAL H 192 5.07 16.76 -19.81
N ASN H 193 5.99 15.81 -20.00
CA ASN H 193 6.12 14.66 -19.09
C ASN H 193 6.69 15.13 -17.75
N ARG H 194 6.26 14.49 -16.64
CA ARG H 194 6.66 14.90 -15.26
C ARG H 194 8.15 15.07 -15.13
N GLN H 195 8.91 14.23 -15.82
CA GLN H 195 10.35 14.20 -15.65
C GLN H 195 11.03 15.13 -16.66
N PHE H 196 10.22 15.89 -17.39
CA PHE H 196 10.75 16.98 -18.23
C PHE H 196 10.10 18.27 -17.81
N ALA H 197 9.44 18.23 -16.66
CA ALA H 197 8.74 19.36 -16.05
C ALA H 197 9.39 20.76 -16.19
N ASP H 198 10.72 20.84 -16.11
CA ASP H 198 11.47 22.09 -16.10
C ASP H 198 12.00 22.52 -17.49
N VAL H 199 11.72 21.75 -18.54
CA VAL H 199 12.28 22.03 -19.90
C VAL H 199 11.62 23.27 -20.56
N PRO H 200 12.44 24.26 -20.96
CA PRO H 200 11.88 25.45 -21.65
C PRO H 200 11.04 25.08 -22.86
N GLN H 201 9.84 25.65 -22.90
CA GLN H 201 8.82 25.32 -23.92
C GLN H 201 8.70 26.30 -25.10
N GLU H 202 9.18 27.53 -24.94
CA GLU H 202 8.94 28.64 -25.89
C GLU H 202 9.35 28.28 -27.30
N GLN H 203 8.63 28.75 -28.32
CA GLN H 203 9.09 28.52 -29.71
C GLN H 203 10.20 29.52 -30.09
N PRO H 204 11.03 29.16 -31.08
CA PRO H 204 11.91 30.21 -31.57
C PRO H 204 11.11 31.28 -32.30
N VAL H 205 11.75 32.43 -32.48
CA VAL H 205 11.18 33.56 -33.15
C VAL H 205 11.38 33.39 -34.67
N VAL H 206 10.28 33.45 -35.39
CA VAL H 206 10.33 33.22 -36.84
C VAL H 206 9.71 34.44 -37.56
N GLU H 207 10.49 35.13 -38.38
CA GLU H 207 9.97 36.28 -39.10
C GLU H 207 10.12 36.12 -40.61
N ALA H 208 9.03 35.70 -41.25
CA ALA H 208 8.99 35.51 -42.69
C ALA H 208 8.71 36.82 -43.47
N GLU H 209 9.44 37.05 -44.57
CA GLU H 209 9.06 38.16 -45.46
C GLU H 209 7.88 37.66 -46.28
N PRO H 210 6.99 38.59 -46.70
CA PRO H 210 5.74 38.09 -47.30
C PRO H 210 6.03 37.17 -48.50
N GLY H 211 5.28 36.07 -48.59
CA GLY H 211 5.38 35.15 -49.70
C GLY H 211 6.39 34.04 -49.47
N PHE H 212 7.06 34.04 -48.32
CA PHE H 212 8.00 32.97 -47.96
C PHE H 212 7.63 32.27 -46.67
N GLU H 213 6.44 32.54 -46.12
CA GLU H 213 6.02 31.88 -44.86
C GLU H 213 6.21 30.36 -44.85
N ALA H 214 6.22 29.75 -46.03
CA ALA H 214 6.30 28.30 -46.17
C ALA H 214 7.67 27.75 -45.83
N GLU H 215 8.73 28.48 -46.19
CA GLU H 215 10.07 27.91 -46.10
C GLU H 215 10.94 28.54 -45.02
N VAL H 216 10.32 29.45 -44.28
CA VAL H 216 10.97 29.98 -43.12
C VAL H 216 10.32 29.36 -41.90
N SER H 217 10.92 28.27 -41.42
CA SER H 217 10.34 27.39 -40.42
C SER H 217 11.36 26.90 -39.40
N ALA H 218 10.95 26.94 -38.13
CA ALA H 218 11.79 26.57 -36.99
C ALA H 218 10.93 26.15 -35.78
N TYR H 219 11.44 25.24 -34.98
CA TYR H 219 10.63 24.72 -33.89
C TYR H 219 11.50 24.33 -32.69
N ASN H 220 10.89 24.27 -31.51
CA ASN H 220 11.58 23.83 -30.29
C ASN H 220 11.59 22.31 -30.15
N LEU H 221 12.67 21.67 -30.63
CA LEU H 221 12.82 20.20 -30.65
C LEU H 221 12.91 19.52 -29.26
N PHE H 222 13.57 20.15 -28.30
CA PHE H 222 13.57 19.63 -26.94
C PHE H 222 12.17 19.70 -26.38
N GLY H 223 11.49 20.83 -26.62
CA GLY H 223 10.11 21.03 -26.15
C GLY H 223 9.24 19.88 -26.60
N TYR H 224 9.29 19.63 -27.90
CA TYR H 224 8.64 18.51 -28.57
C TYR H 224 8.96 17.09 -28.00
N LEU H 225 10.25 16.80 -27.81
CA LEU H 225 10.70 15.60 -27.13
C LEU H 225 10.19 15.48 -25.70
N SER H 226 10.09 16.63 -25.01
CA SER H 226 9.63 16.64 -23.62
C SER H 226 8.13 16.30 -23.55
N ARG H 227 7.47 16.37 -24.70
CA ARG H 227 6.07 16.01 -24.80
C ARG H 227 5.79 14.64 -25.45
N SER H 228 6.83 13.87 -25.79
CA SER H 228 6.62 12.49 -26.26
C SER H 228 5.93 11.65 -25.18
N ASP H 229 4.82 11.03 -25.53
CA ASP H 229 4.05 10.23 -24.58
C ASP H 229 4.45 8.76 -24.51
N VAL H 230 5.62 8.43 -25.06
CA VAL H 230 6.06 7.03 -25.10
C VAL H 230 7.57 7.03 -24.87
N THR H 231 8.08 5.85 -24.53
CA THR H 231 9.49 5.65 -24.30
C THR H 231 10.09 4.75 -25.38
N TRP H 232 11.35 5.01 -25.72
CA TRP H 232 12.07 4.24 -26.73
C TRP H 232 11.26 4.09 -28.03
N ASN H 233 10.92 5.20 -28.67
CA ASN H 233 10.26 5.11 -29.99
C ASN H 233 10.81 6.11 -30.96
N PRO H 234 12.00 5.83 -31.54
CA PRO H 234 12.67 6.73 -32.50
C PRO H 234 11.69 7.23 -33.56
N SER H 235 11.56 8.56 -33.66
CA SER H 235 10.52 9.15 -34.47
C SER H 235 11.07 10.28 -35.34
N VAL H 236 10.92 10.16 -36.65
CA VAL H 236 11.54 11.10 -37.60
C VAL H 236 11.08 12.56 -37.44
N CYS H 237 12.04 13.48 -37.33
CA CYS H 237 11.69 14.91 -37.19
C CYS H 237 12.20 15.79 -38.32
N SER H 238 13.26 15.34 -38.99
CA SER H 238 13.86 16.02 -40.13
C SER H 238 14.48 15.00 -41.08
N VAL H 239 14.43 15.30 -42.38
CA VAL H 239 14.84 14.35 -43.43
C VAL H 239 15.75 15.01 -44.49
N VAL H 240 16.97 14.52 -44.69
CA VAL H 240 17.76 14.90 -45.86
C VAL H 240 18.07 13.66 -46.71
N GLY H 241 17.34 13.47 -47.81
CA GLY H 241 17.42 12.22 -48.57
C GLY H 241 17.26 11.01 -47.66
N ASP H 242 18.32 10.21 -47.49
CA ASP H 242 18.22 9.05 -46.62
C ASP H 242 18.65 9.31 -45.16
N SER H 243 19.23 10.47 -44.89
CA SER H 243 19.59 10.85 -43.52
C SER H 243 18.31 11.16 -42.71
N LEU H 244 18.10 10.40 -41.63
CA LEU H 244 16.93 10.57 -40.79
C LEU H 244 17.38 10.78 -39.37
N PHE H 245 17.05 11.96 -38.84
CA PHE H 245 17.10 12.23 -37.42
C PHE H 245 15.82 11.71 -36.82
N CYS H 246 15.96 10.70 -35.94
CA CYS H 246 14.85 10.06 -35.25
C CYS H 246 15.03 10.15 -33.73
N PRO H 247 14.73 11.32 -33.16
CA PRO H 247 14.87 11.48 -31.72
C PRO H 247 13.68 10.92 -30.94
N THR H 248 13.86 10.76 -29.64
CA THR H 248 12.84 10.14 -28.80
C THR H 248 13.18 10.33 -27.30
N SER H 249 12.32 9.87 -26.41
CA SER H 249 12.55 10.00 -24.99
C SER H 249 12.71 8.62 -24.36
N GLU H 250 13.75 8.46 -23.54
CA GLU H 250 14.18 7.18 -23.00
C GLU H 250 14.05 7.13 -21.48
N GLU H 251 13.45 6.05 -20.98
CA GLU H 251 13.34 5.80 -19.56
C GLU H 251 13.33 4.31 -19.28
N PHE H 252 14.04 3.93 -18.21
CA PHE H 252 14.16 2.54 -17.74
C PHE H 252 15.11 1.75 -18.69
N ILE H 253 14.62 0.67 -19.29
CA ILE H 253 15.46 -0.18 -20.11
C ILE H 253 14.89 -0.36 -21.49
N LEU H 254 15.63 -0.02 -22.55
CA LEU H 254 15.22 -0.41 -23.91
C LEU H 254 14.63 -1.84 -23.90
N PRO H 255 13.34 -2.02 -24.24
CA PRO H 255 12.72 -3.36 -24.09
C PRO H 255 13.25 -4.51 -24.97
N VAL H 256 14.17 -4.24 -25.89
CA VAL H 256 14.80 -5.28 -26.71
C VAL H 256 16.31 -5.07 -26.76
N GLU H 257 17.01 -5.97 -27.44
CA GLU H 257 18.44 -5.82 -27.72
C GLU H 257 18.52 -5.66 -29.22
N HIS H 258 18.85 -4.45 -29.66
CA HIS H 258 18.75 -4.13 -31.10
C HIS H 258 20.07 -4.33 -31.85
N GLY H 259 20.07 -5.27 -32.80
CA GLY H 259 21.25 -5.54 -33.63
C GLY H 259 20.95 -5.07 -35.03
N ASN H 260 21.42 -3.87 -35.37
CA ASN H 260 21.11 -3.24 -36.65
C ASN H 260 21.88 -3.94 -37.79
N ASP H 261 21.36 -3.85 -39.01
CA ASP H 261 22.11 -4.29 -40.19
C ASP H 261 22.90 -3.12 -40.83
N ARG H 262 23.11 -2.04 -40.07
CA ARG H 262 23.88 -0.83 -40.49
C ARG H 262 24.35 -0.06 -39.26
N CYS H 263 25.34 0.81 -39.42
CA CYS H 263 25.70 1.71 -38.32
C CYS H 263 24.48 2.52 -37.93
N GLU H 264 24.21 2.61 -36.62
CA GLU H 264 23.25 3.59 -36.11
C GLU H 264 23.94 4.49 -35.08
N TRP H 265 23.72 5.80 -35.18
CA TRP H 265 24.43 6.75 -34.30
C TRP H 265 23.51 7.20 -33.20
N PHE H 266 24.11 7.45 -32.04
CA PHE H 266 23.37 7.89 -30.87
C PHE H 266 23.93 9.22 -30.43
N LEU H 267 23.08 10.24 -30.33
CA LEU H 267 23.51 11.52 -29.78
C LEU H 267 22.69 11.89 -28.55
N GLN H 268 23.35 11.90 -27.39
CA GLN H 268 22.66 12.09 -26.11
C GLN H 268 22.30 13.57 -25.95
N LEU H 269 21.02 13.87 -25.96
CA LEU H 269 20.62 15.26 -25.92
C LEU H 269 20.55 15.85 -24.51
N SER H 270 20.07 15.05 -23.55
CA SER H 270 19.98 15.47 -22.16
C SER H 270 20.32 14.29 -21.26
N ASP H 271 20.65 14.56 -20.01
CA ASP H 271 20.86 13.52 -18.98
C ASP H 271 21.84 12.39 -19.40
N GLU H 272 21.56 11.14 -19.03
CA GLU H 272 22.46 10.05 -19.39
C GLU H 272 21.85 8.68 -19.66
N ILE H 273 22.57 7.89 -20.49
CA ILE H 273 22.20 6.53 -20.85
C ILE H 273 23.47 5.67 -20.81
N VAL H 274 23.38 4.48 -20.22
CA VAL H 274 24.41 3.44 -20.37
C VAL H 274 23.93 2.37 -21.33
N TRP H 275 24.75 2.04 -22.32
CA TRP H 275 24.42 1.07 -23.34
C TRP H 275 25.14 -0.27 -23.10
N ASP H 276 24.36 -1.34 -22.95
CA ASP H 276 24.83 -2.72 -22.92
C ASP H 276 25.07 -3.33 -24.31
N VAL H 277 26.35 -3.43 -24.68
CA VAL H 277 26.78 -3.94 -25.99
C VAL H 277 27.34 -5.37 -25.99
N LYS H 278 26.60 -6.25 -26.63
CA LYS H 278 26.98 -7.61 -26.83
C LYS H 278 27.18 -7.85 -28.32
N ASP H 279 27.92 -8.91 -28.65
CA ASP H 279 28.12 -9.38 -30.02
C ASP H 279 26.79 -9.74 -30.68
N LYS H 280 26.57 -9.31 -31.91
CA LYS H 280 25.29 -9.54 -32.56
C LYS H 280 24.99 -11.01 -32.84
N GLU H 281 26.02 -11.79 -33.14
CA GLU H 281 25.85 -13.17 -33.62
C GLU H 281 25.86 -14.16 -32.44
N SER H 282 26.70 -13.90 -31.47
CA SER H 282 26.88 -14.86 -30.39
C SER H 282 26.14 -14.48 -29.09
N GLY H 283 25.90 -13.18 -28.87
CA GLY H 283 25.32 -12.72 -27.60
C GLY H 283 26.33 -12.29 -26.54
N LYS H 284 27.61 -12.61 -26.77
CA LYS H 284 28.66 -12.36 -25.80
C LYS H 284 28.87 -10.87 -25.54
N PRO H 285 28.88 -10.48 -24.27
CA PRO H 285 29.15 -9.09 -23.92
C PRO H 285 30.46 -8.61 -24.48
N ARG H 286 30.43 -7.41 -25.04
CA ARG H 286 31.59 -6.76 -25.63
C ARG H 286 31.95 -5.41 -25.05
N ALA H 287 30.98 -4.64 -24.60
CA ALA H 287 31.29 -3.33 -23.96
C ALA H 287 30.10 -2.68 -23.30
N ARG H 288 30.40 -1.59 -22.59
CA ARG H 288 29.37 -0.79 -21.95
C ARG H 288 29.69 0.68 -22.19
N VAL H 289 28.81 1.38 -22.90
CA VAL H 289 29.06 2.78 -23.28
C VAL H 289 28.20 3.75 -22.49
N THR H 290 28.84 4.62 -21.71
CA THR H 290 28.14 5.66 -20.97
C THR H 290 28.15 7.02 -21.70
N ALA H 291 26.95 7.59 -21.89
CA ALA H 291 26.79 8.86 -22.65
C ALA H 291 26.11 9.93 -21.84
N ARG H 292 26.75 11.09 -21.71
CA ARG H 292 26.10 12.24 -21.09
C ARG H 292 25.75 13.29 -22.14
N ALA H 293 24.99 14.32 -21.74
CA ALA H 293 24.59 15.36 -22.72
C ALA H 293 25.75 15.78 -23.62
N GLY H 294 25.59 15.62 -24.93
CA GLY H 294 26.62 16.04 -25.89
C GLY H 294 27.40 14.89 -26.51
N ASP H 295 27.44 13.76 -25.80
CA ASP H 295 28.13 12.57 -26.25
C ASP H 295 27.48 11.98 -27.48
N ILE H 296 28.29 11.70 -28.50
CA ILE H 296 27.80 11.06 -29.71
C ILE H 296 28.65 9.83 -29.97
N CYS H 297 28.04 8.74 -30.40
CA CYS H 297 28.79 7.55 -30.77
C CYS H 297 28.11 6.73 -31.85
N CYS H 298 28.84 5.79 -32.42
CA CYS H 298 28.35 4.92 -33.47
C CYS H 298 28.10 3.53 -32.89
N MET H 299 27.05 2.85 -33.32
CA MET H 299 26.88 1.43 -32.99
C MET H 299 27.13 0.62 -34.25
N PRO H 300 28.24 -0.11 -34.28
CA PRO H 300 28.58 -0.95 -35.44
C PRO H 300 27.51 -2.02 -35.76
N ALA H 301 27.41 -2.34 -37.04
CA ALA H 301 26.52 -3.36 -37.55
C ALA H 301 26.77 -4.72 -36.97
N ASP H 302 27.93 -4.92 -36.36
CA ASP H 302 28.27 -6.26 -35.88
C ASP H 302 27.96 -6.48 -34.40
N ILE H 303 27.38 -5.47 -33.74
CA ILE H 303 26.91 -5.62 -32.35
C ILE H 303 25.37 -5.46 -32.16
N ARG H 304 24.89 -5.87 -30.98
CA ARG H 304 23.52 -5.61 -30.48
C ARG H 304 23.62 -4.76 -29.21
N HIS H 305 22.65 -3.88 -29.00
CA HIS H 305 22.74 -2.87 -27.94
C HIS H 305 21.45 -2.76 -27.14
N GLN H 306 21.55 -2.37 -25.88
CA GLN H 306 20.38 -2.20 -25.06
C GLN H 306 20.67 -1.17 -23.96
N GLY H 307 19.80 -0.16 -23.85
CA GLY H 307 20.08 1.03 -23.03
C GLY H 307 19.37 1.13 -21.69
N TYR H 308 19.96 1.91 -20.78
CA TYR H 308 19.52 2.01 -19.39
C TYR H 308 19.55 3.48 -18.99
N SER H 309 18.35 4.05 -18.83
CA SER H 309 18.17 5.44 -18.51
C SER H 309 17.43 5.63 -17.19
N THR H 310 18.09 6.10 -16.12
CA THR H 310 17.40 6.23 -14.83
C THR H 310 16.27 7.25 -14.93
N LYS H 311 16.65 8.50 -15.19
CA LYS H 311 15.72 9.59 -15.44
C LYS H 311 15.47 9.62 -16.95
N ARG H 312 14.26 10.04 -17.29
CA ARG H 312 13.81 10.14 -18.67
C ARG H 312 14.70 11.19 -19.34
N SER H 313 15.33 10.78 -20.44
CA SER H 313 16.33 11.57 -21.08
C SER H 313 16.04 11.72 -22.60
N MET H 314 16.50 12.80 -23.23
CA MET H 314 16.31 12.96 -24.67
C MET H 314 17.47 12.33 -25.48
N LEU H 315 17.12 11.44 -26.42
CA LEU H 315 18.07 10.82 -27.31
C LEU H 315 17.77 11.20 -28.75
N LEU H 316 18.84 11.37 -29.53
CA LEU H 316 18.74 11.45 -30.97
C LEU H 316 19.38 10.19 -31.51
N VAL H 317 18.55 9.43 -32.22
CA VAL H 317 18.99 8.24 -32.93
C VAL H 317 19.12 8.71 -34.38
N TRP H 318 20.32 8.59 -34.93
CA TRP H 318 20.54 9.04 -36.29
C TRP H 318 20.73 7.83 -37.18
N GLU H 319 19.78 7.68 -38.13
CA GLU H 319 19.72 6.52 -39.05
C GLU H 319 19.96 6.95 -40.52
N ASN H 320 20.60 6.06 -41.27
CA ASN H 320 20.64 6.10 -42.74
C ASN H 320 19.66 5.02 -43.21
N GLY H 321 18.56 5.42 -43.84
CA GLY H 321 17.50 4.46 -44.20
C GLY H 321 17.64 3.79 -45.56
N SER H 322 18.77 4.03 -46.23
CA SER H 322 18.99 3.52 -47.59
C SER H 322 18.93 2.02 -47.59
N PRO H 323 18.14 1.42 -48.49
CA PRO H 323 17.96 -0.03 -48.60
C PRO H 323 19.16 -0.73 -49.22
N LYS H 324 20.07 0.01 -49.85
CA LYS H 324 21.31 -0.57 -50.38
C LYS H 324 22.25 -1.18 -49.31
N ILE H 325 22.35 -0.53 -48.15
CA ILE H 325 23.38 -0.82 -47.11
C ILE H 325 23.62 -2.29 -46.64
N PRO H 326 22.53 -3.06 -46.36
CA PRO H 326 22.69 -4.45 -45.89
C PRO H 326 23.41 -5.37 -46.86
N GLN H 327 22.90 -5.44 -48.11
CA GLN H 327 23.54 -6.25 -49.17
C GLN H 327 24.99 -5.84 -49.42
N MET H 328 25.39 -4.71 -48.85
CA MET H 328 26.78 -4.27 -48.86
C MET H 328 27.57 -4.77 -47.64
N ILE H 329 27.04 -4.61 -46.42
CA ILE H 329 27.80 -4.98 -45.21
C ILE H 329 27.90 -6.50 -45.08
N ASP H 331 27.65 -8.71 -48.08
CA ASP H 331 28.57 -9.00 -49.18
C ASP H 331 29.94 -8.31 -49.02
N GLY H 332 30.33 -8.04 -47.77
CA GLY H 332 31.67 -7.49 -47.43
C GLY H 332 32.13 -6.27 -48.22
N THR H 333 31.17 -5.56 -48.82
CA THR H 333 31.41 -4.33 -49.58
C THR H 333 31.63 -3.10 -48.67
N ALA H 334 30.64 -2.76 -47.85
CA ALA H 334 30.80 -1.71 -46.84
C ALA H 334 31.27 -2.27 -45.48
N PRO H 335 32.09 -1.50 -44.73
CA PRO H 335 32.63 -1.97 -43.45
C PRO H 335 31.61 -1.91 -42.29
N VAL H 336 31.86 -2.66 -41.21
CA VAL H 336 30.96 -2.67 -40.05
C VAL H 336 30.96 -1.37 -39.23
N VAL H 337 32.04 -0.58 -39.35
CA VAL H 337 32.07 0.81 -38.84
C VAL H 337 32.39 1.78 -40.01
N PRO H 338 31.51 2.79 -40.24
CA PRO H 338 31.50 3.57 -41.48
C PRO H 338 32.50 4.73 -41.48
N VAL H 339 33.39 4.75 -40.50
CA VAL H 339 34.51 5.68 -40.41
C VAL H 339 35.65 4.94 -39.73
N THR H 340 36.55 4.36 -40.54
CA THR H 340 37.76 3.66 -40.03
C THR H 340 39.03 4.48 -40.26
#